data_7O7B
#
_entry.id   7O7B
#
_entity_poly.entity_id   1
_entity_poly.type   'polypeptide(L)'
_entity_poly.pdbx_seq_one_letter_code
;GAKHSSRLEAHLTRDELRAKALHIPFPVEKIINLPVVDFNEMMSKEQFNEAQLALIRDIRRRGKNKVAAQNCRKRKLENI
V
;
_entity_poly.pdbx_strand_id   A
#
# COMPACT_ATOMS: atom_id res chain seq x y z
N GLY A 1 13.99 -22.68 2.95
CA GLY A 1 13.75 -21.81 4.12
C GLY A 1 12.46 -22.19 4.82
N ALA A 2 12.10 -21.42 5.85
CA ALA A 2 10.87 -21.65 6.56
C ALA A 2 9.78 -20.70 6.07
N LYS A 3 8.60 -21.24 5.82
CA LYS A 3 7.48 -20.44 5.35
C LYS A 3 6.66 -19.92 6.51
N HIS A 4 6.76 -20.57 7.66
CA HIS A 4 5.99 -20.14 8.83
C HIS A 4 6.78 -19.14 9.67
N SER A 5 7.95 -18.74 9.17
CA SER A 5 8.77 -17.76 9.85
C SER A 5 8.51 -16.37 9.28
N SER A 6 7.49 -16.28 8.45
CA SER A 6 7.13 -15.02 7.81
C SER A 6 6.17 -14.24 8.71
N ARG A 7 6.56 -14.06 9.95
CA ARG A 7 5.75 -13.31 10.90
C ARG A 7 6.16 -11.85 10.92
N LEU A 8 7.43 -11.60 11.19
CA LEU A 8 7.94 -10.24 11.26
C LEU A 8 8.82 -9.95 10.04
N GLU A 9 8.92 -8.68 9.70
CA GLU A 9 9.73 -8.20 8.58
C GLU A 9 9.18 -8.72 7.24
N ALA A 10 9.68 -9.87 6.79
CA ALA A 10 9.23 -10.43 5.52
C ALA A 10 8.03 -11.33 5.74
N HIS A 11 6.89 -10.71 6.06
CA HIS A 11 5.68 -11.45 6.36
C HIS A 11 5.11 -12.08 5.09
N LEU A 12 5.29 -11.42 3.95
CA LEU A 12 4.75 -11.92 2.70
C LEU A 12 5.77 -11.82 1.58
N THR A 13 5.88 -10.64 0.99
CA THR A 13 6.76 -10.43 -0.15
C THR A 13 7.77 -9.31 0.14
N ARG A 14 8.65 -9.02 -0.80
CA ARG A 14 9.67 -7.99 -0.61
C ARG A 14 9.04 -6.64 -0.28
N ASP A 15 7.93 -6.32 -0.93
CA ASP A 15 7.21 -5.08 -0.66
C ASP A 15 6.68 -5.08 0.77
N GLU A 16 6.30 -6.27 1.25
CA GLU A 16 5.77 -6.42 2.58
C GLU A 16 6.89 -6.23 3.60
N LEU A 17 8.06 -6.73 3.21
CA LEU A 17 9.26 -6.68 4.02
C LEU A 17 9.58 -5.25 4.45
N ARG A 18 9.69 -4.36 3.47
CA ARG A 18 10.02 -2.97 3.74
C ARG A 18 8.87 -2.27 4.47
N ALA A 19 7.64 -2.67 4.17
CA ALA A 19 6.47 -2.10 4.82
C ALA A 19 6.45 -2.42 6.30
N LYS A 20 6.76 -3.66 6.65
CA LYS A 20 6.80 -4.08 8.04
C LYS A 20 7.93 -3.41 8.78
N ALA A 21 9.04 -3.19 8.09
CA ALA A 21 10.15 -2.43 8.64
C ALA A 21 9.76 -0.95 8.78
N LEU A 22 8.71 -0.56 8.06
CA LEU A 22 8.23 0.80 8.08
C LEU A 22 6.98 0.93 8.94
N HIS A 23 6.82 0.01 9.88
CA HIS A 23 5.75 0.07 10.88
C HIS A 23 4.35 -0.05 10.23
N ILE A 24 4.29 -0.62 9.04
CA ILE A 24 3.00 -0.81 8.35
C ILE A 24 2.34 -2.09 8.83
N PRO A 25 1.21 -1.98 9.56
CA PRO A 25 0.49 -3.13 10.09
C PRO A 25 -0.24 -3.92 9.01
N PHE A 26 -1.07 -3.23 8.24
CA PHE A 26 -1.85 -3.87 7.19
C PHE A 26 -0.95 -4.35 6.07
N PRO A 27 -1.17 -5.58 5.58
CA PRO A 27 -0.38 -6.19 4.51
C PRO A 27 -0.50 -5.44 3.19
N VAL A 28 0.59 -5.42 2.43
CA VAL A 28 0.62 -4.82 1.10
C VAL A 28 -0.51 -5.36 0.22
N GLU A 29 -0.87 -6.62 0.44
CA GLU A 29 -1.98 -7.26 -0.25
C GLU A 29 -3.25 -6.43 -0.09
N LYS A 30 -3.50 -5.98 1.13
CA LYS A 30 -4.64 -5.12 1.41
C LYS A 30 -4.45 -3.72 0.83
N ILE A 31 -3.24 -3.19 0.97
CA ILE A 31 -3.00 -1.78 0.63
C ILE A 31 -3.27 -1.49 -0.85
N ILE A 32 -2.84 -2.39 -1.71
CA ILE A 32 -3.14 -2.28 -3.13
C ILE A 32 -4.64 -2.25 -3.37
N ASN A 33 -5.39 -2.92 -2.50
CA ASN A 33 -6.81 -3.17 -2.74
C ASN A 33 -7.71 -2.24 -1.96
N LEU A 34 -7.17 -1.62 -0.90
CA LEU A 34 -7.94 -0.68 -0.08
C LEU A 34 -8.58 0.41 -0.94
N PRO A 35 -9.91 0.51 -0.87
CA PRO A 35 -10.66 1.61 -1.47
C PRO A 35 -10.41 2.91 -0.73
N VAL A 36 -10.74 4.05 -1.36
CA VAL A 36 -10.49 5.35 -0.75
C VAL A 36 -10.99 5.40 0.69
N VAL A 37 -12.15 4.82 0.94
CA VAL A 37 -12.76 4.86 2.27
C VAL A 37 -11.86 4.18 3.31
N ASP A 38 -11.28 3.04 2.95
CA ASP A 38 -10.36 2.34 3.84
C ASP A 38 -9.08 3.12 3.96
N PHE A 39 -8.72 3.77 2.86
CA PHE A 39 -7.53 4.59 2.84
C PHE A 39 -7.73 5.82 3.72
N ASN A 40 -8.98 6.30 3.76
CA ASN A 40 -9.33 7.45 4.58
C ASN A 40 -9.27 7.05 6.04
N GLU A 41 -9.81 5.87 6.34
CA GLU A 41 -9.79 5.31 7.68
C GLU A 41 -8.35 5.21 8.19
N MET A 42 -7.46 4.79 7.30
CA MET A 42 -6.06 4.60 7.63
C MET A 42 -5.44 5.89 8.17
N MET A 43 -5.60 6.97 7.40
CA MET A 43 -5.03 8.26 7.76
C MET A 43 -5.79 8.85 8.94
N SER A 44 -7.09 8.59 8.97
CA SER A 44 -7.98 9.18 9.97
C SER A 44 -7.75 8.58 11.34
N LYS A 45 -7.85 7.26 11.42
CA LYS A 45 -7.80 6.55 12.69
C LYS A 45 -6.36 6.35 13.15
N GLU A 46 -5.53 5.81 12.26
CA GLU A 46 -4.15 5.50 12.60
C GLU A 46 -3.25 6.69 12.28
N GLN A 47 -2.00 6.62 12.71
CA GLN A 47 -1.05 7.68 12.47
C GLN A 47 0.35 7.11 12.43
N PHE A 48 1.10 7.48 11.42
CA PHE A 48 2.43 6.93 11.21
C PHE A 48 3.42 8.05 10.92
N ASN A 49 4.68 7.71 10.67
CA ASN A 49 5.65 8.71 10.25
C ASN A 49 5.48 9.00 8.76
N GLU A 50 6.16 10.00 8.26
CA GLU A 50 6.01 10.40 6.86
C GLU A 50 6.46 9.26 5.94
N ALA A 51 7.56 8.62 6.31
CA ALA A 51 8.10 7.50 5.57
C ALA A 51 7.04 6.41 5.40
N GLN A 52 6.36 6.10 6.49
CA GLN A 52 5.41 5.00 6.52
C GLN A 52 4.17 5.35 5.69
N LEU A 53 3.78 6.62 5.72
CA LEU A 53 2.59 7.07 5.02
C LEU A 53 2.86 7.04 3.52
N ALA A 54 4.11 7.30 3.18
CA ALA A 54 4.52 7.36 1.81
C ALA A 54 4.41 6.00 1.14
N LEU A 55 4.74 4.95 1.89
CA LEU A 55 4.66 3.60 1.37
C LEU A 55 3.20 3.21 1.18
N ILE A 56 2.37 3.52 2.18
CA ILE A 56 0.94 3.21 2.10
C ILE A 56 0.35 3.82 0.83
N ARG A 57 0.68 5.07 0.58
CA ARG A 57 0.24 5.75 -0.64
C ARG A 57 0.77 5.04 -1.88
N ASP A 58 2.00 4.56 -1.79
CA ASP A 58 2.69 3.95 -2.93
C ASP A 58 2.06 2.60 -3.30
N ILE A 59 1.86 1.74 -2.30
CA ILE A 59 1.27 0.42 -2.53
C ILE A 59 -0.15 0.60 -3.04
N ARG A 60 -0.86 1.51 -2.39
CA ARG A 60 -2.19 1.93 -2.83
C ARG A 60 -2.19 2.34 -4.31
N ARG A 61 -1.24 3.20 -4.67
CA ARG A 61 -1.18 3.77 -6.01
C ARG A 61 -0.84 2.70 -7.05
N ARG A 62 0.07 1.80 -6.73
CA ARG A 62 0.44 0.74 -7.66
C ARG A 62 -0.69 -0.26 -7.81
N GLY A 63 -1.41 -0.48 -6.71
CA GLY A 63 -2.58 -1.35 -6.74
C GLY A 63 -3.65 -0.80 -7.65
N LYS A 64 -3.81 0.51 -7.62
CA LYS A 64 -4.69 1.20 -8.56
C LYS A 64 -3.99 1.32 -9.90
N ASN A 65 -3.95 0.22 -10.64
CA ASN A 65 -3.25 0.16 -11.92
C ASN A 65 -3.96 1.02 -12.96
N LYS A 66 -3.66 2.31 -12.93
CA LYS A 66 -4.21 3.26 -13.88
C LYS A 66 -3.10 4.18 -14.37
N VAL A 67 -1.91 3.61 -14.50
CA VAL A 67 -0.73 4.37 -14.88
C VAL A 67 -0.70 4.60 -16.40
N ALA A 68 -1.65 3.99 -17.08
CA ALA A 68 -1.81 4.13 -18.54
C ALA A 68 -0.61 3.56 -19.28
N ALA A 69 -0.16 2.38 -18.84
CA ALA A 69 0.98 1.71 -19.46
C ALA A 69 0.57 0.99 -20.74
N GLN A 70 -0.43 1.54 -21.41
CA GLN A 70 -0.91 1.01 -22.66
C GLN A 70 -0.25 1.77 -23.81
N ASN A 71 -0.73 1.56 -25.03
CA ASN A 71 -0.24 2.30 -26.17
C ASN A 71 -0.52 3.78 -25.97
N CYS A 72 -1.80 4.10 -25.75
CA CYS A 72 -2.25 5.45 -25.41
C CYS A 72 -1.78 6.47 -26.46
N ARG A 73 -2.60 6.68 -27.48
CA ARG A 73 -2.29 7.70 -28.47
C ARG A 73 -2.56 9.08 -27.90
N LYS A 74 -1.51 9.73 -27.44
CA LYS A 74 -1.61 10.98 -26.73
C LYS A 74 -0.82 12.07 -27.43
N ARG A 75 -1.04 13.32 -27.04
CA ARG A 75 -0.32 14.45 -27.62
C ARG A 75 0.75 14.93 -26.65
N LYS A 76 1.46 13.99 -26.05
CA LYS A 76 2.52 14.32 -25.10
C LYS A 76 3.86 14.14 -25.79
N LEU A 77 4.25 15.14 -26.58
CA LEU A 77 5.46 15.08 -27.36
C LEU A 77 6.62 15.68 -26.56
N GLU A 78 7.16 14.88 -25.66
CA GLU A 78 8.34 15.28 -24.90
C GLU A 78 9.54 15.33 -25.82
N ASN A 79 9.92 14.16 -26.34
CA ASN A 79 10.99 14.06 -27.32
C ASN A 79 10.86 12.74 -28.08
N ILE A 80 9.78 12.63 -28.84
CA ILE A 80 9.52 11.41 -29.60
C ILE A 80 9.21 11.73 -31.06
N VAL A 81 9.50 10.79 -31.93
CA VAL A 81 9.20 10.94 -33.35
C VAL A 81 7.98 10.12 -33.70
N GLY A 1 18.76 2.05 18.65
CA GLY A 1 18.44 0.73 19.22
C GLY A 1 17.82 -0.20 18.20
N ALA A 2 18.59 -1.19 17.78
CA ALA A 2 18.14 -2.13 16.76
C ALA A 2 17.25 -3.22 17.38
N LYS A 3 16.14 -2.80 17.94
CA LYS A 3 15.19 -3.71 18.56
C LYS A 3 14.30 -4.34 17.50
N HIS A 4 13.60 -3.51 16.76
CA HIS A 4 12.72 -3.97 15.71
C HIS A 4 13.31 -3.68 14.34
N SER A 5 14.11 -4.62 13.85
CA SER A 5 14.74 -4.49 12.56
C SER A 5 14.23 -5.56 11.60
N SER A 6 14.10 -6.78 12.09
CA SER A 6 13.65 -7.89 11.27
C SER A 6 13.07 -9.03 12.12
N ARG A 7 12.00 -8.74 12.84
CA ARG A 7 11.34 -9.76 13.66
C ARG A 7 9.86 -9.85 13.33
N LEU A 8 9.15 -8.75 13.46
CA LEU A 8 7.74 -8.71 13.13
C LEU A 8 7.57 -8.03 11.78
N GLU A 9 8.59 -7.28 11.40
CA GLU A 9 8.60 -6.59 10.12
C GLU A 9 9.32 -7.42 9.07
N ALA A 10 9.49 -8.69 9.37
CA ALA A 10 10.10 -9.64 8.44
C ALA A 10 9.18 -10.82 8.23
N HIS A 11 8.00 -10.54 7.71
CA HIS A 11 6.95 -11.54 7.62
C HIS A 11 6.57 -11.83 6.16
N LEU A 12 6.43 -13.12 5.86
CA LEU A 12 5.90 -13.60 4.57
C LEU A 12 6.83 -13.30 3.41
N THR A 13 6.65 -12.15 2.77
CA THR A 13 7.39 -11.86 1.54
C THR A 13 8.18 -10.57 1.67
N ARG A 14 9.30 -10.53 0.93
CA ARG A 14 10.24 -9.41 0.95
C ARG A 14 9.55 -8.08 0.60
N ASP A 15 8.53 -8.15 -0.24
CA ASP A 15 7.81 -6.95 -0.65
C ASP A 15 6.99 -6.39 0.52
N GLU A 16 6.47 -7.31 1.34
CA GLU A 16 5.59 -6.93 2.45
C GLU A 16 6.45 -6.36 3.54
N LEU A 17 7.64 -6.94 3.60
CA LEU A 17 8.71 -6.56 4.49
C LEU A 17 8.95 -5.07 4.47
N ARG A 18 8.84 -4.47 3.29
CA ARG A 18 9.02 -3.04 3.14
C ARG A 18 8.01 -2.28 4.00
N ALA A 19 6.74 -2.59 3.79
CA ALA A 19 5.66 -1.89 4.48
C ALA A 19 5.70 -2.17 5.97
N LYS A 20 5.92 -3.43 6.31
CA LYS A 20 5.95 -3.84 7.71
C LYS A 20 7.10 -3.16 8.44
N ALA A 21 8.23 -2.99 7.76
CA ALA A 21 9.38 -2.30 8.35
C ALA A 21 9.07 -0.82 8.53
N LEU A 22 8.18 -0.31 7.70
CA LEU A 22 7.74 1.08 7.82
C LEU A 22 6.62 1.23 8.82
N HIS A 23 6.58 0.33 9.80
CA HIS A 23 5.61 0.40 10.90
C HIS A 23 4.19 0.25 10.41
N ILE A 24 4.03 -0.27 9.20
CA ILE A 24 2.70 -0.46 8.61
C ILE A 24 2.19 -1.87 8.92
N PRO A 25 1.16 -1.98 9.75
CA PRO A 25 0.58 -3.27 10.10
C PRO A 25 -0.33 -3.83 9.01
N PHE A 26 -0.48 -3.06 7.94
CA PHE A 26 -1.33 -3.44 6.82
C PHE A 26 -0.48 -4.07 5.71
N PRO A 27 -0.75 -5.34 5.39
CA PRO A 27 -0.05 -6.05 4.31
C PRO A 27 -0.21 -5.34 2.96
N VAL A 28 0.86 -5.40 2.16
CA VAL A 28 0.94 -4.68 0.90
C VAL A 28 -0.14 -5.12 -0.08
N GLU A 29 -0.48 -6.41 -0.06
CA GLU A 29 -1.49 -6.95 -0.96
C GLU A 29 -2.84 -6.30 -0.68
N LYS A 30 -3.10 -6.03 0.60
CA LYS A 30 -4.33 -5.35 1.00
C LYS A 30 -4.30 -3.89 0.60
N ILE A 31 -3.16 -3.23 0.78
CA ILE A 31 -3.04 -1.81 0.45
C ILE A 31 -3.31 -1.55 -1.02
N ILE A 32 -2.92 -2.50 -1.85
CA ILE A 32 -3.25 -2.49 -3.26
C ILE A 32 -4.77 -2.42 -3.45
N ASN A 33 -5.52 -3.01 -2.54
CA ASN A 33 -6.95 -3.19 -2.74
C ASN A 33 -7.79 -2.25 -1.85
N LEU A 34 -7.17 -1.73 -0.80
CA LEU A 34 -7.83 -0.84 0.15
C LEU A 34 -8.69 0.22 -0.54
N PRO A 35 -10.01 0.22 -0.26
CA PRO A 35 -10.94 1.24 -0.74
C PRO A 35 -10.67 2.60 -0.09
N VAL A 36 -11.13 3.67 -0.73
CA VAL A 36 -10.84 5.04 -0.29
C VAL A 36 -11.11 5.23 1.21
N VAL A 37 -12.31 4.92 1.65
CA VAL A 37 -12.74 5.23 3.01
C VAL A 37 -11.99 4.38 4.05
N ASP A 38 -11.72 3.14 3.69
CA ASP A 38 -10.92 2.27 4.53
C ASP A 38 -9.50 2.77 4.51
N PHE A 39 -9.11 3.34 3.39
CA PHE A 39 -7.79 3.93 3.24
C PHE A 39 -7.71 5.20 4.09
N ASN A 40 -8.83 5.90 4.16
CA ASN A 40 -8.90 7.11 4.97
C ASN A 40 -8.86 6.72 6.44
N GLU A 41 -9.47 5.58 6.74
CA GLU A 41 -9.56 5.06 8.11
C GLU A 41 -8.19 4.95 8.76
N MET A 42 -7.26 4.24 8.12
CA MET A 42 -5.93 4.02 8.70
C MET A 42 -5.21 5.34 8.89
N MET A 43 -5.39 6.24 7.94
CA MET A 43 -4.72 7.53 7.96
C MET A 43 -5.32 8.40 9.05
N SER A 44 -6.64 8.36 9.14
CA SER A 44 -7.38 9.18 10.09
C SER A 44 -7.22 8.67 11.52
N LYS A 45 -7.40 7.36 11.70
CA LYS A 45 -7.39 6.76 13.03
C LYS A 45 -5.98 6.73 13.62
N GLU A 46 -5.04 6.20 12.86
CA GLU A 46 -3.67 6.07 13.33
C GLU A 46 -2.82 7.24 12.85
N GLN A 47 -1.64 7.39 13.41
CA GLN A 47 -0.76 8.48 13.07
C GLN A 47 0.67 7.97 12.93
N PHE A 48 1.14 7.89 11.70
CA PHE A 48 2.47 7.37 11.42
C PHE A 48 3.43 8.51 11.10
N ASN A 49 4.67 8.16 10.77
CA ASN A 49 5.63 9.14 10.30
C ASN A 49 5.53 9.24 8.78
N GLU A 50 6.11 10.26 8.18
CA GLU A 50 6.00 10.47 6.75
C GLU A 50 6.59 9.28 5.99
N ALA A 51 7.71 8.79 6.48
CA ALA A 51 8.37 7.63 5.91
C ALA A 51 7.42 6.46 5.80
N GLN A 52 6.64 6.28 6.86
CA GLN A 52 5.74 5.15 6.97
C GLN A 52 4.57 5.32 6.00
N LEU A 53 4.07 6.54 5.91
CA LEU A 53 2.91 6.83 5.10
C LEU A 53 3.27 6.72 3.64
N ALA A 54 4.52 7.06 3.35
CA ALA A 54 5.01 7.07 2.00
C ALA A 54 4.91 5.69 1.39
N LEU A 55 5.10 4.67 2.22
CA LEU A 55 4.99 3.31 1.77
C LEU A 55 3.55 3.00 1.37
N ILE A 56 2.62 3.40 2.24
CA ILE A 56 1.19 3.14 2.01
C ILE A 56 0.75 3.66 0.65
N ARG A 57 1.10 4.91 0.35
CA ARG A 57 0.76 5.50 -0.94
C ARG A 57 1.37 4.70 -2.09
N ASP A 58 2.64 4.32 -1.93
CA ASP A 58 3.39 3.68 -3.00
C ASP A 58 2.81 2.31 -3.36
N ILE A 59 2.31 1.60 -2.36
CA ILE A 59 1.73 0.28 -2.61
C ILE A 59 0.41 0.42 -3.33
N ARG A 60 -0.45 1.28 -2.80
CA ARG A 60 -1.78 1.50 -3.35
C ARG A 60 -1.71 2.05 -4.78
N ARG A 61 -0.83 3.02 -5.00
CA ARG A 61 -0.66 3.60 -6.35
C ARG A 61 -0.10 2.56 -7.30
N ARG A 62 0.73 1.65 -6.76
CA ARG A 62 1.34 0.59 -7.54
C ARG A 62 0.28 -0.29 -8.19
N GLY A 63 -0.81 -0.49 -7.47
CA GLY A 63 -1.91 -1.29 -7.99
C GLY A 63 -2.83 -0.49 -8.88
N LYS A 64 -2.63 0.81 -8.92
CA LYS A 64 -3.43 1.72 -9.73
C LYS A 64 -4.90 1.64 -9.35
N ASN A 65 -5.16 1.65 -8.05
CA ASN A 65 -6.51 1.59 -7.52
C ASN A 65 -6.82 2.83 -6.69
N LYS A 66 -6.85 3.98 -7.36
CA LYS A 66 -7.07 5.27 -6.68
C LYS A 66 -8.41 5.31 -5.96
N VAL A 67 -9.47 4.93 -6.67
CA VAL A 67 -10.81 4.94 -6.09
C VAL A 67 -11.21 3.54 -5.70
N ALA A 68 -10.36 2.58 -6.08
CA ALA A 68 -10.67 1.16 -5.96
C ALA A 68 -11.93 0.84 -6.75
N ALA A 69 -12.14 1.59 -7.82
CA ALA A 69 -13.33 1.46 -8.63
C ALA A 69 -13.00 0.84 -9.99
N GLN A 70 -12.22 -0.22 -9.99
CA GLN A 70 -11.94 -0.97 -11.22
C GLN A 70 -13.05 -1.99 -11.44
N ASN A 71 -14.25 -1.49 -11.61
CA ASN A 71 -15.42 -2.32 -11.80
C ASN A 71 -16.22 -1.78 -13.00
N CYS A 72 -17.47 -2.19 -13.13
CA CYS A 72 -18.33 -1.68 -14.20
C CYS A 72 -18.53 -0.16 -14.04
N ARG A 73 -18.46 0.29 -12.80
CA ARG A 73 -18.61 1.70 -12.49
C ARG A 73 -17.30 2.29 -12.00
N LYS A 74 -16.94 3.43 -12.53
CA LYS A 74 -15.80 4.19 -12.05
C LYS A 74 -16.30 5.29 -11.13
N ARG A 75 -17.38 5.94 -11.55
CA ARG A 75 -18.02 6.95 -10.75
C ARG A 75 -18.99 6.29 -9.78
N LYS A 76 -18.48 5.90 -8.62
CA LYS A 76 -19.28 5.19 -7.63
C LYS A 76 -20.38 6.10 -7.07
N LEU A 77 -20.11 7.39 -7.05
CA LEU A 77 -21.09 8.37 -6.61
C LEU A 77 -21.71 9.05 -7.82
N GLU A 78 -23.00 8.81 -8.03
CA GLU A 78 -23.72 9.43 -9.12
C GLU A 78 -24.48 10.65 -8.61
N ASN A 79 -25.40 10.39 -7.70
CA ASN A 79 -26.20 11.44 -7.07
C ASN A 79 -26.52 11.05 -5.63
N ILE A 80 -26.50 12.02 -4.74
CA ILE A 80 -26.73 11.75 -3.32
C ILE A 80 -28.21 11.91 -2.97
N VAL A 81 -28.90 10.79 -2.85
CA VAL A 81 -30.30 10.81 -2.47
C VAL A 81 -30.46 10.23 -1.06
N GLY A 1 9.99 -6.73 28.01
CA GLY A 1 10.87 -5.86 27.19
C GLY A 1 10.14 -5.34 25.96
N ALA A 2 10.85 -5.28 24.84
CA ALA A 2 10.27 -4.80 23.59
C ALA A 2 9.44 -5.86 22.91
N LYS A 3 8.29 -6.17 23.50
CA LYS A 3 7.38 -7.15 22.93
C LYS A 3 6.36 -6.48 22.02
N HIS A 4 6.85 -5.92 20.92
CA HIS A 4 5.98 -5.27 19.95
C HIS A 4 5.33 -6.33 19.06
N SER A 5 4.40 -7.07 19.64
CA SER A 5 3.69 -8.11 18.93
C SER A 5 2.28 -7.67 18.57
N SER A 6 2.19 -6.66 17.71
CA SER A 6 0.90 -6.13 17.29
C SER A 6 0.19 -7.10 16.35
N ARG A 7 0.96 -8.06 15.81
CA ARG A 7 0.46 -9.12 14.92
C ARG A 7 0.08 -8.57 13.54
N LEU A 8 -0.67 -7.49 13.52
CA LEU A 8 -1.04 -6.83 12.26
C LEU A 8 0.21 -6.32 11.56
N GLU A 9 1.25 -6.05 12.35
CA GLU A 9 2.52 -5.55 11.83
C GLU A 9 3.52 -6.70 11.73
N ALA A 10 3.00 -7.91 11.53
CA ALA A 10 3.84 -9.10 11.51
C ALA A 10 3.31 -10.13 10.51
N HIS A 11 3.69 -9.98 9.25
CA HIS A 11 3.41 -10.99 8.24
C HIS A 11 4.70 -11.73 7.93
N LEU A 12 4.69 -12.63 6.95
CA LEU A 12 5.87 -13.46 6.70
C LEU A 12 6.24 -13.55 5.22
N THR A 13 5.90 -12.52 4.45
CA THR A 13 6.30 -12.50 3.05
C THR A 13 7.33 -11.39 2.83
N ARG A 14 8.24 -11.63 1.88
CA ARG A 14 9.45 -10.82 1.69
C ARG A 14 9.12 -9.38 1.29
N ASP A 15 8.07 -9.21 0.52
CA ASP A 15 7.63 -7.91 0.07
C ASP A 15 7.03 -7.10 1.23
N GLU A 16 6.42 -7.82 2.17
CA GLU A 16 5.77 -7.18 3.31
C GLU A 16 6.82 -6.59 4.23
N LEU A 17 7.97 -7.24 4.29
CA LEU A 17 9.10 -6.79 5.10
C LEU A 17 9.42 -5.32 4.86
N ARG A 18 9.24 -4.86 3.63
CA ARG A 18 9.44 -3.45 3.30
C ARG A 18 8.49 -2.58 4.11
N ALA A 19 7.22 -2.97 4.15
CA ALA A 19 6.21 -2.25 4.91
C ALA A 19 6.41 -2.45 6.41
N LYS A 20 6.80 -3.67 6.79
CA LYS A 20 7.04 -3.99 8.19
C LYS A 20 8.14 -3.10 8.76
N ALA A 21 9.17 -2.87 7.96
CA ALA A 21 10.28 -2.01 8.36
C ALA A 21 9.83 -0.56 8.49
N LEU A 22 8.71 -0.24 7.86
CA LEU A 22 8.14 1.08 7.93
C LEU A 22 6.97 1.15 8.92
N HIS A 23 6.93 0.19 9.83
CA HIS A 23 5.96 0.23 10.93
C HIS A 23 4.51 0.13 10.42
N ILE A 24 4.34 -0.49 9.25
CA ILE A 24 3.02 -0.61 8.65
C ILE A 24 2.30 -1.87 9.14
N PRO A 25 1.24 -1.70 9.94
CA PRO A 25 0.46 -2.82 10.48
C PRO A 25 -0.68 -3.25 9.55
N PHE A 26 -0.46 -3.14 8.25
CA PHE A 26 -1.48 -3.48 7.27
C PHE A 26 -0.91 -4.36 6.17
N PRO A 27 -1.72 -5.29 5.64
CA PRO A 27 -1.30 -6.18 4.55
C PRO A 27 -1.04 -5.42 3.26
N VAL A 28 0.13 -5.66 2.69
CA VAL A 28 0.55 -4.97 1.47
C VAL A 28 -0.40 -5.27 0.30
N GLU A 29 -0.95 -6.48 0.26
CA GLU A 29 -1.91 -6.85 -0.76
C GLU A 29 -3.16 -6.00 -0.63
N LYS A 30 -3.53 -5.72 0.62
CA LYS A 30 -4.68 -4.89 0.91
C LYS A 30 -4.40 -3.43 0.55
N ILE A 31 -3.16 -2.99 0.72
CA ILE A 31 -2.80 -1.61 0.37
C ILE A 31 -3.00 -1.38 -1.12
N ILE A 32 -2.60 -2.37 -1.88
CA ILE A 32 -2.85 -2.41 -3.31
C ILE A 32 -4.35 -2.25 -3.62
N ASN A 33 -5.19 -2.76 -2.72
CA ASN A 33 -6.61 -2.92 -3.02
C ASN A 33 -7.48 -1.97 -2.19
N LEU A 34 -6.86 -1.23 -1.28
CA LEU A 34 -7.57 -0.30 -0.40
C LEU A 34 -8.53 0.62 -1.15
N PRO A 35 -9.83 0.55 -0.81
CA PRO A 35 -10.79 1.58 -1.17
C PRO A 35 -10.57 2.82 -0.33
N VAL A 36 -11.04 3.98 -0.79
CA VAL A 36 -10.80 5.23 -0.09
C VAL A 36 -11.14 5.16 1.39
N VAL A 37 -12.27 4.57 1.71
CA VAL A 37 -12.77 4.54 3.09
C VAL A 37 -11.84 3.73 3.99
N ASP A 38 -11.32 2.63 3.47
CA ASP A 38 -10.36 1.82 4.20
C ASP A 38 -9.10 2.64 4.35
N PHE A 39 -8.82 3.41 3.31
CA PHE A 39 -7.61 4.22 3.27
C PHE A 39 -7.74 5.36 4.27
N ASN A 40 -8.95 5.86 4.42
CA ASN A 40 -9.23 6.93 5.37
C ASN A 40 -9.18 6.39 6.79
N GLU A 41 -9.60 5.13 6.93
CA GLU A 41 -9.69 4.48 8.23
C GLU A 41 -8.32 4.39 8.91
N MET A 42 -7.29 3.99 8.16
CA MET A 42 -5.96 3.86 8.74
C MET A 42 -5.37 5.22 9.09
N MET A 43 -5.64 6.19 8.22
CA MET A 43 -5.12 7.54 8.40
C MET A 43 -5.80 8.22 9.58
N SER A 44 -7.06 7.88 9.79
CA SER A 44 -7.83 8.38 10.93
C SER A 44 -7.14 8.02 12.24
N LYS A 45 -6.51 6.85 12.26
CA LYS A 45 -5.81 6.35 13.43
C LYS A 45 -4.30 6.47 13.25
N GLU A 46 -3.89 7.52 12.52
CA GLU A 46 -2.49 7.73 12.16
C GLU A 46 -1.54 7.60 13.36
N GLN A 47 -0.85 6.48 13.42
CA GLN A 47 0.25 6.30 14.34
C GLN A 47 1.53 6.15 13.53
N PHE A 48 1.45 6.63 12.30
CA PHE A 48 2.51 6.48 11.32
C PHE A 48 3.38 7.72 11.25
N ASN A 49 4.46 7.61 10.49
CA ASN A 49 5.27 8.76 10.15
C ASN A 49 5.22 8.96 8.65
N GLU A 50 5.93 9.94 8.14
CA GLU A 50 5.83 10.30 6.73
C GLU A 50 6.31 9.17 5.83
N ALA A 51 7.47 8.62 6.18
CA ALA A 51 8.04 7.50 5.44
C ALA A 51 7.05 6.34 5.32
N GLN A 52 6.37 6.10 6.42
CA GLN A 52 5.48 4.96 6.55
C GLN A 52 4.23 5.16 5.70
N LEU A 53 3.68 6.36 5.75
CA LEU A 53 2.47 6.68 5.01
C LEU A 53 2.79 6.74 3.53
N ALA A 54 4.03 7.15 3.24
CA ALA A 54 4.47 7.30 1.89
C ALA A 54 4.44 5.98 1.15
N LEU A 55 4.73 4.90 1.89
CA LEU A 55 4.67 3.57 1.30
C LEU A 55 3.24 3.22 0.96
N ILE A 56 2.32 3.49 1.90
CA ILE A 56 0.90 3.23 1.70
C ILE A 56 0.44 3.85 0.39
N ARG A 57 0.82 5.11 0.19
CA ARG A 57 0.51 5.83 -1.03
C ARG A 57 1.05 5.08 -2.25
N ASP A 58 2.30 4.65 -2.16
CA ASP A 58 2.98 3.99 -3.28
C ASP A 58 2.33 2.65 -3.62
N ILE A 59 2.07 1.83 -2.60
CA ILE A 59 1.50 0.51 -2.81
C ILE A 59 0.07 0.65 -3.32
N ARG A 60 -0.68 1.57 -2.72
CA ARG A 60 -2.04 1.87 -3.15
C ARG A 60 -2.05 2.28 -4.63
N ARG A 61 -1.14 3.19 -4.99
CA ARG A 61 -1.01 3.65 -6.37
C ARG A 61 -0.63 2.49 -7.28
N ARG A 62 0.16 1.57 -6.74
CA ARG A 62 0.64 0.41 -7.49
C ARG A 62 -0.53 -0.43 -7.97
N GLY A 63 -1.57 -0.49 -7.15
CA GLY A 63 -2.75 -1.26 -7.49
C GLY A 63 -3.70 -0.51 -8.41
N LYS A 64 -3.33 0.70 -8.76
CA LYS A 64 -4.13 1.52 -9.65
C LYS A 64 -3.53 1.51 -11.05
N ASN A 65 -4.36 1.26 -12.04
CA ASN A 65 -3.91 1.21 -13.42
C ASN A 65 -4.21 2.53 -14.12
N LYS A 66 -3.17 3.25 -14.50
CA LYS A 66 -3.34 4.54 -15.13
C LYS A 66 -3.45 4.40 -16.65
N VAL A 67 -4.47 5.04 -17.21
CA VAL A 67 -4.70 5.04 -18.64
C VAL A 67 -4.38 6.41 -19.23
N ALA A 68 -3.61 7.19 -18.48
CA ALA A 68 -3.22 8.54 -18.88
C ALA A 68 -4.44 9.45 -19.01
N ALA A 69 -5.54 9.02 -18.38
CA ALA A 69 -6.82 9.73 -18.46
C ALA A 69 -7.30 9.90 -19.90
N GLN A 70 -6.91 8.96 -20.76
CA GLN A 70 -7.32 8.98 -22.15
C GLN A 70 -7.21 7.60 -22.78
N ASN A 71 -8.32 6.90 -22.84
CA ASN A 71 -8.39 5.62 -23.53
C ASN A 71 -9.71 5.53 -24.29
N CYS A 72 -9.63 5.11 -25.54
CA CYS A 72 -10.82 5.00 -26.39
C CYS A 72 -10.47 4.27 -27.68
N ARG A 73 -11.35 3.37 -28.09
CA ARG A 73 -11.18 2.67 -29.36
C ARG A 73 -11.76 3.51 -30.49
N LYS A 74 -10.90 3.88 -31.44
CA LYS A 74 -11.31 4.66 -32.61
C LYS A 74 -11.69 6.09 -32.21
N ARG A 75 -11.61 7.00 -33.17
CA ARG A 75 -12.10 8.36 -32.97
C ARG A 75 -13.61 8.32 -32.98
N LYS A 76 -14.22 8.82 -31.90
CA LYS A 76 -15.67 8.84 -31.79
C LYS A 76 -16.28 9.74 -32.85
N LEU A 77 -15.65 10.88 -33.08
CA LEU A 77 -16.10 11.81 -34.09
C LEU A 77 -14.92 12.30 -34.93
N GLU A 78 -14.31 13.39 -34.50
CA GLU A 78 -13.10 13.91 -35.12
C GLU A 78 -12.20 14.53 -34.08
N ASN A 79 -12.26 13.97 -32.88
CA ASN A 79 -11.43 14.38 -31.73
C ASN A 79 -11.84 15.74 -31.20
N ILE A 80 -13.14 16.01 -31.16
CA ILE A 80 -13.65 17.19 -30.49
C ILE A 80 -13.46 17.04 -28.98
N VAL A 81 -12.93 18.07 -28.34
CA VAL A 81 -12.70 18.03 -26.91
C VAL A 81 -13.60 19.02 -26.18
N GLY A 1 7.97 -13.18 21.40
CA GLY A 1 7.24 -13.50 20.16
C GLY A 1 5.75 -13.27 20.30
N ALA A 2 4.95 -13.97 19.47
CA ALA A 2 3.49 -13.89 19.51
C ALA A 2 2.96 -12.55 18.98
N LYS A 3 3.54 -11.47 19.44
CA LYS A 3 3.14 -10.14 18.99
C LYS A 3 4.15 -9.58 18.01
N HIS A 4 3.86 -8.42 17.44
CA HIS A 4 4.74 -7.81 16.46
C HIS A 4 5.20 -6.44 16.91
N SER A 5 5.79 -6.38 18.09
CA SER A 5 6.27 -5.13 18.64
C SER A 5 7.62 -4.77 18.01
N SER A 6 8.61 -5.59 18.29
CA SER A 6 9.94 -5.40 17.73
C SER A 6 10.13 -6.30 16.51
N ARG A 7 9.44 -7.43 16.52
CA ARG A 7 9.52 -8.38 15.42
C ARG A 7 8.24 -8.33 14.59
N LEU A 8 8.23 -7.52 13.54
CA LEU A 8 7.09 -7.49 12.64
C LEU A 8 7.22 -8.63 11.64
N GLU A 9 8.46 -9.05 11.41
CA GLU A 9 8.79 -10.24 10.63
C GLU A 9 8.57 -10.01 9.13
N ALA A 10 9.34 -10.72 8.32
CA ALA A 10 9.15 -10.75 6.89
C ALA A 10 7.91 -11.57 6.59
N HIS A 11 6.76 -10.92 6.61
CA HIS A 11 5.49 -11.63 6.59
C HIS A 11 5.21 -12.31 5.25
N LEU A 12 5.69 -11.75 4.15
CA LEU A 12 5.39 -12.32 2.84
C LEU A 12 6.44 -11.97 1.80
N THR A 13 6.33 -10.78 1.22
CA THR A 13 7.14 -10.42 0.06
C THR A 13 8.08 -9.25 0.36
N ARG A 14 8.91 -8.89 -0.61
CA ARG A 14 9.87 -7.79 -0.44
C ARG A 14 9.14 -6.49 -0.11
N ASP A 15 7.98 -6.30 -0.72
CA ASP A 15 7.17 -5.11 -0.50
C ASP A 15 6.64 -5.11 0.93
N GLU A 16 6.35 -6.30 1.43
CA GLU A 16 5.83 -6.48 2.77
C GLU A 16 6.94 -6.17 3.76
N LEU A 17 8.13 -6.61 3.41
CA LEU A 17 9.34 -6.31 4.17
C LEU A 17 9.50 -4.80 4.35
N ARG A 18 9.25 -4.06 3.28
CA ARG A 18 9.35 -2.61 3.32
C ARG A 18 8.25 -2.01 4.19
N ALA A 19 7.02 -2.42 3.95
CA ALA A 19 5.88 -1.91 4.71
C ALA A 19 6.05 -2.21 6.20
N LYS A 20 6.45 -3.42 6.50
CA LYS A 20 6.69 -3.82 7.89
C LYS A 20 7.86 -3.06 8.49
N ALA A 21 8.86 -2.75 7.67
CA ALA A 21 9.97 -1.93 8.10
C ALA A 21 9.49 -0.52 8.43
N LEU A 22 8.46 -0.08 7.72
CA LEU A 22 7.86 1.23 7.95
C LEU A 22 6.73 1.15 8.96
N HIS A 23 6.76 0.13 9.81
CA HIS A 23 5.80 -0.02 10.91
C HIS A 23 4.36 -0.03 10.39
N ILE A 24 4.15 -0.60 9.21
CA ILE A 24 2.81 -0.74 8.65
C ILE A 24 2.26 -2.13 8.96
N PRO A 25 1.28 -2.21 9.88
CA PRO A 25 0.65 -3.48 10.26
C PRO A 25 -0.16 -4.08 9.12
N PHE A 26 -0.72 -3.22 8.29
CA PHE A 26 -1.55 -3.65 7.18
C PHE A 26 -0.69 -4.22 6.06
N PRO A 27 -1.03 -5.41 5.57
CA PRO A 27 -0.28 -6.09 4.51
C PRO A 27 -0.42 -5.39 3.16
N VAL A 28 0.68 -5.41 2.39
CA VAL A 28 0.76 -4.76 1.09
C VAL A 28 -0.34 -5.23 0.13
N GLU A 29 -0.71 -6.51 0.23
CA GLU A 29 -1.75 -7.05 -0.62
C GLU A 29 -3.09 -6.37 -0.33
N LYS A 30 -3.31 -6.04 0.93
CA LYS A 30 -4.52 -5.34 1.33
C LYS A 30 -4.47 -3.88 0.88
N ILE A 31 -3.27 -3.30 0.90
CA ILE A 31 -3.08 -1.87 0.60
C ILE A 31 -3.45 -1.55 -0.84
N ILE A 32 -3.07 -2.42 -1.77
CA ILE A 32 -3.47 -2.26 -3.16
C ILE A 32 -4.99 -2.29 -3.26
N ASN A 33 -5.63 -3.01 -2.35
CA ASN A 33 -7.06 -3.30 -2.47
C ASN A 33 -7.90 -2.23 -1.79
N LEU A 34 -7.47 -1.80 -0.61
CA LEU A 34 -8.22 -0.87 0.23
C LEU A 34 -8.56 0.43 -0.50
N PRO A 35 -9.86 0.73 -0.63
CA PRO A 35 -10.36 1.97 -1.24
C PRO A 35 -10.01 3.21 -0.43
N VAL A 36 -10.09 4.38 -1.05
CA VAL A 36 -9.70 5.64 -0.40
C VAL A 36 -10.30 5.79 1.00
N VAL A 37 -11.56 5.45 1.14
CA VAL A 37 -12.23 5.57 2.44
C VAL A 37 -11.58 4.68 3.50
N ASP A 38 -11.22 3.45 3.11
CA ASP A 38 -10.53 2.55 4.02
C ASP A 38 -9.12 3.04 4.24
N PHE A 39 -8.55 3.60 3.18
CA PHE A 39 -7.24 4.22 3.23
C PHE A 39 -7.26 5.36 4.23
N ASN A 40 -8.36 6.10 4.22
CA ASN A 40 -8.56 7.20 5.14
C ASN A 40 -8.82 6.68 6.55
N GLU A 41 -9.51 5.53 6.62
CA GLU A 41 -9.86 4.90 7.89
C GLU A 41 -8.61 4.63 8.74
N MET A 42 -7.59 4.04 8.12
CA MET A 42 -6.36 3.72 8.86
C MET A 42 -5.64 4.99 9.29
N MET A 43 -5.72 6.03 8.46
CA MET A 43 -5.10 7.30 8.78
C MET A 43 -5.83 7.94 9.95
N SER A 44 -7.13 7.72 10.00
CA SER A 44 -7.96 8.21 11.07
C SER A 44 -7.70 7.44 12.36
N LYS A 45 -7.53 6.12 12.23
CA LYS A 45 -7.34 5.25 13.38
C LYS A 45 -5.92 5.31 13.91
N GLU A 46 -4.95 5.15 13.04
CA GLU A 46 -3.55 5.04 13.43
C GLU A 46 -2.82 6.36 13.27
N GLN A 47 -1.52 6.33 13.50
CA GLN A 47 -0.69 7.53 13.37
C GLN A 47 0.72 7.13 12.94
N PHE A 48 0.91 6.92 11.65
CA PHE A 48 2.20 6.52 11.11
C PHE A 48 3.02 7.75 10.74
N ASN A 49 4.34 7.58 10.63
CA ASN A 49 5.21 8.67 10.24
C ASN A 49 5.13 8.87 8.73
N GLU A 50 5.71 9.95 8.24
CA GLU A 50 5.60 10.32 6.82
C GLU A 50 6.19 9.22 5.96
N ALA A 51 7.36 8.74 6.37
CA ALA A 51 8.04 7.63 5.73
C ALA A 51 7.10 6.45 5.53
N GLN A 52 6.33 6.20 6.59
CA GLN A 52 5.43 5.06 6.64
C GLN A 52 4.23 5.25 5.72
N LEU A 53 3.74 6.49 5.66
CA LEU A 53 2.56 6.81 4.89
C LEU A 53 2.90 6.71 3.43
N ALA A 54 4.16 7.02 3.14
CA ALA A 54 4.67 7.00 1.80
C ALA A 54 4.62 5.59 1.25
N LEU A 55 4.82 4.61 2.13
CA LEU A 55 4.76 3.21 1.76
C LEU A 55 3.33 2.86 1.37
N ILE A 56 2.40 3.14 2.28
CA ILE A 56 0.98 2.85 2.06
C ILE A 56 0.50 3.45 0.75
N ARG A 57 0.83 4.72 0.54
CA ARG A 57 0.44 5.42 -0.68
C ARG A 57 1.09 4.79 -1.91
N ASP A 58 2.33 4.35 -1.75
CA ASP A 58 3.08 3.76 -2.87
C ASP A 58 2.43 2.47 -3.34
N ILE A 59 2.16 1.57 -2.39
CA ILE A 59 1.60 0.26 -2.72
C ILE A 59 0.26 0.43 -3.43
N ARG A 60 -0.59 1.26 -2.83
CA ARG A 60 -1.88 1.61 -3.43
C ARG A 60 -1.70 2.26 -4.80
N ARG A 61 -0.75 3.19 -4.89
CA ARG A 61 -0.50 3.94 -6.11
C ARG A 61 -0.18 3.03 -7.28
N ARG A 62 0.82 2.16 -7.12
CA ARG A 62 1.21 1.24 -8.18
C ARG A 62 0.15 0.17 -8.41
N GLY A 63 -0.56 -0.20 -7.34
CA GLY A 63 -1.63 -1.19 -7.44
C GLY A 63 -2.58 -0.91 -8.60
N LYS A 64 -3.37 0.16 -8.47
CA LYS A 64 -4.31 0.58 -9.53
C LYS A 64 -5.12 1.79 -9.09
N ASN A 65 -5.49 1.79 -7.80
CA ASN A 65 -6.28 2.88 -7.19
C ASN A 65 -7.73 2.84 -7.67
N LYS A 66 -7.96 3.38 -8.86
CA LYS A 66 -9.29 3.53 -9.39
C LYS A 66 -9.53 2.55 -10.53
N VAL A 67 -10.78 2.47 -10.98
CA VAL A 67 -11.15 1.56 -12.06
C VAL A 67 -10.60 2.05 -13.41
N ALA A 68 -10.10 3.28 -13.40
CA ALA A 68 -9.43 3.88 -14.55
C ALA A 68 -10.42 4.13 -15.69
N ALA A 69 -11.63 4.54 -15.33
CA ALA A 69 -12.66 4.84 -16.29
C ALA A 69 -12.23 6.02 -17.17
N GLN A 70 -12.58 5.95 -18.45
CA GLN A 70 -12.21 6.97 -19.43
C GLN A 70 -10.69 6.99 -19.63
N ASN A 71 -10.16 5.85 -20.09
CA ASN A 71 -8.73 5.73 -20.37
C ASN A 71 -8.51 5.67 -21.88
N CYS A 72 -9.56 5.32 -22.61
CA CYS A 72 -9.49 5.19 -24.05
C CYS A 72 -9.81 6.54 -24.70
N ARG A 73 -8.91 7.02 -25.56
CA ARG A 73 -9.10 8.31 -26.21
C ARG A 73 -9.66 8.13 -27.60
N LYS A 74 -9.49 6.94 -28.16
CA LYS A 74 -10.06 6.61 -29.46
C LYS A 74 -10.27 5.10 -29.55
N ARG A 75 -11.43 4.70 -30.05
CA ARG A 75 -11.75 3.28 -30.18
C ARG A 75 -10.87 2.63 -31.24
N LYS A 76 -10.11 1.63 -30.82
CA LYS A 76 -9.25 0.88 -31.73
C LYS A 76 -10.09 -0.05 -32.59
N LEU A 77 -9.97 0.12 -33.90
CA LEU A 77 -10.77 -0.67 -34.83
C LEU A 77 -10.07 -1.99 -35.13
N GLU A 78 -10.88 -3.05 -35.22
CA GLU A 78 -10.38 -4.39 -35.57
C GLU A 78 -9.71 -4.35 -36.94
N ASN A 79 -10.39 -3.75 -37.90
CA ASN A 79 -9.83 -3.53 -39.22
C ASN A 79 -8.72 -2.49 -39.14
N ILE A 80 -7.55 -2.80 -39.68
CA ILE A 80 -6.41 -1.89 -39.59
C ILE A 80 -6.74 -0.56 -40.24
N VAL A 81 -6.34 0.52 -39.58
CA VAL A 81 -6.59 1.85 -40.08
C VAL A 81 -5.30 2.45 -40.61
N GLY A 1 7.13 -8.30 -12.30
CA GLY A 1 8.23 -7.64 -11.56
C GLY A 1 8.63 -8.42 -10.33
N ALA A 2 9.66 -7.93 -9.63
CA ALA A 2 10.17 -8.58 -8.43
C ALA A 2 10.69 -9.98 -8.73
N LYS A 3 11.34 -10.11 -9.88
CA LYS A 3 11.86 -11.40 -10.32
C LYS A 3 13.37 -11.47 -10.10
N HIS A 4 13.85 -12.68 -9.81
CA HIS A 4 15.26 -12.93 -9.56
C HIS A 4 15.75 -12.11 -8.37
N SER A 5 14.84 -11.79 -7.47
CA SER A 5 15.17 -11.02 -6.28
C SER A 5 15.32 -11.97 -5.09
N SER A 6 14.25 -12.70 -4.79
CA SER A 6 14.26 -13.68 -3.71
C SER A 6 14.79 -13.09 -2.40
N ARG A 7 14.21 -11.97 -1.99
CA ARG A 7 14.59 -11.34 -0.74
C ARG A 7 13.90 -12.04 0.43
N LEU A 8 14.68 -12.59 1.33
CA LEU A 8 14.14 -13.34 2.45
C LEU A 8 14.11 -12.50 3.72
N GLU A 9 13.81 -13.15 4.84
CA GLU A 9 13.68 -12.49 6.15
C GLU A 9 12.53 -11.50 6.14
N ALA A 10 11.46 -11.87 5.45
CA ALA A 10 10.27 -11.05 5.38
C ALA A 10 9.03 -11.89 5.62
N HIS A 11 7.88 -11.25 5.78
CA HIS A 11 6.64 -11.99 5.97
C HIS A 11 6.33 -12.83 4.73
N LEU A 12 6.48 -12.23 3.55
CA LEU A 12 6.28 -12.94 2.30
C LEU A 12 7.08 -12.31 1.17
N THR A 13 6.73 -11.09 0.80
CA THR A 13 7.34 -10.42 -0.32
C THR A 13 8.27 -9.29 0.13
N ARG A 14 9.24 -8.95 -0.71
CA ARG A 14 10.25 -7.94 -0.40
C ARG A 14 9.62 -6.58 -0.11
N ASP A 15 8.52 -6.29 -0.79
CA ASP A 15 7.82 -5.02 -0.60
C ASP A 15 7.11 -4.98 0.75
N GLU A 16 6.65 -6.14 1.20
CA GLU A 16 5.95 -6.25 2.47
C GLU A 16 6.94 -6.05 3.61
N LEU A 17 8.16 -6.52 3.39
CA LEU A 17 9.26 -6.27 4.28
C LEU A 17 9.44 -4.77 4.53
N ARG A 18 9.24 -3.99 3.47
CA ARG A 18 9.34 -2.54 3.57
C ARG A 18 8.26 -2.01 4.50
N ALA A 19 7.02 -2.46 4.27
CA ALA A 19 5.89 -2.04 5.08
C ALA A 19 6.05 -2.49 6.52
N LYS A 20 6.47 -3.73 6.69
CA LYS A 20 6.68 -4.30 8.02
C LYS A 20 7.69 -3.47 8.79
N ALA A 21 8.80 -3.14 8.15
CA ALA A 21 9.84 -2.33 8.75
C ALA A 21 9.38 -0.87 8.91
N LEU A 22 8.37 -0.48 8.16
CA LEU A 22 7.84 0.87 8.22
C LEU A 22 6.70 0.98 9.23
N HIS A 23 6.65 0.05 10.16
CA HIS A 23 5.67 0.08 11.24
C HIS A 23 4.25 -0.01 10.67
N ILE A 24 4.12 -0.58 9.47
CA ILE A 24 2.82 -0.73 8.84
C ILE A 24 2.23 -2.09 9.16
N PRO A 25 1.17 -2.13 10.00
CA PRO A 25 0.51 -3.37 10.39
C PRO A 25 -0.44 -3.89 9.31
N PHE A 26 -0.60 -3.10 8.25
CA PHE A 26 -1.47 -3.49 7.15
C PHE A 26 -0.63 -4.04 5.99
N PRO A 27 -0.85 -5.31 5.62
CA PRO A 27 -0.09 -5.97 4.54
C PRO A 27 -0.25 -5.27 3.20
N VAL A 28 0.84 -5.25 2.43
CA VAL A 28 0.91 -4.49 1.19
C VAL A 28 -0.11 -4.95 0.16
N GLU A 29 -0.41 -6.25 0.14
CA GLU A 29 -1.41 -6.78 -0.78
C GLU A 29 -2.77 -6.16 -0.47
N LYS A 30 -3.03 -5.92 0.80
CA LYS A 30 -4.27 -5.32 1.23
C LYS A 30 -4.31 -3.84 0.83
N ILE A 31 -3.16 -3.19 0.86
CA ILE A 31 -3.07 -1.77 0.53
C ILE A 31 -3.42 -1.54 -0.93
N ILE A 32 -2.97 -2.46 -1.77
CA ILE A 32 -3.34 -2.48 -3.17
C ILE A 32 -4.86 -2.53 -3.32
N ASN A 33 -5.53 -3.19 -2.39
CA ASN A 33 -6.95 -3.50 -2.55
C ASN A 33 -7.82 -2.54 -1.75
N LEU A 34 -7.22 -1.89 -0.75
CA LEU A 34 -7.95 -0.93 0.08
C LEU A 34 -8.64 0.14 -0.75
N PRO A 35 -9.97 0.24 -0.62
CA PRO A 35 -10.77 1.28 -1.27
C PRO A 35 -10.48 2.65 -0.67
N VAL A 36 -10.81 3.71 -1.38
CA VAL A 36 -10.49 5.07 -0.95
C VAL A 36 -10.88 5.33 0.49
N VAL A 37 -12.10 4.96 0.87
CA VAL A 37 -12.61 5.26 2.21
C VAL A 37 -11.76 4.57 3.28
N ASP A 38 -11.38 3.32 3.00
CA ASP A 38 -10.53 2.56 3.91
C ASP A 38 -9.14 3.15 3.90
N PHE A 39 -8.75 3.65 2.74
CA PHE A 39 -7.47 4.33 2.60
C PHE A 39 -7.48 5.63 3.40
N ASN A 40 -8.63 6.28 3.43
CA ASN A 40 -8.78 7.53 4.17
C ASN A 40 -8.73 7.24 5.67
N GLU A 41 -9.27 6.08 6.03
CA GLU A 41 -9.25 5.61 7.41
C GLU A 41 -7.82 5.48 7.91
N MET A 42 -6.95 4.97 7.05
CA MET A 42 -5.54 4.77 7.38
C MET A 42 -4.88 6.11 7.68
N MET A 43 -5.24 7.11 6.87
CA MET A 43 -4.74 8.46 7.05
C MET A 43 -5.31 9.06 8.34
N SER A 44 -6.54 8.67 8.65
CA SER A 44 -7.21 9.14 9.85
C SER A 44 -6.56 8.55 11.10
N LYS A 45 -6.11 7.31 10.99
CA LYS A 45 -5.47 6.61 12.09
C LYS A 45 -3.95 6.79 12.04
N GLU A 46 -3.52 7.96 11.56
CA GLU A 46 -2.10 8.24 11.39
C GLU A 46 -1.32 8.11 12.70
N GLN A 47 -0.75 6.93 12.90
CA GLN A 47 0.18 6.69 13.99
C GLN A 47 1.52 6.30 13.36
N PHE A 48 1.72 6.81 12.16
CA PHE A 48 2.86 6.46 11.35
C PHE A 48 3.69 7.70 11.04
N ASN A 49 4.84 7.52 10.41
CA ASN A 49 5.68 8.65 10.03
C ASN A 49 5.63 8.84 8.53
N GLU A 50 6.43 9.76 8.02
CA GLU A 50 6.38 10.14 6.61
C GLU A 50 6.72 8.95 5.72
N ALA A 51 7.86 8.34 5.99
CA ALA A 51 8.32 7.16 5.26
C ALA A 51 7.24 6.09 5.21
N GLN A 52 6.60 5.92 6.35
CA GLN A 52 5.61 4.87 6.54
C GLN A 52 4.33 5.18 5.75
N LEU A 53 3.92 6.43 5.77
CA LEU A 53 2.72 6.86 5.08
C LEU A 53 2.99 6.84 3.59
N ALA A 54 4.24 7.11 3.24
CA ALA A 54 4.65 7.22 1.88
C ALA A 54 4.41 5.91 1.15
N LEU A 55 4.68 4.80 1.83
CA LEU A 55 4.49 3.51 1.21
C LEU A 55 3.02 3.23 1.02
N ILE A 56 2.22 3.56 2.03
CA ILE A 56 0.76 3.36 1.95
C ILE A 56 0.21 4.00 0.68
N ARG A 57 0.65 5.21 0.40
CA ARG A 57 0.25 5.92 -0.81
C ARG A 57 0.82 5.22 -2.05
N ASP A 58 2.03 4.70 -1.91
CA ASP A 58 2.74 4.08 -3.03
C ASP A 58 2.10 2.77 -3.44
N ILE A 59 1.76 1.93 -2.44
CA ILE A 59 1.17 0.63 -2.72
C ILE A 59 -0.24 0.81 -3.25
N ARG A 60 -1.01 1.68 -2.60
CA ARG A 60 -2.35 2.01 -3.06
C ARG A 60 -2.33 2.58 -4.48
N ARG A 61 -1.28 3.32 -4.80
CA ARG A 61 -1.09 3.88 -6.14
C ARG A 61 -1.04 2.75 -7.17
N ARG A 62 -0.42 1.64 -6.78
CA ARG A 62 -0.23 0.49 -7.66
C ARG A 62 -1.57 -0.17 -7.96
N GLY A 63 -2.46 -0.15 -6.98
CA GLY A 63 -3.78 -0.75 -7.14
C GLY A 63 -4.58 -0.06 -8.22
N LYS A 64 -4.55 1.27 -8.20
CA LYS A 64 -5.26 2.05 -9.20
C LYS A 64 -4.53 2.00 -10.54
N ASN A 65 -3.19 2.11 -10.47
CA ASN A 65 -2.33 2.04 -11.64
C ASN A 65 -2.69 3.17 -12.62
N LYS A 66 -2.47 2.94 -13.92
CA LYS A 66 -2.73 3.94 -14.95
C LYS A 66 -1.92 5.21 -14.66
N VAL A 67 -0.61 5.08 -14.74
CA VAL A 67 0.28 6.18 -14.47
C VAL A 67 1.52 6.08 -15.35
N ALA A 68 1.66 7.03 -16.25
CA ALA A 68 2.79 7.06 -17.18
C ALA A 68 4.04 7.65 -16.53
N ALA A 69 3.97 7.84 -15.21
CA ALA A 69 5.10 8.32 -14.41
C ALA A 69 5.60 9.66 -14.91
N GLN A 70 4.67 10.50 -15.37
CA GLN A 70 5.03 11.83 -15.85
C GLN A 70 5.12 12.80 -14.67
N ASN A 71 4.23 12.63 -13.72
CA ASN A 71 4.23 13.44 -12.49
C ASN A 71 4.95 12.69 -11.38
N CYS A 72 5.80 11.76 -11.78
CA CYS A 72 6.54 10.94 -10.84
C CYS A 72 8.03 11.18 -11.02
N ARG A 73 8.76 11.17 -9.92
CA ARG A 73 10.20 11.38 -9.95
C ARG A 73 10.93 10.04 -10.04
N LYS A 74 12.13 10.07 -10.62
CA LYS A 74 12.93 8.87 -10.77
C LYS A 74 13.91 8.74 -9.61
N ARG A 75 13.81 9.70 -8.68
CA ARG A 75 14.66 9.77 -7.49
C ARG A 75 16.10 10.08 -7.88
N LYS A 76 16.79 9.11 -8.47
CA LYS A 76 18.13 9.32 -8.97
C LYS A 76 18.10 9.45 -10.48
N LEU A 77 18.23 8.32 -11.17
CA LEU A 77 18.15 8.31 -12.62
C LEU A 77 17.24 7.18 -13.10
N GLU A 78 17.05 6.18 -12.24
CA GLU A 78 16.27 5.01 -12.61
C GLU A 78 15.21 4.70 -11.56
N ASN A 79 14.00 4.47 -12.01
CA ASN A 79 12.93 4.01 -11.14
C ASN A 79 12.86 2.49 -11.16
N ILE A 80 13.87 1.86 -10.57
CA ILE A 80 13.97 0.42 -10.53
C ILE A 80 13.06 -0.15 -9.45
N VAL A 81 11.81 -0.38 -9.81
CA VAL A 81 10.85 -0.97 -8.89
C VAL A 81 10.67 -2.45 -9.21
N GLY A 1 -9.61 -19.01 6.68
CA GLY A 1 -9.03 -19.26 8.02
C GLY A 1 -8.98 -17.99 8.86
N ALA A 2 -9.77 -17.96 9.92
CA ALA A 2 -9.83 -16.80 10.79
C ALA A 2 -10.18 -17.22 12.21
N LYS A 3 -10.26 -16.24 13.11
CA LYS A 3 -10.65 -16.46 14.50
C LYS A 3 -9.58 -17.28 15.25
N HIS A 4 -8.44 -17.47 14.62
CA HIS A 4 -7.32 -18.20 15.23
C HIS A 4 -6.00 -17.83 14.57
N SER A 5 -5.96 -16.65 13.98
CA SER A 5 -4.77 -16.18 13.28
C SER A 5 -4.67 -14.67 13.37
N SER A 6 -4.76 -14.15 14.59
CA SER A 6 -4.71 -12.72 14.81
C SER A 6 -3.26 -12.22 14.73
N ARG A 7 -2.31 -13.15 14.71
CA ARG A 7 -0.91 -12.82 14.47
C ARG A 7 -0.72 -12.50 13.00
N LEU A 8 -0.99 -11.26 12.63
CA LEU A 8 -0.85 -10.84 11.25
C LEU A 8 0.63 -10.60 10.94
N GLU A 9 1.27 -11.63 10.41
CA GLU A 9 2.68 -11.57 10.06
C GLU A 9 2.86 -11.08 8.63
N ALA A 10 1.75 -10.68 8.02
CA ALA A 10 1.74 -10.15 6.66
C ALA A 10 2.36 -11.13 5.68
N HIS A 11 3.62 -10.91 5.34
CA HIS A 11 4.37 -11.84 4.49
C HIS A 11 5.84 -11.83 4.89
N LEU A 12 6.55 -12.86 4.50
CA LEU A 12 7.97 -12.97 4.82
C LEU A 12 8.82 -12.60 3.60
N THR A 13 8.17 -12.04 2.59
CA THR A 13 8.87 -11.59 1.41
C THR A 13 9.50 -10.22 1.67
N ARG A 14 10.62 -9.97 1.00
CA ARG A 14 11.42 -8.77 1.22
C ARG A 14 10.62 -7.51 0.88
N ASP A 15 9.74 -7.63 -0.09
CA ASP A 15 8.89 -6.52 -0.51
C ASP A 15 7.92 -6.15 0.61
N GLU A 16 7.46 -7.15 1.34
CA GLU A 16 6.52 -6.94 2.44
C GLU A 16 7.25 -6.31 3.61
N LEU A 17 8.48 -6.78 3.80
CA LEU A 17 9.35 -6.31 4.86
C LEU A 17 9.47 -4.78 4.87
N ARG A 18 9.45 -4.18 3.69
CA ARG A 18 9.51 -2.73 3.57
C ARG A 18 8.34 -2.09 4.30
N ALA A 19 7.14 -2.61 4.04
CA ALA A 19 5.92 -2.08 4.66
C ALA A 19 5.88 -2.44 6.13
N LYS A 20 6.20 -3.69 6.42
CA LYS A 20 6.18 -4.20 7.79
C LYS A 20 7.12 -3.39 8.69
N ALA A 21 8.28 -3.03 8.16
CA ALA A 21 9.25 -2.24 8.91
C ALA A 21 8.78 -0.80 9.10
N LEU A 22 7.87 -0.36 8.23
CA LEU A 22 7.35 0.99 8.30
C LEU A 22 6.09 1.05 9.16
N HIS A 23 5.99 0.11 10.10
CA HIS A 23 4.88 0.08 11.06
C HIS A 23 3.52 -0.04 10.38
N ILE A 24 3.50 -0.50 9.12
CA ILE A 24 2.26 -0.61 8.39
C ILE A 24 1.50 -1.86 8.83
N PRO A 25 0.34 -1.68 9.47
CA PRO A 25 -0.44 -2.79 10.04
C PRO A 25 -1.00 -3.71 8.96
N PHE A 26 -1.17 -3.17 7.77
CA PHE A 26 -1.77 -3.92 6.67
C PHE A 26 -0.70 -4.26 5.63
N PRO A 27 -0.60 -5.55 5.28
CA PRO A 27 0.33 -6.05 4.25
C PRO A 27 0.18 -5.31 2.93
N VAL A 28 1.26 -5.28 2.15
CA VAL A 28 1.27 -4.66 0.82
C VAL A 28 0.13 -5.19 -0.04
N GLU A 29 -0.21 -6.46 0.15
CA GLU A 29 -1.33 -7.08 -0.53
C GLU A 29 -2.63 -6.32 -0.28
N LYS A 30 -2.82 -5.90 0.97
CA LYS A 30 -4.04 -5.20 1.35
C LYS A 30 -4.04 -3.78 0.80
N ILE A 31 -2.87 -3.15 0.75
CA ILE A 31 -2.77 -1.74 0.43
C ILE A 31 -3.26 -1.45 -0.99
N ILE A 32 -2.90 -2.31 -1.93
CA ILE A 32 -3.42 -2.22 -3.29
C ILE A 32 -4.95 -2.31 -3.29
N ASN A 33 -5.48 -3.04 -2.31
CA ASN A 33 -6.91 -3.36 -2.29
C ASN A 33 -7.71 -2.33 -1.51
N LEU A 34 -7.08 -1.78 -0.47
CA LEU A 34 -7.75 -0.83 0.42
C LEU A 34 -8.39 0.33 -0.35
N PRO A 35 -9.72 0.48 -0.22
CA PRO A 35 -10.45 1.62 -0.75
C PRO A 35 -10.22 2.88 0.09
N VAL A 36 -10.52 4.05 -0.46
CA VAL A 36 -10.25 5.32 0.21
C VAL A 36 -10.74 5.33 1.65
N VAL A 37 -11.90 4.76 1.90
CA VAL A 37 -12.48 4.74 3.24
C VAL A 37 -11.57 4.02 4.24
N ASP A 38 -11.02 2.89 3.83
CA ASP A 38 -10.06 2.15 4.64
C ASP A 38 -8.78 2.93 4.69
N PHE A 39 -8.51 3.62 3.60
CA PHE A 39 -7.31 4.43 3.49
C PHE A 39 -7.40 5.59 4.46
N ASN A 40 -8.61 6.09 4.64
CA ASN A 40 -8.87 7.16 5.61
C ASN A 40 -8.79 6.59 7.02
N GLU A 41 -9.31 5.38 7.17
CA GLU A 41 -9.33 4.67 8.45
C GLU A 41 -7.92 4.48 8.99
N MET A 42 -6.97 4.21 8.09
CA MET A 42 -5.59 3.93 8.48
C MET A 42 -5.02 5.07 9.31
N MET A 43 -5.05 6.26 8.74
CA MET A 43 -4.51 7.45 9.39
C MET A 43 -5.41 7.90 10.54
N SER A 44 -6.71 7.66 10.39
CA SER A 44 -7.68 8.09 11.38
C SER A 44 -7.54 7.29 12.68
N LYS A 45 -7.18 6.02 12.55
CA LYS A 45 -7.05 5.15 13.71
C LYS A 45 -5.61 5.10 14.21
N GLU A 46 -4.68 4.77 13.33
CA GLU A 46 -3.27 4.70 13.67
C GLU A 46 -2.56 5.98 13.26
N GLN A 47 -1.34 6.15 13.73
CA GLN A 47 -0.56 7.32 13.41
C GLN A 47 0.84 6.90 13.03
N PHE A 48 1.26 7.25 11.83
CA PHE A 48 2.53 6.80 11.32
C PHE A 48 3.43 7.98 11.00
N ASN A 49 4.71 7.72 10.75
CA ASN A 49 5.63 8.73 10.30
C ASN A 49 5.49 8.90 8.78
N GLU A 50 6.07 9.93 8.22
CA GLU A 50 5.88 10.22 6.80
C GLU A 50 6.43 9.09 5.93
N ALA A 51 7.55 8.53 6.37
CA ALA A 51 8.19 7.40 5.70
C ALA A 51 7.21 6.26 5.51
N GLN A 52 6.34 6.08 6.49
CA GLN A 52 5.42 4.97 6.50
C GLN A 52 4.33 5.16 5.44
N LEU A 53 3.69 6.33 5.47
CA LEU A 53 2.67 6.69 4.50
C LEU A 53 3.22 6.66 3.09
N ALA A 54 4.51 6.98 2.96
CA ALA A 54 5.14 7.09 1.67
C ALA A 54 4.98 5.80 0.90
N LEU A 55 5.17 4.69 1.58
CA LEU A 55 5.01 3.40 0.95
C LEU A 55 3.53 3.12 0.69
N ILE A 56 2.68 3.44 1.68
CA ILE A 56 1.24 3.22 1.55
C ILE A 56 0.72 3.83 0.26
N ARG A 57 1.10 5.08 0.01
CA ARG A 57 0.67 5.80 -1.18
C ARG A 57 1.13 5.07 -2.44
N ASP A 58 2.36 4.55 -2.40
CA ASP A 58 2.95 3.88 -3.56
C ASP A 58 2.19 2.60 -3.88
N ILE A 59 1.92 1.79 -2.85
CA ILE A 59 1.24 0.51 -3.05
C ILE A 59 -0.21 0.74 -3.43
N ARG A 60 -0.87 1.63 -2.69
CA ARG A 60 -2.25 2.03 -2.97
C ARG A 60 -2.40 2.43 -4.44
N ARG A 61 -1.46 3.22 -4.92
CA ARG A 61 -1.44 3.69 -6.30
C ARG A 61 -1.13 2.54 -7.25
N ARG A 62 -0.25 1.63 -6.79
CA ARG A 62 0.20 0.50 -7.60
C ARG A 62 -0.97 -0.41 -7.96
N GLY A 63 -1.93 -0.51 -7.05
CA GLY A 63 -3.09 -1.35 -7.27
C GLY A 63 -4.08 -0.76 -8.26
N LYS A 64 -3.71 0.35 -8.87
CA LYS A 64 -4.53 1.02 -9.88
C LYS A 64 -5.90 1.39 -9.29
N ASN A 65 -5.89 2.19 -8.25
CA ASN A 65 -7.12 2.69 -7.67
C ASN A 65 -7.40 4.09 -8.19
N LYS A 66 -8.24 4.18 -9.22
CA LYS A 66 -8.53 5.46 -9.86
C LYS A 66 -9.28 6.40 -8.92
N VAL A 67 -9.87 5.85 -7.87
CA VAL A 67 -10.42 6.62 -6.80
C VAL A 67 -9.30 7.02 -5.87
N ALA A 68 -8.60 8.07 -6.25
CA ALA A 68 -7.43 8.54 -5.54
C ALA A 68 -7.75 8.90 -4.09
N ALA A 69 -8.72 9.79 -3.90
CA ALA A 69 -9.05 10.28 -2.57
C ALA A 69 -10.31 11.14 -2.59
N GLN A 70 -11.40 10.59 -3.11
CA GLN A 70 -12.65 11.34 -3.19
C GLN A 70 -13.46 11.18 -1.90
N ASN A 71 -12.87 11.63 -0.79
CA ASN A 71 -13.50 11.54 0.52
C ASN A 71 -12.73 12.39 1.52
N CYS A 72 -11.42 12.14 1.59
CA CYS A 72 -10.55 12.89 2.49
C CYS A 72 -10.23 14.27 1.91
N ARG A 73 -11.05 15.25 2.26
CA ARG A 73 -10.86 16.61 1.79
C ARG A 73 -9.96 17.38 2.75
N LYS A 74 -8.67 17.34 2.49
CA LYS A 74 -7.72 18.11 3.30
C LYS A 74 -7.72 19.55 2.83
N ARG A 75 -7.77 19.73 1.52
CA ARG A 75 -7.86 21.06 0.93
C ARG A 75 -8.37 20.95 -0.51
N LYS A 76 -9.60 20.48 -0.65
CA LYS A 76 -10.23 20.33 -1.96
C LYS A 76 -11.68 20.76 -1.92
N LEU A 77 -11.96 21.91 -2.53
CA LEU A 77 -13.33 22.38 -2.67
C LEU A 77 -13.93 21.83 -3.95
N GLU A 78 -13.11 21.07 -4.68
CA GLU A 78 -13.48 20.56 -5.99
C GLU A 78 -14.26 19.26 -5.87
N ASN A 79 -14.76 18.98 -4.67
CA ASN A 79 -15.56 17.80 -4.44
C ASN A 79 -16.87 18.18 -3.76
N ILE A 80 -17.89 17.37 -3.98
CA ILE A 80 -19.21 17.61 -3.39
C ILE A 80 -19.79 18.94 -3.87
N VAL A 81 -20.48 18.90 -5.00
CA VAL A 81 -21.10 20.09 -5.56
C VAL A 81 -22.62 20.01 -5.43
N GLY A 1 19.59 -2.20 2.37
CA GLY A 1 18.59 -3.29 2.29
C GLY A 1 17.63 -3.26 3.47
N ALA A 2 17.26 -4.43 3.96
CA ALA A 2 16.32 -4.53 5.06
C ALA A 2 17.04 -4.69 6.39
N LYS A 3 17.50 -3.58 6.95
CA LYS A 3 18.21 -3.61 8.23
C LYS A 3 17.22 -3.51 9.39
N HIS A 4 16.11 -2.82 9.16
CA HIS A 4 15.10 -2.65 10.20
C HIS A 4 14.36 -3.96 10.47
N SER A 5 14.78 -4.65 11.52
CA SER A 5 14.17 -5.91 11.90
C SER A 5 12.97 -5.69 12.80
N SER A 6 12.14 -4.73 12.43
CA SER A 6 10.97 -4.37 13.21
C SER A 6 9.91 -5.46 13.14
N ARG A 7 9.70 -6.16 14.24
CA ARG A 7 8.75 -7.27 14.30
C ARG A 7 7.34 -6.76 14.60
N LEU A 8 6.38 -7.67 14.69
CA LEU A 8 5.00 -7.32 15.00
C LEU A 8 4.17 -8.59 15.14
N GLU A 9 3.90 -9.25 14.01
CA GLU A 9 3.06 -10.43 13.99
C GLU A 9 3.15 -11.13 12.62
N ALA A 10 3.21 -10.33 11.56
CA ALA A 10 3.25 -10.87 10.20
C ALA A 10 4.66 -11.31 9.82
N HIS A 11 5.37 -10.49 9.03
CA HIS A 11 6.74 -10.79 8.59
C HIS A 11 6.76 -12.10 7.81
N LEU A 12 5.99 -12.15 6.74
CA LEU A 12 5.92 -13.34 5.91
C LEU A 12 6.85 -13.21 4.70
N THR A 13 6.55 -12.26 3.82
CA THR A 13 7.33 -12.10 2.60
C THR A 13 8.15 -10.80 2.65
N ARG A 14 9.07 -10.63 1.71
CA ARG A 14 10.01 -9.51 1.74
C ARG A 14 9.29 -8.18 1.54
N ASP A 15 8.35 -8.15 0.62
CA ASP A 15 7.63 -6.92 0.30
C ASP A 15 6.79 -6.48 1.48
N GLU A 16 6.23 -7.46 2.18
CA GLU A 16 5.43 -7.19 3.36
C GLU A 16 6.35 -6.74 4.48
N LEU A 17 7.48 -7.42 4.58
CA LEU A 17 8.52 -7.11 5.54
C LEU A 17 8.95 -5.66 5.42
N ARG A 18 9.05 -5.17 4.19
CA ARG A 18 9.47 -3.80 3.94
C ARG A 18 8.40 -2.80 4.38
N ALA A 19 7.15 -3.07 4.01
CA ALA A 19 6.05 -2.18 4.36
C ALA A 19 5.79 -2.21 5.86
N LYS A 20 5.86 -3.40 6.43
CA LYS A 20 5.59 -3.60 7.84
C LYS A 20 6.69 -2.99 8.70
N ALA A 21 7.92 -2.99 8.17
CA ALA A 21 9.06 -2.39 8.86
C ALA A 21 8.81 -0.90 9.10
N LEU A 22 8.01 -0.30 8.23
CA LEU A 22 7.62 1.10 8.37
C LEU A 22 6.40 1.24 9.28
N HIS A 23 6.19 0.23 10.12
CA HIS A 23 5.12 0.24 11.13
C HIS A 23 3.73 0.03 10.49
N ILE A 24 3.67 -0.23 9.19
CA ILE A 24 2.40 -0.54 8.54
C ILE A 24 2.00 -1.98 8.83
N PRO A 25 0.86 -2.17 9.53
CA PRO A 25 0.39 -3.50 9.91
C PRO A 25 -0.44 -4.19 8.82
N PHE A 26 -0.57 -3.53 7.68
CA PHE A 26 -1.32 -4.06 6.56
C PHE A 26 -0.38 -4.40 5.40
N PRO A 27 -0.25 -5.70 5.05
CA PRO A 27 0.64 -6.15 3.98
C PRO A 27 0.40 -5.45 2.64
N VAL A 28 1.41 -5.42 1.79
CA VAL A 28 1.34 -4.68 0.52
C VAL A 28 0.07 -5.00 -0.28
N GLU A 29 -0.25 -6.29 -0.38
CA GLU A 29 -1.42 -6.73 -1.15
C GLU A 29 -2.70 -6.13 -0.61
N LYS A 30 -2.76 -5.94 0.70
CA LYS A 30 -3.91 -5.30 1.33
C LYS A 30 -3.98 -3.84 0.90
N ILE A 31 -2.84 -3.17 0.91
CA ILE A 31 -2.78 -1.74 0.57
C ILE A 31 -3.21 -1.53 -0.88
N ILE A 32 -2.76 -2.42 -1.75
CA ILE A 32 -3.18 -2.45 -3.13
C ILE A 32 -4.70 -2.53 -3.23
N ASN A 33 -5.32 -3.21 -2.26
CA ASN A 33 -6.75 -3.54 -2.36
C ASN A 33 -7.61 -2.60 -1.53
N LEU A 34 -7.01 -1.97 -0.53
CA LEU A 34 -7.71 -1.03 0.34
C LEU A 34 -8.31 0.12 -0.46
N PRO A 35 -9.63 0.31 -0.37
CA PRO A 35 -10.29 1.47 -0.96
C PRO A 35 -9.96 2.74 -0.19
N VAL A 36 -10.19 3.90 -0.78
CA VAL A 36 -9.81 5.17 -0.17
C VAL A 36 -10.26 5.26 1.30
N VAL A 37 -11.44 4.75 1.59
CA VAL A 37 -11.98 4.82 2.95
C VAL A 37 -11.03 4.14 3.95
N ASP A 38 -10.55 2.95 3.62
CA ASP A 38 -9.64 2.22 4.50
C ASP A 38 -8.29 2.89 4.49
N PHE A 39 -7.94 3.41 3.33
CA PHE A 39 -6.69 4.15 3.17
C PHE A 39 -6.72 5.36 4.09
N ASN A 40 -7.87 6.01 4.16
CA ASN A 40 -8.03 7.18 5.00
C ASN A 40 -8.08 6.77 6.47
N GLU A 41 -8.74 5.65 6.73
CA GLU A 41 -8.92 5.11 8.07
C GLU A 41 -7.58 4.93 8.79
N MET A 42 -6.65 4.25 8.13
CA MET A 42 -5.36 3.94 8.71
C MET A 42 -4.62 5.19 9.14
N MET A 43 -4.58 6.16 8.24
CA MET A 43 -3.90 7.42 8.49
C MET A 43 -4.61 8.19 9.59
N SER A 44 -5.92 8.02 9.63
CA SER A 44 -6.77 8.69 10.60
C SER A 44 -6.60 8.11 12.00
N LYS A 45 -6.79 6.80 12.11
CA LYS A 45 -6.82 6.12 13.41
C LYS A 45 -5.43 6.07 14.03
N GLU A 46 -4.42 5.77 13.22
CA GLU A 46 -3.08 5.63 13.72
C GLU A 46 -2.22 6.83 13.35
N GLN A 47 -0.94 6.75 13.68
CA GLN A 47 -0.03 7.86 13.50
C GLN A 47 1.28 7.39 12.89
N PHE A 48 1.30 7.37 11.57
CA PHE A 48 2.48 6.92 10.84
C PHE A 48 3.31 8.13 10.41
N ASN A 49 4.60 7.90 10.18
CA ASN A 49 5.51 8.98 9.78
C ASN A 49 5.53 9.08 8.26
N GLU A 50 6.37 9.96 7.74
CA GLU A 50 6.39 10.24 6.30
C GLU A 50 6.81 9.01 5.52
N ALA A 51 7.91 8.40 5.94
CA ALA A 51 8.41 7.17 5.36
C ALA A 51 7.31 6.12 5.27
N GLN A 52 6.54 6.05 6.34
CA GLN A 52 5.51 5.06 6.50
C GLN A 52 4.32 5.36 5.59
N LEU A 53 3.85 6.61 5.62
CA LEU A 53 2.66 7.01 4.89
C LEU A 53 2.96 7.04 3.40
N ALA A 54 4.20 7.39 3.09
CA ALA A 54 4.62 7.48 1.70
C ALA A 54 4.51 6.14 1.03
N LEU A 55 4.76 5.09 1.80
CA LEU A 55 4.63 3.75 1.31
C LEU A 55 3.17 3.42 1.04
N ILE A 56 2.33 3.63 2.06
CA ILE A 56 0.90 3.32 1.97
C ILE A 56 0.27 3.96 0.74
N ARG A 57 0.44 5.26 0.62
CA ARG A 57 -0.15 6.01 -0.49
C ARG A 57 0.39 5.52 -1.83
N ASP A 58 1.65 5.11 -1.86
CA ASP A 58 2.28 4.64 -3.08
C ASP A 58 1.73 3.28 -3.50
N ILE A 59 1.65 2.34 -2.56
CA ILE A 59 1.17 0.99 -2.87
C ILE A 59 -0.28 1.05 -3.33
N ARG A 60 -1.08 1.74 -2.55
CA ARG A 60 -2.49 1.98 -2.89
C ARG A 60 -2.59 2.56 -4.30
N ARG A 61 -1.72 3.52 -4.59
CA ARG A 61 -1.69 4.18 -5.89
C ARG A 61 -1.30 3.21 -7.01
N ARG A 62 -0.41 2.27 -6.69
CA ARG A 62 0.01 1.25 -7.65
C ARG A 62 -1.18 0.39 -8.06
N GLY A 63 -2.02 0.10 -7.08
CA GLY A 63 -3.23 -0.64 -7.35
C GLY A 63 -4.24 0.21 -8.09
N LYS A 64 -4.70 1.28 -7.43
CA LYS A 64 -5.66 2.23 -7.98
C LYS A 64 -7.03 1.57 -8.17
N ASN A 65 -7.07 0.57 -9.06
CA ASN A 65 -8.27 -0.21 -9.32
C ASN A 65 -7.87 -1.45 -10.10
N LYS A 66 -6.94 -2.20 -9.52
CA LYS A 66 -6.36 -3.39 -10.16
C LYS A 66 -5.50 -2.99 -11.37
N VAL A 67 -4.55 -3.85 -11.74
CA VAL A 67 -3.62 -3.52 -12.81
C VAL A 67 -4.22 -3.81 -14.19
N ALA A 68 -5.48 -4.26 -14.17
CA ALA A 68 -6.27 -4.48 -15.39
C ALA A 68 -5.67 -5.59 -16.27
N ALA A 69 -5.39 -6.73 -15.65
CA ALA A 69 -4.93 -7.93 -16.36
C ALA A 69 -3.58 -7.72 -17.05
N GLN A 70 -2.81 -6.75 -16.56
CA GLN A 70 -1.49 -6.48 -17.11
C GLN A 70 -0.45 -7.37 -16.44
N ASN A 71 0.47 -7.90 -17.22
CA ASN A 71 1.52 -8.77 -16.72
C ASN A 71 2.57 -7.96 -15.97
N CYS A 72 2.37 -7.81 -14.67
CA CYS A 72 3.29 -7.07 -13.83
C CYS A 72 3.85 -7.98 -12.74
N ARG A 73 4.65 -8.94 -13.15
CA ARG A 73 5.26 -9.88 -12.22
C ARG A 73 6.64 -10.31 -12.70
N LYS A 74 7.65 -9.62 -12.21
CA LYS A 74 9.03 -9.95 -12.49
C LYS A 74 9.78 -10.12 -11.18
N ARG A 75 10.82 -10.94 -11.17
CA ARG A 75 11.61 -11.14 -9.97
C ARG A 75 12.71 -10.08 -9.88
N LYS A 76 12.61 -9.23 -8.88
CA LYS A 76 13.57 -8.16 -8.68
C LYS A 76 14.71 -8.64 -7.78
N LEU A 77 15.93 -8.28 -8.16
CA LEU A 77 17.11 -8.69 -7.41
C LEU A 77 17.05 -8.18 -5.98
N GLU A 78 17.26 -9.11 -5.04
CA GLU A 78 17.21 -8.81 -3.62
C GLU A 78 18.43 -7.97 -3.21
N ASN A 79 18.19 -6.73 -2.83
CA ASN A 79 19.27 -5.85 -2.41
C ASN A 79 19.60 -6.09 -0.94
N ILE A 80 20.61 -6.91 -0.71
CA ILE A 80 21.07 -7.20 0.64
C ILE A 80 21.96 -6.07 1.16
N VAL A 81 22.19 -6.06 2.46
CA VAL A 81 23.00 -5.03 3.11
C VAL A 81 22.30 -3.67 3.01
N GLY A 1 14.44 -19.09 -0.48
CA GLY A 1 13.95 -17.79 0.07
C GLY A 1 15.08 -16.78 0.16
N ALA A 2 15.02 -15.91 1.16
CA ALA A 2 16.06 -14.91 1.35
C ALA A 2 16.40 -14.73 2.83
N LYS A 3 16.13 -15.78 3.60
CA LYS A 3 16.37 -15.79 5.04
C LYS A 3 15.77 -14.54 5.71
N HIS A 4 14.46 -14.56 5.86
CA HIS A 4 13.75 -13.42 6.45
C HIS A 4 13.53 -13.65 7.93
N SER A 5 13.93 -12.66 8.74
CA SER A 5 13.81 -12.74 10.18
C SER A 5 12.34 -12.67 10.60
N SER A 6 11.51 -12.12 9.74
CA SER A 6 10.08 -12.05 9.99
C SER A 6 9.43 -13.39 9.63
N ARG A 7 9.60 -14.38 10.50
CA ARG A 7 9.02 -15.69 10.28
C ARG A 7 7.70 -15.83 11.03
N LEU A 8 6.74 -16.49 10.39
CA LEU A 8 5.41 -16.69 10.96
C LEU A 8 4.69 -15.37 11.19
N GLU A 9 5.11 -14.37 10.43
CA GLU A 9 4.50 -13.04 10.47
C GLU A 9 4.73 -12.35 9.14
N ALA A 10 3.82 -11.45 8.77
CA ALA A 10 3.94 -10.69 7.53
C ALA A 10 3.95 -11.62 6.33
N HIS A 11 4.43 -11.12 5.20
CA HIS A 11 4.54 -11.92 3.99
C HIS A 11 5.98 -11.88 3.49
N LEU A 12 6.49 -13.03 3.07
CA LEU A 12 7.88 -13.14 2.69
C LEU A 12 8.12 -12.70 1.25
N THR A 13 7.60 -11.53 0.90
CA THR A 13 7.79 -10.99 -0.43
C THR A 13 8.43 -9.60 -0.34
N ARG A 14 9.20 -9.21 -1.36
CA ARG A 14 9.98 -7.99 -1.31
C ARG A 14 9.13 -6.76 -0.98
N ASP A 15 7.96 -6.67 -1.60
CA ASP A 15 7.08 -5.50 -1.45
C ASP A 15 6.59 -5.38 -0.01
N GLU A 16 6.37 -6.50 0.64
CA GLU A 16 5.84 -6.51 2.00
C GLU A 16 6.90 -6.01 2.96
N LEU A 17 8.12 -6.41 2.69
CA LEU A 17 9.28 -6.01 3.49
C LEU A 17 9.37 -4.50 3.61
N ARG A 18 8.98 -3.81 2.56
CA ARG A 18 9.00 -2.35 2.53
C ARG A 18 8.00 -1.78 3.53
N ALA A 19 6.75 -2.19 3.40
CA ALA A 19 5.67 -1.68 4.23
C ALA A 19 5.79 -2.17 5.66
N LYS A 20 5.93 -3.48 5.80
CA LYS A 20 5.93 -4.12 7.12
C LYS A 20 7.01 -3.54 8.03
N ALA A 21 8.16 -3.19 7.46
CA ALA A 21 9.24 -2.62 8.25
C ALA A 21 8.91 -1.21 8.72
N LEU A 22 8.09 -0.50 7.95
CA LEU A 22 7.76 0.88 8.22
C LEU A 22 6.56 1.02 9.14
N HIS A 23 6.36 0.04 10.01
CA HIS A 23 5.25 0.05 10.95
C HIS A 23 3.92 0.15 10.21
N ILE A 24 3.81 -0.57 9.12
CA ILE A 24 2.56 -0.66 8.39
C ILE A 24 1.88 -1.99 8.72
N PRO A 25 1.01 -2.00 9.75
CA PRO A 25 0.33 -3.22 10.21
C PRO A 25 -0.66 -3.75 9.17
N PHE A 26 -0.96 -2.92 8.20
CA PHE A 26 -1.80 -3.31 7.09
C PHE A 26 -0.93 -3.88 5.98
N PRO A 27 -1.06 -5.19 5.72
CA PRO A 27 -0.24 -5.90 4.73
C PRO A 27 -0.22 -5.22 3.37
N VAL A 28 0.91 -5.36 2.70
CA VAL A 28 1.13 -4.78 1.37
C VAL A 28 0.08 -5.28 0.38
N GLU A 29 -0.34 -6.53 0.55
CA GLU A 29 -1.38 -7.10 -0.28
C GLU A 29 -2.71 -6.39 -0.04
N LYS A 30 -2.95 -6.04 1.22
CA LYS A 30 -4.20 -5.39 1.61
C LYS A 30 -4.26 -3.97 1.06
N ILE A 31 -3.21 -3.19 1.25
CA ILE A 31 -3.21 -1.79 0.80
C ILE A 31 -3.39 -1.69 -0.71
N ILE A 32 -2.84 -2.67 -1.41
CA ILE A 32 -3.10 -2.83 -2.83
C ILE A 32 -4.60 -2.86 -3.12
N ASN A 33 -5.38 -3.39 -2.18
CA ASN A 33 -6.81 -3.64 -2.40
C ASN A 33 -7.69 -2.61 -1.69
N LEU A 34 -7.18 -2.06 -0.58
CA LEU A 34 -7.92 -1.06 0.21
C LEU A 34 -8.49 0.08 -0.65
N PRO A 35 -9.83 0.27 -0.61
CA PRO A 35 -10.49 1.39 -1.28
C PRO A 35 -10.21 2.71 -0.57
N VAL A 36 -10.41 3.84 -1.25
CA VAL A 36 -9.93 5.16 -0.80
C VAL A 36 -10.26 5.48 0.66
N VAL A 37 -11.51 5.43 1.06
CA VAL A 37 -11.88 5.88 2.40
C VAL A 37 -11.37 4.92 3.47
N ASP A 38 -11.36 3.64 3.13
CA ASP A 38 -10.79 2.62 3.99
C ASP A 38 -9.28 2.80 4.00
N PHE A 39 -8.77 3.29 2.88
CA PHE A 39 -7.35 3.58 2.71
C PHE A 39 -6.98 4.79 3.55
N ASN A 40 -7.91 5.73 3.66
CA ASN A 40 -7.72 6.89 4.50
C ASN A 40 -7.83 6.49 5.97
N GLU A 41 -8.69 5.49 6.21
CA GLU A 41 -8.86 4.87 7.51
C GLU A 41 -7.52 4.42 8.10
N MET A 42 -6.56 4.07 7.24
CA MET A 42 -5.21 3.70 7.69
C MET A 42 -4.69 4.73 8.69
N MET A 43 -4.71 6.00 8.29
CA MET A 43 -4.20 7.09 9.11
C MET A 43 -5.09 7.30 10.32
N SER A 44 -6.38 7.07 10.13
CA SER A 44 -7.36 7.23 11.17
C SER A 44 -7.13 6.24 12.31
N LYS A 45 -6.82 5.00 11.95
CA LYS A 45 -6.66 3.94 12.92
C LYS A 45 -5.24 3.91 13.48
N GLU A 46 -4.27 3.82 12.59
CA GLU A 46 -2.88 3.62 12.98
C GLU A 46 -2.15 4.96 13.02
N GLN A 47 -0.88 4.94 13.42
CA GLN A 47 -0.10 6.15 13.55
C GLN A 47 1.19 5.99 12.77
N PHE A 48 1.39 6.85 11.80
CA PHE A 48 2.50 6.67 10.88
C PHE A 48 3.44 7.86 10.87
N ASN A 49 4.69 7.59 10.55
CA ASN A 49 5.68 8.63 10.30
C ASN A 49 5.73 8.89 8.80
N GLU A 50 6.44 9.92 8.38
CA GLU A 50 6.46 10.34 6.97
C GLU A 50 6.84 9.18 6.05
N ALA A 51 7.93 8.50 6.40
CA ALA A 51 8.38 7.32 5.65
C ALA A 51 7.25 6.33 5.46
N GLN A 52 6.54 6.08 6.54
CA GLN A 52 5.50 5.07 6.58
C GLN A 52 4.27 5.52 5.80
N LEU A 53 3.99 6.82 5.84
CA LEU A 53 2.83 7.38 5.15
C LEU A 53 3.06 7.32 3.65
N ALA A 54 4.32 7.51 3.28
CA ALA A 54 4.71 7.45 1.89
C ALA A 54 4.51 6.05 1.35
N LEU A 55 4.72 5.07 2.21
CA LEU A 55 4.56 3.68 1.83
C LEU A 55 3.09 3.37 1.61
N ILE A 56 2.21 3.90 2.47
CA ILE A 56 0.76 3.69 2.32
C ILE A 56 0.33 4.01 0.90
N ARG A 57 0.70 5.18 0.44
CA ARG A 57 0.41 5.63 -0.91
C ARG A 57 1.16 4.80 -1.94
N ASP A 58 2.37 4.39 -1.58
CA ASP A 58 3.22 3.61 -2.48
C ASP A 58 2.59 2.25 -2.80
N ILE A 59 2.05 1.61 -1.77
CA ILE A 59 1.47 0.27 -1.93
C ILE A 59 0.20 0.34 -2.76
N ARG A 60 -0.66 1.30 -2.45
CA ARG A 60 -1.84 1.56 -3.25
C ARG A 60 -1.47 1.72 -4.73
N ARG A 61 -0.43 2.49 -4.97
CA ARG A 61 0.07 2.70 -6.33
C ARG A 61 0.69 1.42 -6.88
N ARG A 62 1.31 0.65 -5.99
CA ARG A 62 1.92 -0.63 -6.34
C ARG A 62 0.86 -1.59 -6.87
N GLY A 63 -0.34 -1.49 -6.33
CA GLY A 63 -1.44 -2.30 -6.81
C GLY A 63 -1.86 -1.92 -8.22
N LYS A 64 -1.74 -0.65 -8.54
CA LYS A 64 -2.09 -0.14 -9.85
C LYS A 64 -0.82 0.16 -10.64
N ASN A 65 -0.01 -0.88 -10.83
CA ASN A 65 1.30 -0.73 -11.44
C ASN A 65 1.22 -0.88 -12.96
N LYS A 66 2.06 -0.11 -13.65
CA LYS A 66 2.13 -0.17 -15.11
C LYS A 66 3.58 -0.03 -15.55
N VAL A 67 4.43 -0.90 -15.04
CA VAL A 67 5.85 -0.84 -15.33
C VAL A 67 6.29 -2.05 -16.14
N ALA A 68 5.47 -3.10 -16.10
CA ALA A 68 5.75 -4.36 -16.81
C ALA A 68 7.17 -4.85 -16.52
N ALA A 69 7.36 -5.34 -15.31
CA ALA A 69 8.66 -5.80 -14.86
C ALA A 69 8.97 -7.19 -15.39
N GLN A 70 9.75 -7.23 -16.47
CA GLN A 70 10.15 -8.48 -17.09
C GLN A 70 11.34 -9.08 -16.34
N ASN A 71 12.22 -8.21 -15.86
CA ASN A 71 13.42 -8.63 -15.14
C ASN A 71 13.12 -8.85 -13.66
N CYS A 72 14.13 -8.66 -12.82
CA CYS A 72 14.02 -8.95 -11.39
C CYS A 72 13.87 -10.46 -11.20
N ARG A 73 14.80 -11.19 -11.81
CA ARG A 73 14.77 -12.65 -11.76
C ARG A 73 15.36 -13.14 -10.45
N LYS A 74 14.80 -14.22 -9.94
CA LYS A 74 15.20 -14.76 -8.64
C LYS A 74 16.55 -15.46 -8.71
N ARG A 75 16.96 -15.84 -9.92
CA ARG A 75 18.28 -16.41 -10.11
C ARG A 75 19.24 -15.34 -10.59
N LYS A 76 19.51 -14.38 -9.73
CA LYS A 76 20.41 -13.29 -10.07
C LYS A 76 21.85 -13.67 -9.73
N LEU A 77 22.04 -14.16 -8.52
CA LEU A 77 23.36 -14.59 -8.07
C LEU A 77 23.21 -15.81 -7.16
N GLU A 78 22.84 -16.93 -7.75
CA GLU A 78 22.73 -18.17 -7.02
C GLU A 78 24.10 -18.85 -6.96
N ASN A 79 24.77 -18.70 -5.84
CA ASN A 79 26.10 -19.26 -5.66
C ASN A 79 26.04 -20.60 -4.95
N ILE A 80 27.02 -21.45 -5.22
CA ILE A 80 27.10 -22.75 -4.59
C ILE A 80 28.47 -22.92 -3.92
N VAL A 81 28.46 -23.33 -2.66
CA VAL A 81 29.70 -23.48 -1.91
C VAL A 81 30.09 -24.95 -1.83
N GLY A 1 6.35 -15.96 -3.52
CA GLY A 1 5.47 -14.80 -3.79
C GLY A 1 5.56 -14.33 -5.22
N ALA A 2 4.94 -15.08 -6.12
CA ALA A 2 4.93 -14.78 -7.55
C ALA A 2 6.34 -14.72 -8.13
N LYS A 3 6.92 -13.53 -8.16
CA LYS A 3 8.23 -13.33 -8.76
C LYS A 3 9.34 -13.64 -7.77
N HIS A 4 9.13 -13.31 -6.50
CA HIS A 4 10.15 -13.49 -5.49
C HIS A 4 9.87 -14.72 -4.64
N SER A 5 10.81 -15.65 -4.63
CA SER A 5 10.71 -16.85 -3.81
C SER A 5 10.97 -16.52 -2.34
N SER A 6 11.84 -15.55 -2.11
CA SER A 6 12.16 -15.12 -0.76
C SER A 6 11.01 -14.30 -0.18
N ARG A 7 10.86 -14.33 1.14
CA ARG A 7 9.78 -13.62 1.80
C ARG A 7 10.25 -12.96 3.09
N LEU A 8 11.19 -13.62 3.77
CA LEU A 8 11.66 -13.18 5.08
C LEU A 8 10.52 -13.21 6.11
N GLU A 9 10.78 -12.69 7.29
CA GLU A 9 9.77 -12.65 8.35
C GLU A 9 8.77 -11.53 8.12
N ALA A 10 7.87 -11.75 7.18
CA ALA A 10 6.81 -10.81 6.90
C ALA A 10 5.48 -11.54 6.79
N HIS A 11 4.38 -10.80 6.67
CA HIS A 11 3.06 -11.41 6.58
C HIS A 11 3.01 -12.44 5.44
N LEU A 12 3.60 -12.10 4.30
CA LEU A 12 3.55 -12.99 3.15
C LEU A 12 4.78 -12.83 2.25
N THR A 13 4.94 -11.68 1.63
CA THR A 13 5.95 -11.47 0.63
C THR A 13 7.20 -10.78 1.18
N ARG A 14 8.23 -10.70 0.33
CA ARG A 14 9.41 -9.89 0.61
C ARG A 14 9.03 -8.42 0.54
N ASP A 15 8.11 -8.12 -0.37
CA ASP A 15 7.56 -6.78 -0.51
C ASP A 15 6.83 -6.38 0.77
N GLU A 16 6.25 -7.38 1.43
CA GLU A 16 5.51 -7.17 2.67
C GLU A 16 6.45 -6.69 3.77
N LEU A 17 7.69 -7.15 3.72
CA LEU A 17 8.73 -6.75 4.64
C LEU A 17 8.86 -5.24 4.67
N ARG A 18 8.69 -4.62 3.49
CA ARG A 18 8.74 -3.18 3.37
C ARG A 18 7.72 -2.54 4.30
N ALA A 19 6.53 -3.12 4.33
CA ALA A 19 5.45 -2.54 5.12
C ALA A 19 5.73 -2.68 6.60
N LYS A 20 6.31 -3.82 6.98
CA LYS A 20 6.70 -4.05 8.36
C LYS A 20 7.80 -3.07 8.74
N ALA A 21 8.66 -2.76 7.79
CA ALA A 21 9.75 -1.81 8.01
C ALA A 21 9.22 -0.39 8.18
N LEU A 22 8.07 -0.12 7.58
CA LEU A 22 7.46 1.20 7.66
C LEU A 22 6.37 1.24 8.71
N HIS A 23 6.42 0.30 9.65
CA HIS A 23 5.50 0.28 10.79
C HIS A 23 4.04 0.16 10.34
N ILE A 24 3.83 -0.41 9.16
CA ILE A 24 2.49 -0.55 8.60
C ILE A 24 1.95 -1.94 8.90
N PRO A 25 0.85 -2.02 9.69
CA PRO A 25 0.22 -3.29 10.04
C PRO A 25 -0.69 -3.82 8.93
N PHE A 26 -0.87 -3.01 7.89
CA PHE A 26 -1.71 -3.38 6.76
C PHE A 26 -0.86 -3.95 5.63
N PRO A 27 -1.06 -5.25 5.30
CA PRO A 27 -0.30 -5.95 4.26
C PRO A 27 -0.29 -5.22 2.93
N VAL A 28 0.86 -5.31 2.25
CA VAL A 28 1.13 -4.55 1.03
C VAL A 28 0.15 -4.88 -0.09
N GLU A 29 -0.19 -6.15 -0.26
CA GLU A 29 -1.13 -6.54 -1.30
C GLU A 29 -2.51 -5.99 -0.97
N LYS A 30 -2.81 -5.94 0.31
CA LYS A 30 -4.07 -5.37 0.78
C LYS A 30 -4.07 -3.87 0.56
N ILE A 31 -2.91 -3.24 0.66
CA ILE A 31 -2.79 -1.79 0.41
C ILE A 31 -3.26 -1.45 -0.99
N ILE A 32 -2.96 -2.33 -1.93
CA ILE A 32 -3.41 -2.21 -3.29
C ILE A 32 -4.94 -2.23 -3.36
N ASN A 33 -5.56 -2.95 -2.44
CA ASN A 33 -7.00 -3.19 -2.49
C ASN A 33 -7.74 -2.30 -1.50
N LEU A 34 -6.99 -1.78 -0.53
CA LEU A 34 -7.53 -0.95 0.53
C LEU A 34 -8.21 0.28 -0.06
N PRO A 35 -9.53 0.41 0.15
CA PRO A 35 -10.31 1.55 -0.37
C PRO A 35 -10.00 2.86 0.35
N VAL A 36 -10.34 3.97 -0.29
CA VAL A 36 -10.09 5.30 0.26
C VAL A 36 -10.57 5.41 1.71
N VAL A 37 -11.79 4.97 1.97
CA VAL A 37 -12.39 5.14 3.29
C VAL A 37 -11.64 4.35 4.36
N ASP A 38 -11.17 3.17 3.99
CA ASP A 38 -10.34 2.38 4.87
C ASP A 38 -9.03 3.10 5.06
N PHE A 39 -8.62 3.80 4.02
CA PHE A 39 -7.39 4.58 4.06
C PHE A 39 -7.60 5.81 4.95
N ASN A 40 -8.82 6.35 4.92
CA ASN A 40 -9.15 7.51 5.73
C ASN A 40 -9.07 7.14 7.19
N GLU A 41 -9.44 5.89 7.49
CA GLU A 41 -9.34 5.33 8.83
C GLU A 41 -7.89 5.38 9.32
N MET A 42 -6.98 4.98 8.43
CA MET A 42 -5.55 4.98 8.72
C MET A 42 -5.07 6.37 9.11
N MET A 43 -5.48 7.33 8.30
CA MET A 43 -5.10 8.73 8.50
C MET A 43 -5.76 9.26 9.76
N SER A 44 -6.96 8.76 10.02
CA SER A 44 -7.75 9.19 11.16
C SER A 44 -7.12 8.71 12.47
N LYS A 45 -6.54 7.51 12.44
CA LYS A 45 -5.83 6.98 13.60
C LYS A 45 -4.53 7.74 13.82
N GLU A 46 -3.85 8.04 12.72
CA GLU A 46 -2.63 8.85 12.76
C GLU A 46 -1.59 8.22 13.68
N GLN A 47 -1.03 7.10 13.23
CA GLN A 47 -0.01 6.38 13.99
C GLN A 47 1.20 6.13 13.11
N PHE A 48 1.26 6.83 11.98
CA PHE A 48 2.28 6.59 10.99
C PHE A 48 2.99 7.90 10.65
N ASN A 49 4.29 7.83 10.40
CA ASN A 49 5.06 9.02 10.07
C ASN A 49 5.12 9.20 8.56
N GLU A 50 5.87 10.18 8.10
CA GLU A 50 5.94 10.51 6.69
C GLU A 50 6.39 9.33 5.86
N ALA A 51 7.51 8.74 6.26
CA ALA A 51 8.07 7.58 5.59
C ALA A 51 7.08 6.44 5.57
N GLN A 52 6.36 6.27 6.67
CA GLN A 52 5.45 5.16 6.84
C GLN A 52 4.24 5.32 5.93
N LEU A 53 3.69 6.54 5.90
CA LEU A 53 2.51 6.85 5.12
C LEU A 53 2.84 6.81 3.64
N ALA A 54 4.09 7.18 3.36
CA ALA A 54 4.58 7.25 2.01
C ALA A 54 4.46 5.92 1.31
N LEU A 55 4.62 4.84 2.08
CA LEU A 55 4.58 3.50 1.52
C LEU A 55 3.16 3.16 1.08
N ILE A 56 2.17 3.56 1.89
CA ILE A 56 0.78 3.21 1.63
C ILE A 56 0.36 3.67 0.24
N ARG A 57 0.69 4.91 -0.10
CA ARG A 57 0.39 5.42 -1.42
C ARG A 57 1.29 4.76 -2.48
N ASP A 58 2.52 4.46 -2.09
CA ASP A 58 3.49 3.82 -2.99
C ASP A 58 2.99 2.47 -3.48
N ILE A 59 2.61 1.61 -2.53
CA ILE A 59 2.19 0.26 -2.86
C ILE A 59 0.90 0.27 -3.68
N ARG A 60 -0.08 1.00 -3.17
CA ARG A 60 -1.38 1.11 -3.82
C ARG A 60 -1.26 1.62 -5.24
N ARG A 61 -0.48 2.68 -5.43
CA ARG A 61 -0.31 3.28 -6.74
C ARG A 61 0.49 2.36 -7.66
N ARG A 62 1.44 1.62 -7.08
CA ARG A 62 2.19 0.63 -7.86
C ARG A 62 1.25 -0.40 -8.46
N GLY A 63 0.19 -0.70 -7.74
CA GLY A 63 -0.81 -1.65 -8.21
C GLY A 63 -1.66 -1.07 -9.32
N LYS A 64 -1.52 0.23 -9.56
CA LYS A 64 -2.26 0.92 -10.61
C LYS A 64 -3.76 0.89 -10.32
N ASN A 65 -4.16 1.68 -9.33
CA ASN A 65 -5.55 1.73 -8.90
C ASN A 65 -6.24 2.98 -9.41
N LYS A 66 -6.83 2.90 -10.59
CA LYS A 66 -7.52 4.03 -11.17
C LYS A 66 -9.02 3.77 -11.24
N VAL A 67 -9.80 4.84 -11.38
CA VAL A 67 -11.26 4.72 -11.46
C VAL A 67 -11.68 3.85 -12.65
N ALA A 68 -10.97 4.01 -13.74
CA ALA A 68 -11.20 3.23 -14.95
C ALA A 68 -9.91 3.13 -15.75
N ALA A 69 -9.58 4.20 -16.46
CA ALA A 69 -8.35 4.25 -17.23
C ALA A 69 -7.69 5.61 -17.06
N GLN A 70 -7.56 6.02 -15.80
CA GLN A 70 -6.91 7.28 -15.42
C GLN A 70 -7.76 8.50 -15.81
N ASN A 71 -7.75 8.85 -17.09
CA ASN A 71 -8.41 10.06 -17.55
C ASN A 71 -9.92 9.89 -17.57
N CYS A 72 -10.39 8.78 -18.13
CA CYS A 72 -11.81 8.52 -18.18
C CYS A 72 -12.32 8.02 -16.83
N ARG A 73 -13.33 8.71 -16.32
CA ARG A 73 -13.92 8.34 -15.05
C ARG A 73 -15.17 7.50 -15.27
N LYS A 74 -15.25 6.39 -14.53
CA LYS A 74 -16.35 5.45 -14.67
C LYS A 74 -17.66 6.04 -14.14
N ARG A 75 -17.53 6.86 -13.08
CA ARG A 75 -18.69 7.45 -12.40
C ARG A 75 -19.49 6.36 -11.68
N LYS A 76 -20.46 6.75 -10.86
CA LYS A 76 -21.28 5.80 -10.11
C LYS A 76 -20.43 4.96 -9.17
N LEU A 77 -19.87 5.62 -8.17
CA LEU A 77 -19.02 4.95 -7.18
C LEU A 77 -19.84 3.88 -6.46
N GLU A 78 -20.96 4.29 -5.90
CA GLU A 78 -21.87 3.37 -5.23
C GLU A 78 -23.25 4.01 -5.17
N ASN A 79 -23.27 5.27 -4.79
CA ASN A 79 -24.49 6.07 -4.81
C ASN A 79 -24.76 6.54 -6.24
N ILE A 80 -26.02 6.52 -6.63
CA ILE A 80 -26.41 6.88 -7.98
C ILE A 80 -26.78 8.36 -8.08
N VAL A 81 -25.77 9.20 -8.24
CA VAL A 81 -26.00 10.62 -8.40
C VAL A 81 -25.92 11.00 -9.87
N GLY A 1 -2.30 -10.82 19.77
CA GLY A 1 -2.61 -11.15 21.18
C GLY A 1 -2.02 -12.49 21.58
N ALA A 2 -2.06 -12.79 22.87
CA ALA A 2 -1.53 -14.04 23.39
C ALA A 2 -2.24 -15.24 22.76
N LYS A 3 -1.45 -16.16 22.21
CA LYS A 3 -1.97 -17.36 21.55
C LYS A 3 -2.81 -17.00 20.35
N HIS A 4 -2.63 -15.78 19.84
CA HIS A 4 -3.43 -15.29 18.73
C HIS A 4 -2.59 -14.40 17.84
N SER A 5 -1.58 -14.99 17.22
CA SER A 5 -0.75 -14.29 16.26
C SER A 5 -1.17 -14.68 14.84
N SER A 6 -2.46 -14.58 14.57
CA SER A 6 -3.01 -14.95 13.29
C SER A 6 -2.53 -14.02 12.20
N ARG A 7 -2.32 -12.76 12.57
CA ARG A 7 -1.79 -11.76 11.64
C ARG A 7 -0.34 -12.07 11.31
N LEU A 8 -0.04 -12.15 10.02
CA LEU A 8 1.31 -12.50 9.58
C LEU A 8 2.22 -11.27 9.51
N GLU A 9 2.11 -10.42 10.53
CA GLU A 9 2.91 -9.18 10.63
C GLU A 9 2.54 -8.20 9.51
N ALA A 10 3.10 -8.44 8.33
CA ALA A 10 2.78 -7.67 7.14
C ALA A 10 2.59 -8.65 5.99
N HIS A 11 3.62 -9.46 5.76
CA HIS A 11 3.56 -10.61 4.86
C HIS A 11 4.94 -11.26 4.78
N LEU A 12 5.27 -11.95 3.69
CA LEU A 12 6.46 -12.79 3.70
C LEU A 12 7.60 -12.26 2.83
N THR A 13 7.31 -11.83 1.60
CA THR A 13 8.41 -11.54 0.65
C THR A 13 8.98 -10.15 0.90
N ARG A 14 10.14 -9.88 0.30
CA ARG A 14 10.90 -8.66 0.58
C ARG A 14 10.07 -7.39 0.37
N ASP A 15 9.30 -7.34 -0.71
CA ASP A 15 8.46 -6.19 -1.01
C ASP A 15 7.43 -6.02 0.10
N GLU A 16 6.93 -7.14 0.58
CA GLU A 16 5.92 -7.17 1.62
C GLU A 16 6.51 -6.79 2.97
N LEU A 17 7.76 -7.20 3.17
CA LEU A 17 8.49 -6.95 4.41
C LEU A 17 8.75 -5.45 4.60
N ARG A 18 8.95 -4.75 3.49
CA ARG A 18 9.20 -3.30 3.53
C ARG A 18 8.09 -2.59 4.30
N ALA A 19 6.87 -3.08 4.19
CA ALA A 19 5.76 -2.49 4.91
C ALA A 19 5.98 -2.56 6.41
N LYS A 20 6.46 -3.70 6.88
CA LYS A 20 6.78 -3.86 8.29
C LYS A 20 7.97 -2.98 8.65
N ALA A 21 8.90 -2.83 7.72
CA ALA A 21 10.05 -1.96 7.90
C ALA A 21 9.61 -0.50 8.04
N LEU A 22 8.48 -0.16 7.43
CA LEU A 22 7.90 1.16 7.56
C LEU A 22 6.86 1.19 8.67
N HIS A 23 6.91 0.17 9.52
CA HIS A 23 6.02 0.09 10.68
C HIS A 23 4.55 0.10 10.24
N ILE A 24 4.28 -0.52 9.11
CA ILE A 24 2.92 -0.60 8.58
C ILE A 24 2.31 -1.95 8.95
N PRO A 25 1.28 -1.96 9.82
CA PRO A 25 0.61 -3.19 10.23
C PRO A 25 -0.48 -3.61 9.24
N PHE A 26 -0.52 -2.93 8.09
CA PHE A 26 -1.46 -3.28 7.03
C PHE A 26 -0.70 -3.89 5.86
N PRO A 27 -0.99 -5.17 5.54
CA PRO A 27 -0.33 -5.89 4.45
C PRO A 27 -0.40 -5.14 3.12
N VAL A 28 0.70 -5.22 2.36
CA VAL A 28 0.79 -4.55 1.06
C VAL A 28 -0.28 -5.06 0.09
N GLU A 29 -0.60 -6.35 0.20
CA GLU A 29 -1.66 -6.95 -0.59
C GLU A 29 -3.00 -6.29 -0.26
N LYS A 30 -3.15 -5.91 1.00
CA LYS A 30 -4.31 -5.18 1.45
C LYS A 30 -4.26 -3.74 0.95
N ILE A 31 -3.09 -3.12 1.00
CA ILE A 31 -2.95 -1.71 0.63
C ILE A 31 -3.27 -1.45 -0.84
N ILE A 32 -2.85 -2.35 -1.70
CA ILE A 32 -3.20 -2.27 -3.11
C ILE A 32 -4.73 -2.30 -3.27
N ASN A 33 -5.38 -2.99 -2.33
CA ASN A 33 -6.80 -3.28 -2.44
C ASN A 33 -7.63 -2.31 -1.61
N LEU A 34 -6.99 -1.65 -0.65
CA LEU A 34 -7.63 -0.65 0.21
C LEU A 34 -8.48 0.34 -0.59
N PRO A 35 -9.79 0.39 -0.30
CA PRO A 35 -10.69 1.39 -0.87
C PRO A 35 -10.47 2.77 -0.25
N VAL A 36 -10.87 3.82 -0.94
CA VAL A 36 -10.59 5.19 -0.51
C VAL A 36 -10.95 5.44 0.95
N VAL A 37 -12.15 5.08 1.35
CA VAL A 37 -12.65 5.42 2.68
C VAL A 37 -11.88 4.69 3.78
N ASP A 38 -11.60 3.43 3.54
CA ASP A 38 -10.83 2.62 4.47
C ASP A 38 -9.40 3.10 4.45
N PHE A 39 -9.00 3.60 3.29
CA PHE A 39 -7.66 4.16 3.13
C PHE A 39 -7.56 5.44 3.95
N ASN A 40 -8.64 6.21 3.93
CA ASN A 40 -8.67 7.47 4.64
C ASN A 40 -8.70 7.22 6.14
N GLU A 41 -9.34 6.12 6.53
CA GLU A 41 -9.33 5.67 7.92
C GLU A 41 -7.91 5.62 8.47
N MET A 42 -7.00 5.08 7.66
CA MET A 42 -5.58 4.98 8.04
C MET A 42 -4.97 6.35 8.26
N MET A 43 -5.19 7.22 7.28
CA MET A 43 -4.63 8.57 7.31
C MET A 43 -5.26 9.36 8.45
N SER A 44 -6.52 9.06 8.70
CA SER A 44 -7.27 9.71 9.77
C SER A 44 -6.78 9.24 11.14
N LYS A 45 -6.51 7.94 11.24
CA LYS A 45 -6.00 7.36 12.47
C LYS A 45 -4.62 7.92 12.79
N GLU A 46 -3.79 8.00 11.75
CA GLU A 46 -2.46 8.59 11.86
C GLU A 46 -1.66 7.95 12.99
N GLN A 47 -1.27 6.72 12.78
CA GLN A 47 -0.41 6.01 13.72
C GLN A 47 0.92 5.77 13.04
N PHE A 48 1.09 6.46 11.94
CA PHE A 48 2.21 6.24 11.05
C PHE A 48 2.93 7.56 10.78
N ASN A 49 4.25 7.49 10.67
CA ASN A 49 5.04 8.67 10.40
C ASN A 49 5.05 8.94 8.90
N GLU A 50 5.80 9.94 8.46
CA GLU A 50 5.75 10.38 7.08
C GLU A 50 6.27 9.28 6.15
N ALA A 51 7.41 8.72 6.53
CA ALA A 51 8.02 7.61 5.81
C ALA A 51 7.01 6.48 5.60
N GLN A 52 6.24 6.23 6.65
CA GLN A 52 5.30 5.13 6.68
C GLN A 52 4.12 5.40 5.74
N LEU A 53 3.65 6.63 5.74
CA LEU A 53 2.50 7.03 4.94
C LEU A 53 2.91 7.03 3.49
N ALA A 54 4.17 7.35 3.27
CA ALA A 54 4.73 7.43 1.95
C ALA A 54 4.68 6.08 1.28
N LEU A 55 4.86 5.02 2.06
CA LEU A 55 4.79 3.68 1.52
C LEU A 55 3.36 3.34 1.13
N ILE A 56 2.43 3.63 2.04
CA ILE A 56 1.02 3.28 1.83
C ILE A 56 0.52 3.78 0.47
N ARG A 57 0.81 5.02 0.15
CA ARG A 57 0.40 5.58 -1.13
C ARG A 57 1.14 4.90 -2.29
N ASP A 58 2.40 4.52 -2.04
CA ASP A 58 3.22 3.88 -3.07
C ASP A 58 2.73 2.46 -3.35
N ILE A 59 2.30 1.75 -2.32
CA ILE A 59 1.85 0.38 -2.49
C ILE A 59 0.57 0.36 -3.33
N ARG A 60 -0.39 1.18 -2.94
CA ARG A 60 -1.60 1.39 -3.76
C ARG A 60 -1.20 1.69 -5.19
N ARG A 61 -0.22 2.58 -5.34
CA ARG A 61 0.32 2.99 -6.63
C ARG A 61 0.81 1.77 -7.43
N ARG A 62 1.53 0.88 -6.76
CA ARG A 62 2.06 -0.31 -7.41
C ARG A 62 0.94 -1.23 -7.86
N GLY A 63 -0.11 -1.30 -7.05
CA GLY A 63 -1.26 -2.13 -7.38
C GLY A 63 -1.99 -1.66 -8.61
N LYS A 64 -1.92 -0.35 -8.86
CA LYS A 64 -2.52 0.22 -10.06
C LYS A 64 -1.59 0.02 -11.25
N ASN A 65 -1.53 -1.22 -11.73
CA ASN A 65 -0.65 -1.58 -12.82
C ASN A 65 -1.41 -1.74 -14.13
N LYS A 66 -1.18 -0.80 -15.05
CA LYS A 66 -1.75 -0.82 -16.40
C LYS A 66 -3.25 -0.55 -16.38
N VAL A 67 -3.66 0.50 -17.08
CA VAL A 67 -5.07 0.85 -17.18
C VAL A 67 -5.67 0.16 -18.38
N ALA A 68 -5.16 0.56 -19.53
CA ALA A 68 -5.62 0.07 -20.83
C ALA A 68 -4.86 0.79 -21.94
N ALA A 69 -4.45 2.03 -21.65
CA ALA A 69 -3.77 2.88 -22.61
C ALA A 69 -4.63 3.15 -23.85
N GLN A 70 -4.51 2.28 -24.85
CA GLN A 70 -5.27 2.43 -26.08
C GLN A 70 -6.05 1.16 -26.37
N ASN A 71 -7.11 1.28 -27.17
CA ASN A 71 -7.95 0.13 -27.48
C ASN A 71 -7.96 -0.18 -28.97
N CYS A 72 -6.96 0.33 -29.68
CA CYS A 72 -6.83 0.07 -31.10
C CYS A 72 -6.05 -1.21 -31.33
N ARG A 73 -6.68 -2.33 -31.02
CA ARG A 73 -6.03 -3.63 -31.10
C ARG A 73 -6.03 -4.15 -32.53
N LYS A 74 -7.08 -3.81 -33.29
CA LYS A 74 -7.24 -4.29 -34.66
C LYS A 74 -7.39 -5.81 -34.71
N ARG A 75 -8.62 -6.29 -34.59
CA ARG A 75 -8.91 -7.71 -34.73
C ARG A 75 -9.01 -8.06 -36.21
N LYS A 76 -7.85 -8.28 -36.84
CA LYS A 76 -7.78 -8.54 -38.28
C LYS A 76 -8.32 -7.35 -39.06
N LEU A 77 -8.07 -6.16 -38.53
CA LEU A 77 -8.58 -4.93 -39.11
C LEU A 77 -7.47 -4.19 -39.83
N GLU A 78 -6.78 -4.89 -40.71
CA GLU A 78 -5.73 -4.30 -41.51
C GLU A 78 -5.62 -5.02 -42.84
N ASN A 79 -6.39 -4.55 -43.82
CA ASN A 79 -6.39 -5.15 -45.14
C ASN A 79 -6.63 -4.07 -46.20
N ILE A 80 -6.03 -4.24 -47.36
CA ILE A 80 -6.16 -3.27 -48.43
C ILE A 80 -7.41 -3.55 -49.24
N VAL A 81 -8.26 -2.55 -49.37
CA VAL A 81 -9.48 -2.69 -50.13
C VAL A 81 -9.73 -1.44 -50.97
N GLY A 1 8.94 1.60 19.28
CA GLY A 1 10.14 2.13 19.96
C GLY A 1 11.40 1.62 19.30
N ALA A 2 12.41 1.29 20.12
CA ALA A 2 13.66 0.76 19.61
C ALA A 2 13.47 -0.67 19.13
N LYS A 3 14.11 -0.99 18.01
CA LYS A 3 13.96 -2.31 17.41
C LYS A 3 15.21 -3.16 17.65
N HIS A 4 16.06 -2.70 18.57
CA HIS A 4 17.25 -3.43 19.00
C HIS A 4 18.31 -3.48 17.88
N SER A 5 18.09 -4.36 16.92
CA SER A 5 19.03 -4.58 15.83
C SER A 5 18.47 -5.68 14.93
N SER A 6 18.49 -6.89 15.45
CA SER A 6 17.84 -8.01 14.82
C SER A 6 16.41 -8.10 15.33
N ARG A 7 15.45 -8.26 14.42
CA ARG A 7 14.05 -8.25 14.79
C ARG A 7 13.25 -9.07 13.78
N LEU A 8 12.04 -9.46 14.18
CA LEU A 8 11.15 -10.20 13.31
C LEU A 8 10.53 -9.26 12.29
N GLU A 9 11.18 -9.14 11.14
CA GLU A 9 10.73 -8.26 10.08
C GLU A 9 10.47 -9.04 8.80
N ALA A 10 11.12 -10.20 8.67
CA ALA A 10 10.95 -11.04 7.50
C ALA A 10 9.60 -11.73 7.51
N HIS A 11 8.58 -11.01 7.04
CA HIS A 11 7.24 -11.55 6.97
C HIS A 11 6.99 -12.22 5.63
N LEU A 12 6.97 -11.42 4.56
CA LEU A 12 6.68 -11.94 3.23
C LEU A 12 7.65 -11.37 2.19
N THR A 13 7.12 -10.90 1.05
CA THR A 13 7.93 -10.41 -0.06
C THR A 13 8.70 -9.15 0.32
N ARG A 14 9.61 -8.72 -0.56
CA ARG A 14 10.46 -7.56 -0.31
C ARG A 14 9.63 -6.30 -0.01
N ASP A 15 8.55 -6.12 -0.76
CA ASP A 15 7.67 -4.97 -0.57
C ASP A 15 7.00 -5.04 0.80
N GLU A 16 6.69 -6.26 1.21
CA GLU A 16 6.02 -6.49 2.46
C GLU A 16 6.97 -6.21 3.62
N LEU A 17 8.24 -6.51 3.39
CA LEU A 17 9.30 -6.25 4.35
C LEU A 17 9.41 -4.75 4.60
N ARG A 18 9.20 -3.97 3.56
CA ARG A 18 9.27 -2.52 3.67
C ARG A 18 8.10 -2.00 4.50
N ALA A 19 6.93 -2.60 4.32
CA ALA A 19 5.75 -2.23 5.08
C ALA A 19 5.91 -2.62 6.54
N LYS A 20 6.49 -3.79 6.77
CA LYS A 20 6.72 -4.30 8.12
C LYS A 20 7.72 -3.41 8.85
N ALA A 21 8.73 -2.95 8.13
CA ALA A 21 9.74 -2.07 8.70
C ALA A 21 9.17 -0.69 8.99
N LEU A 22 8.13 -0.31 8.26
CA LEU A 22 7.55 1.01 8.38
C LEU A 22 6.31 1.00 9.26
N HIS A 23 6.22 0.00 10.13
CA HIS A 23 5.15 -0.08 11.13
C HIS A 23 3.77 -0.07 10.48
N ILE A 24 3.66 -0.67 9.30
CA ILE A 24 2.38 -0.73 8.60
C ILE A 24 1.67 -2.06 8.90
N PRO A 25 0.59 -2.03 9.70
CA PRO A 25 -0.14 -3.25 10.09
C PRO A 25 -1.00 -3.79 8.95
N PHE A 26 -1.09 -3.04 7.87
CA PHE A 26 -1.80 -3.49 6.68
C PHE A 26 -0.79 -3.84 5.59
N PRO A 27 -0.60 -5.14 5.35
CA PRO A 27 0.36 -5.63 4.35
C PRO A 27 0.09 -5.08 2.95
N VAL A 28 1.11 -5.11 2.10
CA VAL A 28 1.03 -4.58 0.74
C VAL A 28 -0.16 -5.17 -0.02
N GLU A 29 -0.48 -6.44 0.27
CA GLU A 29 -1.61 -7.12 -0.34
C GLU A 29 -2.90 -6.33 -0.12
N LYS A 30 -3.07 -5.82 1.09
CA LYS A 30 -4.20 -4.99 1.42
C LYS A 30 -4.08 -3.61 0.81
N ILE A 31 -2.90 -3.00 0.92
CA ILE A 31 -2.71 -1.61 0.52
C ILE A 31 -3.05 -1.36 -0.94
N ILE A 32 -2.70 -2.30 -1.80
CA ILE A 32 -3.05 -2.21 -3.22
C ILE A 32 -4.55 -2.12 -3.40
N ASN A 33 -5.31 -2.72 -2.49
CA ASN A 33 -6.74 -2.89 -2.67
C ASN A 33 -7.57 -2.07 -1.68
N LEU A 34 -6.91 -1.49 -0.67
CA LEU A 34 -7.58 -0.62 0.30
C LEU A 34 -8.51 0.39 -0.39
N PRO A 35 -9.82 0.34 -0.09
CA PRO A 35 -10.80 1.29 -0.61
C PRO A 35 -10.66 2.66 0.04
N VAL A 36 -11.17 3.70 -0.61
CA VAL A 36 -11.01 5.08 -0.13
C VAL A 36 -11.41 5.22 1.33
N VAL A 37 -12.61 4.77 1.67
CA VAL A 37 -13.17 5.02 2.99
C VAL A 37 -12.34 4.32 4.07
N ASP A 38 -11.88 3.13 3.77
CA ASP A 38 -11.02 2.37 4.67
C ASP A 38 -9.66 3.02 4.72
N PHE A 39 -9.26 3.58 3.58
CA PHE A 39 -8.00 4.29 3.47
C PHE A 39 -8.06 5.58 4.28
N ASN A 40 -9.25 6.17 4.34
CA ASN A 40 -9.46 7.37 5.13
C ASN A 40 -9.33 7.02 6.60
N GLU A 41 -9.77 5.81 6.94
CA GLU A 41 -9.62 5.29 8.29
C GLU A 41 -8.14 5.16 8.66
N MET A 42 -7.32 4.80 7.67
CA MET A 42 -5.89 4.66 7.86
C MET A 42 -5.30 5.97 8.40
N MET A 43 -5.69 7.06 7.76
CA MET A 43 -5.26 8.39 8.17
C MET A 43 -5.95 8.79 9.47
N SER A 44 -7.17 8.32 9.63
CA SER A 44 -7.96 8.61 10.82
C SER A 44 -7.28 8.07 12.07
N LYS A 45 -6.83 6.82 12.00
CA LYS A 45 -6.15 6.18 13.11
C LYS A 45 -4.65 6.17 12.87
N GLU A 46 -4.17 7.22 12.19
CA GLU A 46 -2.77 7.33 11.79
C GLU A 46 -1.82 7.12 12.97
N GLN A 47 -0.93 6.16 12.79
CA GLN A 47 0.16 5.91 13.72
C GLN A 47 1.44 5.67 12.92
N PHE A 48 1.63 6.51 11.91
CA PHE A 48 2.67 6.29 10.92
C PHE A 48 3.46 7.56 10.67
N ASN A 49 4.73 7.42 10.31
CA ASN A 49 5.55 8.58 9.94
C ASN A 49 5.53 8.77 8.44
N GLU A 50 6.27 9.76 7.95
CA GLU A 50 6.26 10.12 6.53
C GLU A 50 6.66 8.94 5.66
N ALA A 51 7.80 8.35 5.98
CA ALA A 51 8.30 7.18 5.27
C ALA A 51 7.23 6.11 5.15
N GLN A 52 6.55 5.91 6.26
CA GLN A 52 5.56 4.86 6.39
C GLN A 52 4.30 5.18 5.58
N LEU A 53 3.87 6.44 5.63
CA LEU A 53 2.69 6.86 4.91
C LEU A 53 2.97 6.89 3.42
N ALA A 54 4.22 7.19 3.11
CA ALA A 54 4.66 7.32 1.74
C ALA A 54 4.57 5.98 1.03
N LEU A 55 4.84 4.91 1.77
CA LEU A 55 4.77 3.58 1.21
C LEU A 55 3.33 3.21 0.91
N ILE A 56 2.43 3.52 1.85
CA ILE A 56 1.02 3.22 1.68
C ILE A 56 0.50 3.82 0.37
N ARG A 57 0.84 5.08 0.14
CA ARG A 57 0.53 5.76 -1.10
C ARG A 57 1.18 5.05 -2.29
N ASP A 58 2.43 4.65 -2.11
CA ASP A 58 3.23 4.02 -3.15
C ASP A 58 2.66 2.67 -3.57
N ILE A 59 2.44 1.79 -2.59
CA ILE A 59 1.94 0.44 -2.86
C ILE A 59 0.58 0.51 -3.52
N ARG A 60 -0.30 1.29 -2.92
CA ARG A 60 -1.65 1.47 -3.42
C ARG A 60 -1.64 1.97 -4.86
N ARG A 61 -0.73 2.89 -5.16
CA ARG A 61 -0.58 3.41 -6.51
C ARG A 61 0.00 2.36 -7.45
N ARG A 62 0.95 1.58 -6.92
CA ARG A 62 1.63 0.57 -7.71
C ARG A 62 0.69 -0.56 -8.09
N GLY A 63 -0.25 -0.85 -7.19
CA GLY A 63 -1.25 -1.86 -7.47
C GLY A 63 -2.12 -1.50 -8.64
N LYS A 64 -2.37 -0.20 -8.80
CA LYS A 64 -3.16 0.35 -9.92
C LYS A 64 -4.64 -0.04 -9.78
N ASN A 65 -4.92 -1.33 -9.96
CA ASN A 65 -6.28 -1.83 -9.90
C ASN A 65 -6.72 -2.01 -8.46
N LYS A 66 -6.84 -0.90 -7.75
CA LYS A 66 -7.32 -0.90 -6.38
C LYS A 66 -8.71 -1.52 -6.33
N VAL A 67 -9.55 -1.05 -7.23
CA VAL A 67 -10.90 -1.57 -7.38
C VAL A 67 -11.21 -1.80 -8.85
N ALA A 68 -10.74 -0.88 -9.70
CA ALA A 68 -10.90 -0.96 -11.15
C ALA A 68 -12.31 -1.38 -11.54
N ALA A 69 -13.29 -0.55 -11.20
CA ALA A 69 -14.68 -0.83 -11.49
C ALA A 69 -15.25 0.19 -12.47
N GLN A 70 -15.54 1.39 -11.98
CA GLN A 70 -16.10 2.44 -12.80
C GLN A 70 -15.37 3.75 -12.57
N ASN A 71 -15.95 4.85 -13.03
CA ASN A 71 -15.39 6.19 -12.85
C ASN A 71 -14.00 6.28 -13.46
N CYS A 72 -13.81 5.57 -14.56
CA CYS A 72 -12.54 5.57 -15.26
C CYS A 72 -12.73 6.02 -16.70
N ARG A 73 -13.96 6.47 -17.00
CA ARG A 73 -14.38 6.94 -18.34
C ARG A 73 -13.84 6.08 -19.48
N LYS A 74 -13.75 6.64 -20.68
CA LYS A 74 -13.20 5.91 -21.81
C LYS A 74 -11.75 6.36 -22.05
N ARG A 75 -11.60 7.63 -22.44
CA ARG A 75 -10.28 8.20 -22.70
C ARG A 75 -10.44 9.66 -23.10
N LYS A 76 -11.31 9.92 -24.07
CA LYS A 76 -11.57 11.27 -24.52
C LYS A 76 -13.08 11.50 -24.62
N LEU A 77 -13.78 10.56 -25.22
CA LEU A 77 -15.23 10.66 -25.36
C LEU A 77 -15.92 9.42 -24.80
N GLU A 78 -16.93 9.65 -23.98
CA GLU A 78 -17.70 8.57 -23.39
C GLU A 78 -19.05 8.47 -24.05
N ASN A 79 -19.78 7.41 -23.73
CA ASN A 79 -21.11 7.21 -24.28
C ASN A 79 -22.14 8.03 -23.49
N ILE A 80 -21.96 9.34 -23.52
CA ILE A 80 -22.84 10.26 -22.81
C ILE A 80 -22.91 11.60 -23.54
N VAL A 81 -24.11 11.99 -23.93
CA VAL A 81 -24.31 13.26 -24.61
C VAL A 81 -25.26 14.14 -23.81
N GLY A 1 18.96 -19.79 27.87
CA GLY A 1 17.58 -19.30 27.64
C GLY A 1 17.51 -18.31 26.51
N ALA A 2 17.17 -18.78 25.32
CA ALA A 2 17.09 -17.93 24.15
C ALA A 2 15.66 -17.44 23.95
N LYS A 3 15.40 -16.21 24.36
CA LYS A 3 14.08 -15.61 24.21
C LYS A 3 13.92 -15.03 22.82
N HIS A 4 14.71 -14.00 22.52
CA HIS A 4 14.66 -13.32 21.23
C HIS A 4 13.24 -12.82 20.95
N SER A 5 12.83 -11.81 21.71
CA SER A 5 11.51 -11.23 21.57
C SER A 5 11.43 -10.39 20.29
N SER A 6 10.62 -10.83 19.34
CA SER A 6 10.49 -10.14 18.06
C SER A 6 9.08 -10.30 17.52
N ARG A 7 8.76 -9.54 16.48
CA ARG A 7 7.45 -9.62 15.84
C ARG A 7 7.62 -9.92 14.36
N LEU A 8 6.89 -10.90 13.86
CA LEU A 8 7.03 -11.35 12.48
C LEU A 8 6.02 -10.65 11.58
N GLU A 9 4.81 -10.44 12.13
CA GLU A 9 3.73 -9.72 11.46
C GLU A 9 3.14 -10.51 10.30
N ALA A 10 3.91 -10.68 9.25
CA ALA A 10 3.45 -11.38 8.06
C ALA A 10 4.59 -12.08 7.35
N HIS A 11 5.48 -11.29 6.75
CA HIS A 11 6.62 -11.82 5.99
C HIS A 11 6.14 -12.73 4.87
N LEU A 12 5.62 -12.13 3.81
CA LEU A 12 5.18 -12.90 2.65
C LEU A 12 6.08 -12.63 1.46
N THR A 13 6.04 -11.39 0.99
CA THR A 13 6.86 -10.97 -0.14
C THR A 13 7.90 -9.94 0.30
N ARG A 14 8.77 -9.53 -0.60
CA ARG A 14 9.80 -8.54 -0.26
C ARG A 14 9.16 -7.20 0.11
N ASP A 15 8.06 -6.87 -0.58
CA ASP A 15 7.32 -5.65 -0.31
C ASP A 15 6.76 -5.66 1.10
N GLU A 16 6.42 -6.86 1.57
CA GLU A 16 5.82 -7.03 2.88
C GLU A 16 6.83 -6.65 3.95
N LEU A 17 8.09 -6.95 3.66
CA LEU A 17 9.19 -6.60 4.54
C LEU A 17 9.40 -5.10 4.55
N ARG A 18 9.19 -4.47 3.40
CA ARG A 18 9.30 -3.02 3.27
C ARG A 18 8.27 -2.33 4.15
N ALA A 19 7.03 -2.80 4.07
CA ALA A 19 5.95 -2.25 4.87
C ALA A 19 6.17 -2.52 6.35
N LYS A 20 6.62 -3.73 6.66
CA LYS A 20 6.88 -4.13 8.03
C LYS A 20 7.97 -3.25 8.66
N ALA A 21 8.99 -2.94 7.87
CA ALA A 21 10.08 -2.08 8.34
C ALA A 21 9.56 -0.68 8.62
N LEU A 22 8.52 -0.29 7.90
CA LEU A 22 7.93 1.01 8.05
C LEU A 22 6.76 0.98 9.01
N HIS A 23 6.76 -0.02 9.88
CA HIS A 23 5.75 -0.15 10.94
C HIS A 23 4.33 -0.10 10.38
N ILE A 24 4.13 -0.67 9.21
CA ILE A 24 2.80 -0.75 8.62
C ILE A 24 2.17 -2.10 8.96
N PRO A 25 1.18 -2.11 9.87
CA PRO A 25 0.48 -3.34 10.24
C PRO A 25 -0.48 -3.80 9.16
N PHE A 26 -0.74 -2.91 8.21
CA PHE A 26 -1.59 -3.22 7.08
C PHE A 26 -0.72 -3.76 5.94
N PRO A 27 -0.80 -5.07 5.67
CA PRO A 27 0.04 -5.71 4.64
C PRO A 27 -0.19 -5.14 3.24
N VAL A 28 0.87 -5.18 2.45
CA VAL A 28 0.90 -4.56 1.12
C VAL A 28 -0.18 -5.10 0.20
N GLU A 29 -0.50 -6.39 0.37
CA GLU A 29 -1.56 -7.02 -0.40
C GLU A 29 -2.89 -6.32 -0.15
N LYS A 30 -3.12 -5.94 1.09
CA LYS A 30 -4.31 -5.18 1.44
C LYS A 30 -4.21 -3.74 0.96
N ILE A 31 -3.01 -3.16 0.96
CA ILE A 31 -2.85 -1.75 0.62
C ILE A 31 -3.23 -1.47 -0.82
N ILE A 32 -2.78 -2.33 -1.72
CA ILE A 32 -3.21 -2.24 -3.12
C ILE A 32 -4.73 -2.33 -3.21
N ASN A 33 -5.32 -3.04 -2.27
CA ASN A 33 -6.74 -3.38 -2.32
C ASN A 33 -7.60 -2.33 -1.61
N LEU A 34 -7.02 -1.65 -0.63
CA LEU A 34 -7.73 -0.63 0.14
C LEU A 34 -8.49 0.33 -0.76
N PRO A 35 -9.83 0.37 -0.62
CA PRO A 35 -10.67 1.34 -1.32
C PRO A 35 -10.51 2.71 -0.71
N VAL A 36 -10.85 3.77 -1.45
CA VAL A 36 -10.60 5.14 -1.00
C VAL A 36 -11.06 5.38 0.43
N VAL A 37 -12.28 4.96 0.75
CA VAL A 37 -12.86 5.23 2.06
C VAL A 37 -12.11 4.51 3.18
N ASP A 38 -11.74 3.27 2.94
CA ASP A 38 -10.93 2.51 3.88
C ASP A 38 -9.54 3.11 3.92
N PHE A 39 -9.15 3.64 2.77
CA PHE A 39 -7.86 4.29 2.62
C PHE A 39 -7.86 5.60 3.39
N ASN A 40 -9.02 6.23 3.45
CA ASN A 40 -9.19 7.47 4.19
C ASN A 40 -8.95 7.21 5.68
N GLU A 41 -9.31 6.00 6.12
CA GLU A 41 -9.08 5.59 7.49
C GLU A 41 -7.59 5.65 7.84
N MET A 42 -6.74 5.36 6.87
CA MET A 42 -5.29 5.45 7.06
C MET A 42 -4.91 6.85 7.48
N MET A 43 -5.49 7.82 6.76
CA MET A 43 -5.30 9.24 7.06
C MET A 43 -6.01 9.60 8.34
N SER A 44 -7.12 8.92 8.61
CA SER A 44 -7.90 9.18 9.80
C SER A 44 -7.10 8.82 11.05
N LYS A 45 -6.30 7.78 10.95
CA LYS A 45 -5.47 7.35 12.07
C LYS A 45 -4.19 8.18 12.15
N GLU A 46 -3.42 8.16 11.06
CA GLU A 46 -2.12 8.84 10.99
C GLU A 46 -1.30 8.65 12.26
N GLN A 47 -1.02 7.40 12.58
CA GLN A 47 -0.19 7.07 13.73
C GLN A 47 1.14 6.55 13.23
N PHE A 48 1.42 6.91 12.00
CA PHE A 48 2.61 6.44 11.31
C PHE A 48 3.50 7.63 10.97
N ASN A 49 4.79 7.38 10.79
CA ASN A 49 5.71 8.42 10.37
C ASN A 49 5.55 8.68 8.87
N GLU A 50 6.15 9.73 8.37
CA GLU A 50 5.93 10.13 6.99
C GLU A 50 6.49 9.08 6.04
N ALA A 51 7.64 8.54 6.41
CA ALA A 51 8.25 7.43 5.70
C ALA A 51 7.24 6.30 5.49
N GLN A 52 6.50 6.03 6.54
CA GLN A 52 5.55 4.93 6.58
C GLN A 52 4.34 5.23 5.69
N LEU A 53 3.90 6.48 5.70
CA LEU A 53 2.72 6.89 4.96
C LEU A 53 3.04 6.89 3.49
N ALA A 54 4.30 7.18 3.20
CA ALA A 54 4.77 7.31 1.84
C ALA A 54 4.62 6.00 1.11
N LEU A 55 4.84 4.89 1.81
CA LEU A 55 4.68 3.58 1.22
C LEU A 55 3.22 3.30 0.95
N ILE A 56 2.37 3.56 1.94
CA ILE A 56 0.93 3.35 1.82
C ILE A 56 0.39 4.04 0.57
N ARG A 57 0.84 5.27 0.35
CA ARG A 57 0.48 6.03 -0.84
C ARG A 57 0.85 5.26 -2.10
N ASP A 58 2.07 4.75 -2.14
CA ASP A 58 2.59 4.10 -3.34
C ASP A 58 1.93 2.75 -3.60
N ILE A 59 1.81 1.92 -2.56
CA ILE A 59 1.29 0.57 -2.73
C ILE A 59 -0.15 0.63 -3.22
N ARG A 60 -0.96 1.41 -2.53
CA ARG A 60 -2.37 1.57 -2.90
C ARG A 60 -2.49 2.12 -4.32
N ARG A 61 -1.53 2.97 -4.71
CA ARG A 61 -1.49 3.55 -6.04
C ARG A 61 -1.32 2.47 -7.10
N ARG A 62 -0.60 1.41 -6.73
CA ARG A 62 -0.38 0.28 -7.65
C ARG A 62 -1.69 -0.46 -7.90
N GLY A 63 -2.54 -0.51 -6.89
CA GLY A 63 -3.80 -1.23 -7.00
C GLY A 63 -4.89 -0.39 -7.63
N LYS A 64 -4.98 0.87 -7.23
CA LYS A 64 -5.96 1.82 -7.78
C LYS A 64 -7.40 1.38 -7.52
N ASN A 65 -7.88 1.64 -6.30
CA ASN A 65 -9.26 1.39 -5.97
C ASN A 65 -9.99 2.70 -5.72
N LYS A 66 -10.94 3.01 -6.60
CA LYS A 66 -11.65 4.28 -6.56
C LYS A 66 -12.79 4.23 -5.55
N VAL A 67 -13.66 3.24 -5.69
CA VAL A 67 -14.80 3.08 -4.81
C VAL A 67 -15.46 1.73 -5.03
N ALA A 68 -15.51 1.33 -6.28
CA ALA A 68 -16.09 0.07 -6.69
C ALA A 68 -15.66 -0.24 -8.11
N ALA A 69 -15.69 0.78 -8.94
CA ALA A 69 -15.23 0.68 -10.31
C ALA A 69 -14.78 2.05 -10.80
N GLN A 70 -14.30 2.12 -12.04
CA GLN A 70 -13.88 3.38 -12.63
C GLN A 70 -15.09 4.31 -12.78
N ASN A 71 -16.20 3.75 -13.24
CA ASN A 71 -17.47 4.46 -13.38
C ASN A 71 -17.39 5.52 -14.49
N CYS A 72 -17.91 5.17 -15.66
CA CYS A 72 -17.98 6.09 -16.78
C CYS A 72 -19.41 6.14 -17.31
N ARG A 73 -19.81 7.31 -17.80
CA ARG A 73 -21.19 7.55 -18.20
C ARG A 73 -21.54 6.83 -19.49
N LYS A 74 -20.53 6.50 -20.29
CA LYS A 74 -20.76 5.78 -21.53
C LYS A 74 -19.73 4.69 -21.71
N ARG A 75 -20.20 3.51 -22.06
CA ARG A 75 -19.33 2.39 -22.38
C ARG A 75 -19.29 2.21 -23.89
N LYS A 76 -18.09 1.93 -24.41
CA LYS A 76 -17.90 1.77 -25.86
C LYS A 76 -18.24 3.07 -26.58
N LEU A 77 -17.24 3.90 -26.77
CA LEU A 77 -17.44 5.20 -27.40
C LEU A 77 -17.58 5.05 -28.91
N GLU A 78 -18.79 5.21 -29.39
CA GLU A 78 -19.09 5.03 -30.79
C GLU A 78 -18.75 6.30 -31.57
N ASN A 79 -17.75 6.20 -32.43
CA ASN A 79 -17.38 7.32 -33.29
C ASN A 79 -17.94 7.10 -34.69
N ILE A 80 -18.77 6.07 -34.82
CA ILE A 80 -19.41 5.76 -36.10
C ILE A 80 -20.60 6.69 -36.32
N VAL A 81 -20.56 7.42 -37.41
CA VAL A 81 -21.61 8.39 -37.71
C VAL A 81 -22.14 8.18 -39.13
N GLY A 1 19.02 -9.22 11.00
CA GLY A 1 19.72 -8.42 9.97
C GLY A 1 20.68 -7.41 10.57
N ALA A 2 21.32 -6.63 9.73
CA ALA A 2 22.25 -5.61 10.18
C ALA A 2 21.81 -4.24 9.67
N LYS A 3 20.80 -3.68 10.31
CA LYS A 3 20.26 -2.39 9.90
C LYS A 3 20.24 -1.43 11.08
N HIS A 4 20.19 -0.14 10.78
CA HIS A 4 20.06 0.89 11.82
C HIS A 4 18.74 1.63 11.66
N SER A 5 18.07 1.36 10.54
CA SER A 5 16.76 1.93 10.28
C SER A 5 15.69 1.08 10.98
N SER A 6 15.60 1.23 12.30
CA SER A 6 14.70 0.45 13.13
C SER A 6 15.17 -1.00 13.23
N ARG A 7 14.51 -1.78 14.08
CA ARG A 7 14.91 -3.16 14.32
C ARG A 7 13.69 -4.08 14.33
N LEU A 8 12.63 -3.63 13.67
CA LEU A 8 11.40 -4.40 13.57
C LEU A 8 11.64 -5.67 12.75
N GLU A 9 10.84 -6.69 13.02
CA GLU A 9 10.98 -8.01 12.38
C GLU A 9 11.13 -7.88 10.87
N ALA A 10 10.03 -7.50 10.20
CA ALA A 10 10.01 -7.32 8.74
C ALA A 10 10.33 -8.61 8.01
N HIS A 11 9.29 -9.24 7.48
CA HIS A 11 9.45 -10.51 6.79
C HIS A 11 8.52 -10.54 5.57
N LEU A 12 8.47 -11.68 4.87
CA LEU A 12 7.56 -11.88 3.73
C LEU A 12 8.09 -11.20 2.47
N THR A 13 7.18 -10.94 1.52
CA THR A 13 7.56 -10.42 0.21
C THR A 13 8.24 -9.05 0.28
N ARG A 14 8.86 -8.64 -0.81
CA ARG A 14 9.64 -7.40 -0.85
C ARG A 14 8.82 -6.20 -0.37
N ASP A 15 7.58 -6.13 -0.84
CA ASP A 15 6.70 -5.03 -0.50
C ASP A 15 6.33 -5.08 0.97
N GLU A 16 6.16 -6.29 1.49
CA GLU A 16 5.73 -6.49 2.86
C GLU A 16 6.87 -6.08 3.78
N LEU A 17 8.07 -6.44 3.35
CA LEU A 17 9.31 -6.01 3.99
C LEU A 17 9.38 -4.49 4.10
N ARG A 18 8.98 -3.81 3.03
CA ARG A 18 9.02 -2.35 2.99
C ARG A 18 8.00 -1.75 3.96
N ALA A 19 6.79 -2.27 3.92
CA ALA A 19 5.70 -1.74 4.75
C ALA A 19 5.93 -2.06 6.22
N LYS A 20 6.25 -3.31 6.51
CA LYS A 20 6.41 -3.76 7.89
C LYS A 20 7.53 -3.01 8.60
N ALA A 21 8.63 -2.76 7.89
CA ALA A 21 9.76 -2.04 8.46
C ALA A 21 9.37 -0.60 8.77
N LEU A 22 8.39 -0.10 8.03
CA LEU A 22 7.89 1.24 8.22
C LEU A 22 6.73 1.27 9.20
N HIS A 23 6.69 0.26 10.06
CA HIS A 23 5.71 0.20 11.15
C HIS A 23 4.27 0.07 10.63
N ILE A 24 4.11 -0.39 9.40
CA ILE A 24 2.79 -0.52 8.80
C ILE A 24 2.22 -1.91 9.05
N PRO A 25 1.23 -2.02 9.96
CA PRO A 25 0.56 -3.29 10.25
C PRO A 25 -0.59 -3.58 9.30
N PHE A 26 -0.39 -3.24 8.03
CA PHE A 26 -1.38 -3.47 7.00
C PHE A 26 -0.71 -4.17 5.83
N PRO A 27 -1.14 -5.41 5.52
CA PRO A 27 -0.57 -6.21 4.43
C PRO A 27 -0.66 -5.51 3.08
N VAL A 28 0.47 -5.50 2.38
CA VAL A 28 0.59 -4.83 1.08
C VAL A 28 -0.43 -5.34 0.07
N GLU A 29 -0.76 -6.63 0.16
CA GLU A 29 -1.77 -7.24 -0.69
C GLU A 29 -3.10 -6.52 -0.54
N LYS A 30 -3.41 -6.11 0.68
CA LYS A 30 -4.61 -5.35 0.95
C LYS A 30 -4.48 -3.91 0.48
N ILE A 31 -3.30 -3.33 0.63
CA ILE A 31 -3.09 -1.91 0.32
C ILE A 31 -3.41 -1.58 -1.13
N ILE A 32 -3.07 -2.48 -2.02
CA ILE A 32 -3.43 -2.33 -3.43
C ILE A 32 -4.95 -2.27 -3.59
N ASN A 33 -5.68 -2.94 -2.68
CA ASN A 33 -7.12 -3.11 -2.82
C ASN A 33 -7.91 -2.21 -1.87
N LEU A 34 -7.23 -1.65 -0.88
CA LEU A 34 -7.83 -0.71 0.05
C LEU A 34 -8.62 0.37 -0.69
N PRO A 35 -9.94 0.45 -0.45
CA PRO A 35 -10.79 1.51 -1.00
C PRO A 35 -10.54 2.83 -0.29
N VAL A 36 -10.91 3.93 -0.94
CA VAL A 36 -10.59 5.27 -0.43
C VAL A 36 -10.95 5.44 1.04
N VAL A 37 -12.18 5.12 1.42
CA VAL A 37 -12.65 5.43 2.77
C VAL A 37 -11.88 4.61 3.82
N ASP A 38 -11.62 3.33 3.51
CA ASP A 38 -10.87 2.46 4.39
C ASP A 38 -9.41 2.91 4.40
N PHE A 39 -8.99 3.41 3.25
CA PHE A 39 -7.65 3.95 3.09
C PHE A 39 -7.50 5.24 3.89
N ASN A 40 -8.57 6.01 3.98
CA ASN A 40 -8.56 7.25 4.73
C ASN A 40 -8.49 6.94 6.22
N GLU A 41 -9.12 5.82 6.59
CA GLU A 41 -9.16 5.36 7.98
C GLU A 41 -7.75 5.20 8.54
N MET A 42 -6.83 4.76 7.69
CA MET A 42 -5.43 4.60 8.08
C MET A 42 -4.84 5.93 8.52
N MET A 43 -5.11 6.95 7.73
CA MET A 43 -4.65 8.31 8.04
C MET A 43 -5.42 8.85 9.23
N SER A 44 -6.67 8.44 9.33
CA SER A 44 -7.55 8.87 10.42
C SER A 44 -6.98 8.41 11.76
N LYS A 45 -6.52 7.16 11.82
CA LYS A 45 -5.85 6.65 13.00
C LYS A 45 -4.56 7.41 13.23
N GLU A 46 -3.74 7.50 12.19
CA GLU A 46 -2.48 8.23 12.24
C GLU A 46 -1.58 7.67 13.34
N GLN A 47 -0.83 6.65 13.00
CA GLN A 47 0.12 6.03 13.90
C GLN A 47 1.42 5.80 13.15
N PHE A 48 1.58 6.57 12.07
CA PHE A 48 2.69 6.37 11.15
C PHE A 48 3.28 7.73 10.79
N ASN A 49 4.56 7.77 10.48
CA ASN A 49 5.20 9.03 10.12
C ASN A 49 5.34 9.16 8.62
N GLU A 50 6.01 10.21 8.17
CA GLU A 50 6.09 10.56 6.75
C GLU A 50 6.65 9.40 5.93
N ALA A 51 7.79 8.89 6.38
CA ALA A 51 8.45 7.77 5.72
C ALA A 51 7.54 6.57 5.70
N GLN A 52 6.82 6.38 6.80
CA GLN A 52 5.98 5.21 6.99
C GLN A 52 4.76 5.26 6.06
N LEU A 53 4.18 6.45 5.95
CA LEU A 53 2.95 6.66 5.21
C LEU A 53 3.20 6.49 3.73
N ALA A 54 4.42 6.84 3.35
CA ALA A 54 4.81 6.85 1.96
C ALA A 54 4.64 5.48 1.33
N LEU A 55 4.86 4.44 2.14
CA LEU A 55 4.76 3.08 1.64
C LEU A 55 3.31 2.76 1.29
N ILE A 56 2.40 3.06 2.22
CA ILE A 56 0.98 2.82 2.00
C ILE A 56 0.53 3.50 0.71
N ARG A 57 1.03 4.71 0.51
CA ARG A 57 0.76 5.47 -0.70
C ARG A 57 1.32 4.74 -1.93
N ASP A 58 2.58 4.33 -1.84
CA ASP A 58 3.29 3.69 -2.95
C ASP A 58 2.64 2.39 -3.39
N ILE A 59 2.29 1.53 -2.43
CA ILE A 59 1.73 0.22 -2.75
C ILE A 59 0.42 0.39 -3.50
N ARG A 60 -0.48 1.17 -2.92
CA ARG A 60 -1.80 1.40 -3.50
C ARG A 60 -1.68 2.05 -4.88
N ARG A 61 -0.75 2.99 -5.01
CA ARG A 61 -0.52 3.65 -6.29
C ARG A 61 -0.12 2.65 -7.36
N ARG A 62 0.77 1.74 -7.01
CA ARG A 62 1.22 0.71 -7.95
C ARG A 62 0.11 -0.29 -8.22
N GLY A 63 -0.67 -0.57 -7.18
CA GLY A 63 -1.79 -1.49 -7.31
C GLY A 63 -2.80 -1.00 -8.32
N LYS A 64 -3.01 0.31 -8.34
CA LYS A 64 -3.86 0.93 -9.36
C LYS A 64 -3.13 0.91 -10.69
N ASN A 65 -3.44 -0.09 -11.50
CA ASN A 65 -2.77 -0.30 -12.78
C ASN A 65 -3.30 0.63 -13.86
N LYS A 66 -3.26 1.92 -13.59
CA LYS A 66 -3.68 2.93 -14.54
C LYS A 66 -2.50 3.36 -15.40
N VAL A 67 -2.55 3.01 -16.67
CA VAL A 67 -1.46 3.34 -17.57
C VAL A 67 -1.93 4.38 -18.59
N ALA A 68 -1.75 5.64 -18.22
CA ALA A 68 -2.19 6.76 -19.03
C ALA A 68 -1.27 6.97 -20.24
N ALA A 69 -1.12 5.92 -21.03
CA ALA A 69 -0.31 5.98 -22.24
C ALA A 69 -0.89 5.06 -23.31
N GLN A 70 -0.75 3.76 -23.11
CA GLN A 70 -1.27 2.78 -24.05
C GLN A 70 -2.78 2.62 -23.89
N ASN A 71 -3.29 2.96 -22.71
CA ASN A 71 -4.72 2.85 -22.44
C ASN A 71 -5.49 3.92 -23.21
N CYS A 72 -4.98 5.14 -23.19
CA CYS A 72 -5.66 6.25 -23.84
C CYS A 72 -5.43 6.20 -25.35
N ARG A 73 -4.34 5.58 -25.78
CA ARG A 73 -4.08 5.43 -27.21
C ARG A 73 -4.86 4.26 -27.75
N LYS A 74 -6.17 4.44 -27.82
CA LYS A 74 -7.07 3.42 -28.35
C LYS A 74 -8.23 4.12 -29.06
N ARG A 75 -7.99 5.34 -29.50
CA ARG A 75 -9.00 6.11 -30.20
C ARG A 75 -8.94 5.86 -31.70
N LYS A 76 -9.54 4.76 -32.12
CA LYS A 76 -9.57 4.41 -33.53
C LYS A 76 -10.94 4.74 -34.11
N LEU A 77 -11.91 4.90 -33.23
CA LEU A 77 -13.28 5.20 -33.63
C LEU A 77 -13.39 6.61 -34.21
N GLU A 78 -12.48 7.49 -33.81
CA GLU A 78 -12.48 8.85 -34.32
C GLU A 78 -11.78 8.90 -35.68
N ASN A 79 -12.57 8.92 -36.74
CA ASN A 79 -12.04 8.97 -38.09
C ASN A 79 -11.66 10.38 -38.48
N ILE A 80 -10.76 10.98 -37.71
CA ILE A 80 -10.29 12.33 -37.98
C ILE A 80 -8.87 12.28 -38.52
N VAL A 81 -8.50 11.14 -39.06
CA VAL A 81 -7.19 10.94 -39.64
C VAL A 81 -7.31 10.91 -41.16
N GLY A 1 22.26 -8.55 5.20
CA GLY A 1 22.48 -9.25 6.48
C GLY A 1 21.21 -9.37 7.29
N ALA A 2 20.73 -10.59 7.47
CA ALA A 2 19.49 -10.81 8.19
C ALA A 2 19.75 -11.04 9.67
N LYS A 3 20.15 -12.27 10.02
CA LYS A 3 20.42 -12.65 11.42
C LYS A 3 19.16 -12.58 12.26
N HIS A 4 18.69 -13.73 12.70
CA HIS A 4 17.44 -13.87 13.45
C HIS A 4 17.45 -12.99 14.71
N SER A 5 18.63 -12.65 15.18
CA SER A 5 18.80 -11.88 16.41
C SER A 5 18.32 -10.43 16.24
N SER A 6 18.17 -9.98 15.01
CA SER A 6 17.77 -8.61 14.77
C SER A 6 16.24 -8.47 14.88
N ARG A 7 15.53 -8.67 13.78
CA ARG A 7 14.08 -8.61 13.77
C ARG A 7 13.50 -9.79 13.02
N LEU A 8 13.77 -9.83 11.72
CA LEU A 8 13.28 -10.90 10.83
C LEU A 8 11.76 -10.98 10.87
N GLU A 9 11.13 -9.95 10.33
CA GLU A 9 9.67 -9.88 10.28
C GLU A 9 9.20 -10.00 8.84
N ALA A 10 9.91 -10.82 8.07
CA ALA A 10 9.60 -11.03 6.67
C ALA A 10 8.29 -11.79 6.49
N HIS A 11 7.23 -11.04 6.22
CA HIS A 11 5.90 -11.62 6.07
C HIS A 11 5.68 -12.13 4.65
N LEU A 12 5.86 -11.26 3.66
CA LEU A 12 5.62 -11.63 2.27
C LEU A 12 6.80 -11.23 1.38
N THR A 13 6.53 -10.39 0.39
CA THR A 13 7.53 -9.98 -0.58
C THR A 13 8.33 -8.78 -0.07
N ARG A 14 9.33 -8.34 -0.84
CA ARG A 14 10.20 -7.23 -0.45
C ARG A 14 9.39 -6.01 -0.01
N ASP A 15 8.32 -5.73 -0.73
CA ASP A 15 7.45 -4.59 -0.43
C ASP A 15 6.89 -4.72 0.98
N GLU A 16 6.56 -5.96 1.34
CA GLU A 16 5.99 -6.26 2.64
C GLU A 16 7.06 -6.10 3.73
N LEU A 17 8.26 -6.50 3.37
CA LEU A 17 9.43 -6.36 4.25
C LEU A 17 9.69 -4.89 4.55
N ARG A 18 9.49 -4.05 3.54
CA ARG A 18 9.63 -2.61 3.70
C ARG A 18 8.49 -2.06 4.55
N ALA A 19 7.27 -2.50 4.24
CA ALA A 19 6.08 -2.06 4.94
C ALA A 19 6.16 -2.40 6.43
N LYS A 20 6.55 -3.64 6.73
CA LYS A 20 6.60 -4.10 8.11
C LYS A 20 7.63 -3.30 8.90
N ALA A 21 8.76 -3.03 8.26
CA ALA A 21 9.81 -2.23 8.88
C ALA A 21 9.35 -0.78 9.04
N LEU A 22 8.42 -0.35 8.21
CA LEU A 22 7.86 0.98 8.27
C LEU A 22 6.60 1.00 9.12
N HIS A 23 6.50 0.03 10.03
CA HIS A 23 5.45 0.00 11.04
C HIS A 23 4.06 -0.12 10.40
N ILE A 24 3.98 -0.64 9.18
CA ILE A 24 2.70 -0.80 8.50
C ILE A 24 2.05 -2.11 8.91
N PRO A 25 0.93 -2.05 9.64
CA PRO A 25 0.23 -3.24 10.14
C PRO A 25 -0.64 -3.89 9.07
N PHE A 26 -0.92 -3.15 8.01
CA PHE A 26 -1.71 -3.67 6.90
C PHE A 26 -0.80 -4.09 5.76
N PRO A 27 -0.74 -5.40 5.48
CA PRO A 27 0.10 -5.97 4.42
C PRO A 27 -0.15 -5.32 3.06
N VAL A 28 0.90 -5.33 2.23
CA VAL A 28 0.87 -4.72 0.91
C VAL A 28 -0.28 -5.25 0.06
N GLU A 29 -0.63 -6.52 0.24
CA GLU A 29 -1.75 -7.11 -0.48
C GLU A 29 -3.05 -6.39 -0.15
N LYS A 30 -3.16 -5.92 1.09
CA LYS A 30 -4.30 -5.12 1.49
C LYS A 30 -4.24 -3.73 0.88
N ILE A 31 -3.04 -3.15 0.87
CA ILE A 31 -2.86 -1.75 0.47
C ILE A 31 -3.24 -1.52 -0.97
N ILE A 32 -2.81 -2.41 -1.85
CA ILE A 32 -3.21 -2.37 -3.26
C ILE A 32 -4.73 -2.39 -3.40
N ASN A 33 -5.40 -3.01 -2.44
CA ASN A 33 -6.84 -3.25 -2.57
C ASN A 33 -7.66 -2.22 -1.81
N LEU A 34 -7.11 -1.68 -0.71
CA LEU A 34 -7.83 -0.74 0.14
C LEU A 34 -8.45 0.41 -0.65
N PRO A 35 -9.79 0.54 -0.57
CA PRO A 35 -10.51 1.66 -1.16
C PRO A 35 -10.29 2.95 -0.39
N VAL A 36 -10.56 4.09 -1.01
CA VAL A 36 -10.30 5.39 -0.39
C VAL A 36 -10.84 5.46 1.03
N VAL A 37 -12.05 4.97 1.24
CA VAL A 37 -12.69 5.06 2.56
C VAL A 37 -11.86 4.32 3.62
N ASP A 38 -11.33 3.16 3.25
CA ASP A 38 -10.46 2.40 4.15
C ASP A 38 -9.15 3.12 4.32
N PHE A 39 -8.74 3.77 3.26
CA PHE A 39 -7.52 4.56 3.27
C PHE A 39 -7.70 5.76 4.19
N ASN A 40 -8.92 6.30 4.20
CA ASN A 40 -9.24 7.43 5.07
C ASN A 40 -9.28 6.95 6.51
N GLU A 41 -9.82 5.75 6.69
CA GLU A 41 -9.87 5.10 8.00
C GLU A 41 -8.46 4.87 8.52
N MET A 42 -7.57 4.47 7.63
CA MET A 42 -6.19 4.17 7.99
C MET A 42 -5.54 5.38 8.63
N MET A 43 -5.68 6.53 7.96
CA MET A 43 -5.10 7.77 8.44
C MET A 43 -5.81 8.23 9.71
N SER A 44 -7.09 7.91 9.79
CA SER A 44 -7.89 8.28 10.94
C SER A 44 -7.42 7.55 12.19
N LYS A 45 -7.19 6.25 12.05
CA LYS A 45 -6.76 5.42 13.16
C LYS A 45 -5.31 5.73 13.55
N GLU A 46 -4.43 5.71 12.55
CA GLU A 46 -3.01 5.94 12.78
C GLU A 46 -2.46 6.94 11.77
N GLN A 47 -1.42 7.65 12.14
CA GLN A 47 -0.86 8.68 11.27
C GLN A 47 0.58 8.34 10.89
N PHE A 48 1.08 7.28 11.51
CA PHE A 48 2.39 6.70 11.20
C PHE A 48 3.50 7.75 11.17
N ASN A 49 4.57 7.45 10.44
CA ASN A 49 5.58 8.44 10.12
C ASN A 49 5.53 8.70 8.61
N GLU A 50 6.18 9.75 8.16
CA GLU A 50 6.11 10.16 6.76
C GLU A 50 6.55 9.03 5.84
N ALA A 51 7.66 8.40 6.21
CA ALA A 51 8.19 7.25 5.48
C ALA A 51 7.13 6.18 5.29
N GLN A 52 6.41 5.92 6.36
CA GLN A 52 5.44 4.85 6.42
C GLN A 52 4.21 5.18 5.57
N LEU A 53 3.83 6.44 5.59
CA LEU A 53 2.65 6.90 4.86
C LEU A 53 2.94 6.86 3.39
N ALA A 54 4.20 7.13 3.06
CA ALA A 54 4.64 7.22 1.69
C ALA A 54 4.53 5.87 1.00
N LEU A 55 4.81 4.82 1.76
CA LEU A 55 4.72 3.48 1.22
C LEU A 55 3.27 3.13 0.95
N ILE A 56 2.41 3.36 1.96
CA ILE A 56 0.98 3.09 1.82
C ILE A 56 0.44 3.77 0.57
N ARG A 57 0.81 5.04 0.41
CA ARG A 57 0.43 5.80 -0.77
C ARG A 57 0.88 5.10 -2.06
N ASP A 58 2.13 4.65 -2.05
CA ASP A 58 2.76 4.09 -3.24
C ASP A 58 2.15 2.73 -3.62
N ILE A 59 1.96 1.87 -2.63
CA ILE A 59 1.39 0.55 -2.88
C ILE A 59 -0.06 0.68 -3.33
N ARG A 60 -0.81 1.49 -2.58
CA ARG A 60 -2.23 1.70 -2.85
C ARG A 60 -2.45 2.14 -4.30
N ARG A 61 -1.69 3.13 -4.74
CA ARG A 61 -1.85 3.66 -6.11
C ARG A 61 -1.43 2.62 -7.15
N ARG A 62 -0.45 1.78 -6.82
CA ARG A 62 -0.04 0.71 -7.71
C ARG A 62 -1.19 -0.27 -7.88
N GLY A 63 -1.89 -0.54 -6.80
CA GLY A 63 -3.06 -1.41 -6.86
C GLY A 63 -4.21 -0.75 -7.58
N LYS A 64 -4.56 0.44 -7.14
CA LYS A 64 -5.64 1.20 -7.73
C LYS A 64 -5.33 2.70 -7.68
N ASN A 65 -5.41 3.34 -8.83
CA ASN A 65 -5.07 4.75 -8.94
C ASN A 65 -6.26 5.62 -8.57
N LYS A 66 -6.10 6.42 -7.51
CA LYS A 66 -7.14 7.34 -7.08
C LYS A 66 -7.37 8.42 -8.13
N VAL A 67 -8.51 8.31 -8.83
CA VAL A 67 -8.87 9.17 -9.96
C VAL A 67 -7.68 9.42 -10.90
N ALA A 68 -7.54 8.51 -11.86
CA ALA A 68 -6.44 8.55 -12.80
C ALA A 68 -6.73 9.50 -13.95
N ALA A 69 -7.14 10.71 -13.62
CA ALA A 69 -7.47 11.72 -14.59
C ALA A 69 -7.34 13.11 -13.97
N GLN A 70 -6.92 14.08 -14.77
CA GLN A 70 -6.78 15.44 -14.29
C GLN A 70 -8.15 16.11 -14.23
N ASN A 71 -8.87 15.81 -13.15
CA ASN A 71 -10.21 16.38 -12.93
C ASN A 71 -10.15 17.45 -11.85
N CYS A 72 -10.28 18.71 -12.25
CA CYS A 72 -10.20 19.82 -11.33
C CYS A 72 -11.58 20.46 -11.14
N ARG A 73 -12.58 19.61 -10.93
CA ARG A 73 -13.97 20.05 -10.78
C ARG A 73 -14.46 20.70 -12.07
N LYS A 74 -14.79 19.87 -13.04
CA LYS A 74 -15.22 20.32 -14.35
C LYS A 74 -16.53 21.09 -14.27
N ARG A 75 -16.47 22.40 -14.51
CA ARG A 75 -17.65 23.24 -14.49
C ARG A 75 -17.49 24.44 -15.42
N LYS A 76 -16.60 24.32 -16.38
CA LYS A 76 -16.35 25.40 -17.33
C LYS A 76 -16.84 25.02 -18.71
N LEU A 77 -17.01 26.02 -19.56
CA LEU A 77 -17.46 25.83 -20.94
C LEU A 77 -18.86 25.22 -20.96
N GLU A 78 -19.78 25.82 -20.22
CA GLU A 78 -21.16 25.38 -20.21
C GLU A 78 -21.96 26.19 -21.22
N ASN A 79 -21.42 27.33 -21.61
CA ASN A 79 -22.05 28.20 -22.60
C ASN A 79 -21.83 27.65 -24.01
N ILE A 80 -22.62 26.64 -24.37
CA ILE A 80 -22.52 26.02 -25.68
C ILE A 80 -23.44 26.71 -26.67
N VAL A 81 -23.37 26.29 -27.93
CA VAL A 81 -24.23 26.83 -28.96
C VAL A 81 -25.38 25.87 -29.24
N GLY A 1 -1.85 1.11 32.36
CA GLY A 1 -1.60 2.00 31.21
C GLY A 1 -1.85 1.30 29.89
N ALA A 2 -1.33 1.86 28.81
CA ALA A 2 -1.49 1.27 27.49
C ALA A 2 -0.14 1.04 26.84
N LYS A 3 0.64 0.14 27.44
CA LYS A 3 1.97 -0.19 26.92
C LYS A 3 1.85 -1.16 25.77
N HIS A 4 2.23 -0.71 24.58
CA HIS A 4 2.15 -1.54 23.39
C HIS A 4 3.30 -1.24 22.45
N SER A 5 3.78 -2.26 21.77
CA SER A 5 4.87 -2.10 20.83
C SER A 5 4.59 -2.91 19.57
N SER A 6 4.94 -2.35 18.42
CA SER A 6 4.78 -3.03 17.15
C SER A 6 5.94 -4.00 16.94
N ARG A 7 6.11 -4.90 17.89
CA ARG A 7 7.23 -5.84 17.89
C ARG A 7 6.92 -7.03 17.00
N LEU A 8 5.64 -7.32 16.84
CA LEU A 8 5.19 -8.41 16.00
C LEU A 8 5.03 -7.95 14.55
N GLU A 9 6.02 -8.27 13.73
CA GLU A 9 5.95 -7.94 12.32
C GLU A 9 5.39 -9.12 11.53
N ALA A 10 6.25 -9.76 10.74
CA ALA A 10 5.88 -10.91 9.92
C ALA A 10 7.01 -11.25 8.94
N HIS A 11 7.19 -10.36 7.96
CA HIS A 11 8.27 -10.48 6.97
C HIS A 11 8.08 -11.70 6.09
N LEU A 12 7.28 -11.52 5.06
CA LEU A 12 6.96 -12.58 4.11
C LEU A 12 7.62 -12.31 2.75
N THR A 13 7.21 -11.22 2.11
CA THR A 13 7.73 -10.86 0.81
C THR A 13 8.51 -9.55 0.88
N ARG A 14 9.35 -9.28 -0.12
CA ARG A 14 10.27 -8.14 -0.11
C ARG A 14 9.56 -6.83 0.25
N ASP A 15 8.45 -6.59 -0.42
CA ASP A 15 7.71 -5.34 -0.25
C ASP A 15 7.07 -5.28 1.13
N GLU A 16 6.65 -6.44 1.63
CA GLU A 16 5.99 -6.53 2.93
C GLU A 16 7.04 -6.32 4.03
N LEU A 17 8.22 -6.84 3.75
CA LEU A 17 9.40 -6.61 4.59
C LEU A 17 9.59 -5.13 4.84
N ARG A 18 9.51 -4.35 3.77
CA ARG A 18 9.68 -2.91 3.84
C ARG A 18 8.51 -2.28 4.59
N ALA A 19 7.32 -2.79 4.38
CA ALA A 19 6.12 -2.27 5.04
C ALA A 19 6.18 -2.50 6.54
N LYS A 20 6.55 -3.71 6.93
CA LYS A 20 6.66 -4.03 8.36
C LYS A 20 7.76 -3.20 9.01
N ALA A 21 8.83 -2.94 8.26
CA ALA A 21 9.90 -2.08 8.74
C ALA A 21 9.40 -0.64 8.90
N LEU A 22 8.45 -0.27 8.05
CA LEU A 22 7.87 1.07 8.09
C LEU A 22 6.63 1.10 8.98
N HIS A 23 6.57 0.16 9.91
CA HIS A 23 5.51 0.13 10.93
C HIS A 23 4.12 0.01 10.33
N ILE A 24 4.03 -0.56 9.13
CA ILE A 24 2.75 -0.76 8.47
C ILE A 24 2.13 -2.08 8.94
N PRO A 25 1.07 -2.02 9.75
CA PRO A 25 0.43 -3.20 10.30
C PRO A 25 -0.59 -3.83 9.36
N PHE A 26 -0.70 -3.27 8.16
CA PHE A 26 -1.62 -3.78 7.16
C PHE A 26 -0.84 -4.39 6.00
N PRO A 27 -1.27 -5.58 5.55
CA PRO A 27 -0.65 -6.28 4.41
C PRO A 27 -0.61 -5.41 3.15
N VAL A 28 0.57 -5.37 2.52
CA VAL A 28 0.80 -4.54 1.33
C VAL A 28 -0.20 -4.84 0.22
N GLU A 29 -0.60 -6.11 0.14
CA GLU A 29 -1.57 -6.54 -0.84
C GLU A 29 -2.88 -5.76 -0.66
N LYS A 30 -3.27 -5.59 0.61
CA LYS A 30 -4.52 -4.91 0.94
C LYS A 30 -4.48 -3.44 0.57
N ILE A 31 -3.31 -2.82 0.68
CA ILE A 31 -3.16 -1.40 0.38
C ILE A 31 -3.48 -1.15 -1.10
N ILE A 32 -3.15 -2.12 -1.92
CA ILE A 32 -3.44 -2.05 -3.34
C ILE A 32 -4.95 -2.04 -3.60
N ASN A 33 -5.71 -2.75 -2.77
CA ASN A 33 -7.14 -2.90 -3.03
C ASN A 33 -7.98 -2.19 -1.98
N LEU A 34 -7.31 -1.57 -1.04
CA LEU A 34 -7.95 -0.80 0.02
C LEU A 34 -8.91 0.23 -0.55
N PRO A 35 -10.20 0.14 -0.17
CA PRO A 35 -11.20 1.15 -0.53
C PRO A 35 -10.90 2.49 0.13
N VAL A 36 -11.35 3.60 -0.48
CA VAL A 36 -11.03 4.92 0.06
C VAL A 36 -11.34 5.03 1.54
N VAL A 37 -12.56 4.69 1.92
CA VAL A 37 -13.00 4.77 3.32
C VAL A 37 -12.06 4.00 4.24
N ASP A 38 -11.59 2.85 3.79
CA ASP A 38 -10.62 2.07 4.54
C ASP A 38 -9.28 2.77 4.53
N PHE A 39 -9.04 3.49 3.45
CA PHE A 39 -7.83 4.29 3.32
C PHE A 39 -7.93 5.48 4.27
N ASN A 40 -9.15 5.99 4.43
CA ASN A 40 -9.42 7.06 5.38
C ASN A 40 -9.29 6.49 6.80
N GLU A 41 -9.72 5.25 6.94
CA GLU A 41 -9.61 4.52 8.21
C GLU A 41 -8.15 4.28 8.55
N MET A 42 -7.35 4.05 7.52
CA MET A 42 -5.93 3.73 7.68
C MET A 42 -5.22 4.82 8.47
N MET A 43 -5.41 6.05 8.03
CA MET A 43 -4.78 7.21 8.68
C MET A 43 -5.41 7.45 10.04
N SER A 44 -6.69 7.15 10.13
CA SER A 44 -7.46 7.37 11.35
C SER A 44 -7.08 6.36 12.43
N LYS A 45 -6.90 5.11 12.04
CA LYS A 45 -6.67 4.01 12.98
C LYS A 45 -5.41 4.22 13.79
N GLU A 46 -4.28 4.38 13.11
CA GLU A 46 -3.00 4.54 13.79
C GLU A 46 -2.32 5.84 13.35
N GLN A 47 -1.11 6.05 13.80
CA GLN A 47 -0.39 7.28 13.52
C GLN A 47 0.99 6.94 13.00
N PHE A 48 1.17 7.13 11.70
CA PHE A 48 2.39 6.71 11.04
C PHE A 48 3.25 7.92 10.70
N ASN A 49 4.56 7.71 10.65
CA ASN A 49 5.47 8.76 10.25
C ASN A 49 5.39 8.96 8.75
N GLU A 50 6.14 9.91 8.23
CA GLU A 50 6.06 10.23 6.81
C GLU A 50 6.60 9.10 5.97
N ALA A 51 7.64 8.44 6.47
CA ALA A 51 8.26 7.30 5.82
C ALA A 51 7.22 6.21 5.57
N GLN A 52 6.37 6.00 6.56
CA GLN A 52 5.40 4.93 6.52
C GLN A 52 4.29 5.24 5.52
N LEU A 53 3.88 6.50 5.49
CA LEU A 53 2.78 6.94 4.65
C LEU A 53 3.22 6.91 3.21
N ALA A 54 4.51 7.16 3.02
CA ALA A 54 5.10 7.23 1.71
C ALA A 54 4.96 5.89 1.01
N LEU A 55 5.06 4.82 1.78
CA LEU A 55 4.92 3.48 1.23
C LEU A 55 3.47 3.23 0.84
N ILE A 56 2.55 3.52 1.77
CA ILE A 56 1.14 3.23 1.57
C ILE A 56 0.63 3.76 0.23
N ARG A 57 0.91 5.02 -0.05
CA ARG A 57 0.51 5.62 -1.32
C ARG A 57 1.25 4.98 -2.49
N ASP A 58 2.50 4.59 -2.26
CA ASP A 58 3.32 3.96 -3.30
C ASP A 58 2.79 2.58 -3.67
N ILE A 59 2.37 1.80 -2.67
CA ILE A 59 1.84 0.46 -2.91
C ILE A 59 0.49 0.57 -3.60
N ARG A 60 -0.35 1.44 -3.05
CA ARG A 60 -1.65 1.72 -3.61
C ARG A 60 -1.55 2.09 -5.09
N ARG A 61 -0.75 3.10 -5.41
CA ARG A 61 -0.59 3.57 -6.78
C ARG A 61 0.05 2.49 -7.66
N ARG A 62 0.94 1.71 -7.05
CA ARG A 62 1.66 0.64 -7.75
C ARG A 62 0.68 -0.28 -8.48
N GLY A 63 -0.33 -0.73 -7.78
CA GLY A 63 -1.31 -1.60 -8.38
C GLY A 63 -2.46 -0.82 -8.99
N LYS A 64 -2.93 0.18 -8.26
CA LYS A 64 -4.03 1.00 -8.72
C LYS A 64 -3.51 2.37 -9.16
N ASN A 65 -3.32 2.52 -10.46
CA ASN A 65 -2.62 3.70 -11.01
C ASN A 65 -3.56 4.87 -11.24
N LYS A 66 -4.71 4.85 -10.58
CA LYS A 66 -5.72 5.91 -10.68
C LYS A 66 -6.14 6.11 -12.14
N VAL A 67 -6.48 5.01 -12.79
CA VAL A 67 -6.88 5.03 -14.17
C VAL A 67 -8.09 4.13 -14.40
N ALA A 68 -9.24 4.77 -14.58
CA ALA A 68 -10.48 4.06 -14.85
C ALA A 68 -10.58 3.70 -16.32
N ALA A 69 -9.77 2.73 -16.73
CA ALA A 69 -9.77 2.26 -18.11
C ALA A 69 -10.75 1.11 -18.28
N GLN A 70 -11.53 1.17 -19.33
CA GLN A 70 -12.50 0.11 -19.63
C GLN A 70 -11.77 -1.09 -20.26
N ASN A 71 -10.92 -1.72 -19.46
CA ASN A 71 -10.13 -2.85 -19.92
C ASN A 71 -10.76 -4.16 -19.46
N CYS A 72 -11.85 -4.54 -20.11
CA CYS A 72 -12.51 -5.80 -19.80
C CYS A 72 -11.68 -6.97 -20.29
N ARG A 73 -11.19 -6.89 -21.51
CA ARG A 73 -10.32 -7.93 -22.06
C ARG A 73 -9.13 -7.30 -22.77
N LYS A 74 -9.40 -6.30 -23.58
CA LYS A 74 -8.34 -5.56 -24.26
C LYS A 74 -8.69 -4.07 -24.30
N ARG A 75 -7.81 -3.28 -24.87
CA ARG A 75 -8.06 -1.86 -25.06
C ARG A 75 -7.62 -1.48 -26.46
N LYS A 76 -8.43 -0.67 -27.15
CA LYS A 76 -8.20 -0.34 -28.56
C LYS A 76 -8.39 -1.57 -29.44
N LEU A 77 -8.06 -1.44 -30.73
CA LEU A 77 -8.23 -2.50 -31.72
C LEU A 77 -9.72 -2.74 -31.99
N GLU A 78 -10.40 -3.32 -31.00
CA GLU A 78 -11.84 -3.44 -31.04
C GLU A 78 -12.43 -2.28 -30.25
N ASN A 79 -12.27 -2.37 -28.92
CA ASN A 79 -12.63 -1.31 -27.99
C ASN A 79 -14.14 -1.09 -27.91
N ILE A 80 -14.69 -1.22 -26.71
CA ILE A 80 -16.10 -0.99 -26.49
C ILE A 80 -16.42 0.49 -26.59
N VAL A 81 -16.98 0.88 -27.74
CA VAL A 81 -17.35 2.27 -28.04
C VAL A 81 -16.13 3.18 -27.89
N GLY A 1 13.16 -22.19 8.91
CA GLY A 1 12.65 -20.84 9.27
C GLY A 1 12.82 -20.56 10.75
N ALA A 2 12.44 -19.37 11.18
CA ALA A 2 12.58 -18.98 12.57
C ALA A 2 11.35 -19.36 13.37
N LYS A 3 11.44 -20.45 14.11
CA LYS A 3 10.34 -20.92 14.95
C LYS A 3 10.41 -20.23 16.31
N HIS A 4 9.84 -19.04 16.39
CA HIS A 4 9.91 -18.25 17.61
C HIS A 4 8.69 -17.34 17.70
N SER A 5 8.19 -17.13 18.91
CA SER A 5 7.09 -16.21 19.13
C SER A 5 7.59 -14.78 19.19
N SER A 6 7.53 -14.09 18.06
CA SER A 6 8.00 -12.71 17.97
C SER A 6 7.23 -11.96 16.89
N ARG A 7 5.92 -11.88 17.08
CA ARG A 7 5.03 -11.18 16.16
C ARG A 7 5.11 -11.75 14.74
N LEU A 8 4.41 -12.83 14.50
CA LEU A 8 4.37 -13.44 13.17
C LEU A 8 3.10 -13.02 12.45
N GLU A 9 2.72 -11.76 12.64
CA GLU A 9 1.60 -11.17 11.91
C GLU A 9 2.11 -10.57 10.61
N ALA A 10 1.38 -10.79 9.52
CA ALA A 10 1.83 -10.37 8.19
C ALA A 10 3.17 -11.02 7.89
N HIS A 11 4.05 -10.29 7.20
CA HIS A 11 5.40 -10.78 6.93
C HIS A 11 5.35 -12.00 6.00
N LEU A 12 4.38 -12.01 5.10
CA LEU A 12 4.22 -13.11 4.15
C LEU A 12 5.32 -13.08 3.10
N THR A 13 5.20 -12.20 2.13
CA THR A 13 6.17 -12.13 1.04
C THR A 13 7.24 -11.10 1.33
N ARG A 14 8.30 -11.08 0.51
CA ARG A 14 9.42 -10.16 0.71
C ARG A 14 8.97 -8.73 0.49
N ASP A 15 8.03 -8.54 -0.43
CA ASP A 15 7.49 -7.21 -0.72
C ASP A 15 6.74 -6.68 0.50
N GLU A 16 6.12 -7.59 1.24
CA GLU A 16 5.23 -7.21 2.35
C GLU A 16 6.09 -6.78 3.50
N LEU A 17 7.22 -7.46 3.58
CA LEU A 17 8.28 -7.17 4.51
C LEU A 17 8.68 -5.69 4.49
N ARG A 18 8.61 -5.09 3.31
CA ARG A 18 8.93 -3.67 3.14
C ARG A 18 8.01 -2.81 3.99
N ALA A 19 6.73 -3.19 4.04
CA ALA A 19 5.75 -2.46 4.82
C ALA A 19 6.05 -2.60 6.30
N LYS A 20 6.46 -3.79 6.70
CA LYS A 20 6.79 -4.06 8.10
C LYS A 20 7.99 -3.20 8.50
N ALA A 21 8.92 -3.02 7.57
CA ALA A 21 10.09 -2.19 7.80
C ALA A 21 9.69 -0.72 7.98
N LEU A 22 8.59 -0.33 7.35
CA LEU A 22 8.08 1.02 7.47
C LEU A 22 7.08 1.12 8.61
N HIS A 23 7.13 0.15 9.52
CA HIS A 23 6.28 0.15 10.71
C HIS A 23 4.80 0.08 10.33
N ILE A 24 4.51 -0.52 9.19
CA ILE A 24 3.14 -0.64 8.71
C ILE A 24 2.56 -2.00 9.07
N PRO A 25 1.54 -2.03 9.95
CA PRO A 25 0.85 -3.27 10.30
C PRO A 25 -0.15 -3.69 9.22
N PHE A 26 -0.33 -2.83 8.24
CA PHE A 26 -1.22 -3.11 7.13
C PHE A 26 -0.44 -3.74 5.98
N PRO A 27 -0.71 -5.02 5.67
CA PRO A 27 -0.03 -5.75 4.60
C PRO A 27 -0.15 -5.04 3.25
N VAL A 28 0.93 -5.10 2.47
CA VAL A 28 0.96 -4.45 1.15
C VAL A 28 -0.16 -4.94 0.26
N GLU A 29 -0.51 -6.22 0.40
CA GLU A 29 -1.59 -6.81 -0.36
C GLU A 29 -2.91 -6.13 -0.05
N LYS A 30 -3.10 -5.78 1.22
CA LYS A 30 -4.29 -5.07 1.65
C LYS A 30 -4.28 -3.65 1.12
N ILE A 31 -3.11 -3.01 1.15
CA ILE A 31 -3.00 -1.62 0.69
C ILE A 31 -3.29 -1.52 -0.79
N ILE A 32 -2.81 -2.50 -1.54
CA ILE A 32 -3.15 -2.63 -2.94
C ILE A 32 -4.66 -2.73 -3.13
N ASN A 33 -5.33 -3.33 -2.14
CA ASN A 33 -6.73 -3.71 -2.30
C ASN A 33 -7.67 -2.67 -1.69
N LEU A 34 -7.19 -1.92 -0.70
CA LEU A 34 -8.00 -0.91 -0.04
C LEU A 34 -8.62 0.09 -1.02
N PRO A 35 -9.95 0.19 -1.02
CA PRO A 35 -10.67 1.25 -1.72
C PRO A 35 -10.44 2.60 -1.04
N VAL A 36 -10.67 3.69 -1.75
CA VAL A 36 -10.35 5.03 -1.25
C VAL A 36 -10.87 5.26 0.17
N VAL A 37 -12.10 4.87 0.45
CA VAL A 37 -12.72 5.14 1.74
C VAL A 37 -12.01 4.41 2.89
N ASP A 38 -11.65 3.16 2.64
CA ASP A 38 -10.89 2.37 3.61
C ASP A 38 -9.49 2.93 3.68
N PHE A 39 -9.04 3.43 2.55
CA PHE A 39 -7.72 4.04 2.45
C PHE A 39 -7.71 5.35 3.24
N ASN A 40 -8.84 6.03 3.23
CA ASN A 40 -8.98 7.28 3.97
C ASN A 40 -9.02 7.00 5.47
N GLU A 41 -9.58 5.84 5.82
CA GLU A 41 -9.67 5.42 7.21
C GLU A 41 -8.29 5.42 7.87
N MET A 42 -7.34 4.69 7.28
CA MET A 42 -5.99 4.59 7.84
C MET A 42 -5.30 5.95 7.86
N MET A 43 -5.58 6.75 6.85
CA MET A 43 -5.01 8.09 6.75
C MET A 43 -5.61 8.99 7.81
N SER A 44 -6.87 8.75 8.13
CA SER A 44 -7.58 9.53 9.12
C SER A 44 -7.06 9.23 10.53
N LYS A 45 -6.66 7.97 10.75
CA LYS A 45 -6.17 7.55 12.06
C LYS A 45 -4.91 8.31 12.45
N GLU A 46 -3.96 8.41 11.52
CA GLU A 46 -2.70 9.12 11.75
C GLU A 46 -1.95 8.55 12.97
N GLN A 47 -1.18 7.50 12.72
CA GLN A 47 -0.42 6.84 13.77
C GLN A 47 0.91 6.36 13.21
N PHE A 48 1.40 7.07 12.21
CA PHE A 48 2.64 6.69 11.53
C PHE A 48 3.49 7.92 11.25
N ASN A 49 4.69 7.71 10.74
CA ASN A 49 5.56 8.80 10.34
C ASN A 49 5.48 8.99 8.82
N GLU A 50 6.13 10.01 8.30
CA GLU A 50 6.03 10.35 6.89
C GLU A 50 6.51 9.20 6.01
N ALA A 51 7.66 8.63 6.37
CA ALA A 51 8.23 7.49 5.67
C ALA A 51 7.21 6.37 5.54
N GLN A 52 6.53 6.12 6.65
CA GLN A 52 5.58 5.02 6.73
C GLN A 52 4.34 5.31 5.90
N LEU A 53 3.89 6.55 5.95
CA LEU A 53 2.67 6.95 5.27
C LEU A 53 2.92 6.95 3.78
N ALA A 54 4.15 7.30 3.42
CA ALA A 54 4.53 7.42 2.04
C ALA A 54 4.40 6.08 1.35
N LEU A 55 4.69 5.01 2.08
CA LEU A 55 4.57 3.68 1.53
C LEU A 55 3.12 3.36 1.27
N ILE A 56 2.27 3.60 2.27
CA ILE A 56 0.84 3.34 2.16
C ILE A 56 0.26 4.01 0.92
N ARG A 57 0.67 5.26 0.71
CA ARG A 57 0.25 6.00 -0.47
C ARG A 57 0.76 5.29 -1.73
N ASP A 58 2.04 4.94 -1.71
CA ASP A 58 2.73 4.35 -2.86
C ASP A 58 2.14 3.00 -3.25
N ILE A 59 1.97 2.11 -2.26
CA ILE A 59 1.47 0.76 -2.54
C ILE A 59 0.09 0.81 -3.17
N ARG A 60 -0.78 1.60 -2.54
CA ARG A 60 -2.15 1.82 -3.03
C ARG A 60 -2.15 2.20 -4.51
N ARG A 61 -1.30 3.15 -4.85
CA ARG A 61 -1.18 3.65 -6.22
C ARG A 61 -0.53 2.60 -7.14
N ARG A 62 0.57 2.04 -6.69
CA ARG A 62 1.35 1.08 -7.47
C ARG A 62 0.53 -0.17 -7.77
N GLY A 63 -0.32 -0.54 -6.84
CA GLY A 63 -1.11 -1.76 -6.98
C GLY A 63 -2.31 -1.61 -7.89
N LYS A 64 -2.51 -0.41 -8.43
CA LYS A 64 -3.62 -0.15 -9.33
C LYS A 64 -3.13 0.44 -10.64
N ASN A 65 -4.02 0.57 -11.61
CA ASN A 65 -3.66 1.10 -12.93
C ASN A 65 -3.22 2.55 -12.82
N LYS A 66 -4.09 3.38 -12.28
CA LYS A 66 -3.83 4.81 -12.16
C LYS A 66 -2.94 5.10 -10.96
N VAL A 67 -1.64 4.92 -11.15
CA VAL A 67 -0.67 5.20 -10.10
C VAL A 67 -0.53 6.71 -9.91
N ALA A 68 -0.78 7.45 -10.99
CA ALA A 68 -0.77 8.91 -10.97
C ALA A 68 0.47 9.46 -10.26
N ALA A 69 1.62 9.27 -10.86
CA ALA A 69 2.88 9.70 -10.26
C ALA A 69 3.58 10.73 -11.12
N GLN A 70 4.19 11.70 -10.47
CA GLN A 70 4.98 12.70 -11.16
C GLN A 70 6.43 12.62 -10.71
N ASN A 71 7.34 12.98 -11.62
CA ASN A 71 8.77 12.87 -11.37
C ASN A 71 9.13 11.43 -11.01
N CYS A 72 8.68 10.51 -11.86
CA CYS A 72 8.96 9.08 -11.73
C CYS A 72 8.15 8.44 -10.61
N ARG A 73 8.23 8.98 -9.40
CA ARG A 73 7.54 8.40 -8.26
C ARG A 73 7.24 9.47 -7.20
N LYS A 74 8.27 9.91 -6.50
CA LYS A 74 8.13 10.87 -5.42
C LYS A 74 9.38 11.70 -5.26
N ARG A 75 9.24 13.00 -5.14
CA ARG A 75 10.40 13.87 -4.96
C ARG A 75 10.60 14.19 -3.47
N LYS A 76 11.81 13.99 -3.00
CA LYS A 76 12.15 14.29 -1.62
C LYS A 76 13.44 15.11 -1.56
N LEU A 77 14.27 14.93 -2.58
CA LEU A 77 15.53 15.64 -2.67
C LEU A 77 15.41 16.82 -3.63
N GLU A 78 15.34 18.03 -3.09
CA GLU A 78 15.38 19.22 -3.90
C GLU A 78 16.83 19.71 -4.03
N ASN A 79 17.40 19.53 -5.20
CA ASN A 79 18.80 19.87 -5.43
C ASN A 79 18.96 21.38 -5.59
N ILE A 80 18.08 21.97 -6.39
CA ILE A 80 18.14 23.41 -6.63
C ILE A 80 16.86 24.08 -6.17
N VAL A 81 17.00 25.26 -5.59
CA VAL A 81 15.86 26.03 -5.13
C VAL A 81 15.93 27.46 -5.67
N GLY A 1 17.80 -12.45 13.94
CA GLY A 1 18.10 -13.55 12.97
C GLY A 1 16.84 -14.05 12.30
N ALA A 2 16.95 -15.17 11.61
CA ALA A 2 15.81 -15.79 10.94
C ALA A 2 15.00 -16.62 11.93
N LYS A 3 13.69 -16.65 11.76
CA LYS A 3 12.82 -17.37 12.67
C LYS A 3 11.64 -17.98 11.94
N HIS A 4 11.29 -19.20 12.32
CA HIS A 4 10.16 -19.88 11.73
C HIS A 4 9.32 -20.54 12.83
N SER A 5 9.71 -20.29 14.07
CA SER A 5 9.03 -20.88 15.21
C SER A 5 7.77 -20.11 15.57
N SER A 6 7.93 -19.00 16.29
CA SER A 6 6.79 -18.22 16.72
C SER A 6 7.12 -16.73 16.67
N ARG A 7 6.08 -15.90 16.65
CA ARG A 7 6.22 -14.44 16.59
C ARG A 7 6.91 -14.02 15.30
N LEU A 8 6.19 -14.08 14.20
CA LEU A 8 6.70 -13.62 12.92
C LEU A 8 6.03 -12.31 12.55
N GLU A 9 6.81 -11.36 12.07
CA GLU A 9 6.28 -10.06 11.68
C GLU A 9 5.93 -10.06 10.18
N ALA A 10 4.68 -10.41 9.90
CA ALA A 10 4.18 -10.51 8.52
C ALA A 10 4.90 -11.62 7.76
N HIS A 11 6.09 -11.31 7.25
CA HIS A 11 6.96 -12.27 6.57
C HIS A 11 6.21 -13.08 5.50
N LEU A 12 6.21 -12.57 4.28
CA LEU A 12 5.66 -13.31 3.16
C LEU A 12 6.61 -13.17 1.97
N THR A 13 6.66 -11.98 1.40
CA THR A 13 7.64 -11.66 0.38
C THR A 13 8.44 -10.44 0.82
N ARG A 14 9.51 -10.10 0.10
CA ARG A 14 10.36 -8.96 0.45
C ARG A 14 9.53 -7.68 0.51
N ASP A 15 8.54 -7.59 -0.37
CA ASP A 15 7.67 -6.42 -0.45
C ASP A 15 6.84 -6.29 0.82
N GLU A 16 6.49 -7.43 1.40
CA GLU A 16 5.69 -7.46 2.62
C GLU A 16 6.53 -6.95 3.79
N LEU A 17 7.79 -7.39 3.79
CA LEU A 17 8.76 -6.96 4.78
C LEU A 17 8.99 -5.45 4.67
N ARG A 18 8.92 -4.94 3.45
CA ARG A 18 9.07 -3.51 3.19
C ARG A 18 8.03 -2.72 3.98
N ALA A 19 6.80 -3.23 4.00
CA ALA A 19 5.72 -2.57 4.72
C ALA A 19 5.97 -2.62 6.23
N LYS A 20 6.45 -3.76 6.71
CA LYS A 20 6.73 -3.94 8.13
C LYS A 20 7.82 -2.98 8.59
N ALA A 21 8.78 -2.72 7.70
CA ALA A 21 9.89 -1.83 8.01
C ALA A 21 9.42 -0.40 8.20
N LEU A 22 8.29 -0.06 7.59
CA LEU A 22 7.72 1.27 7.73
C LEU A 22 6.63 1.29 8.80
N HIS A 23 6.63 0.25 9.64
CA HIS A 23 5.66 0.14 10.73
C HIS A 23 4.23 0.09 10.20
N ILE A 24 4.06 -0.43 8.99
CA ILE A 24 2.74 -0.53 8.39
C ILE A 24 2.12 -1.89 8.69
N PRO A 25 1.11 -1.93 9.56
CA PRO A 25 0.45 -3.17 9.97
C PRO A 25 -0.60 -3.62 8.96
N PHE A 26 -0.62 -2.95 7.82
CA PHE A 26 -1.54 -3.30 6.74
C PHE A 26 -0.75 -3.87 5.58
N PRO A 27 -0.73 -5.21 5.45
CA PRO A 27 0.02 -5.92 4.41
C PRO A 27 -0.23 -5.36 3.00
N VAL A 28 0.78 -5.52 2.16
CA VAL A 28 0.77 -4.96 0.81
C VAL A 28 -0.41 -5.46 -0.01
N GLU A 29 -0.80 -6.71 0.23
CA GLU A 29 -1.95 -7.29 -0.46
C GLU A 29 -3.22 -6.50 -0.17
N LYS A 30 -3.32 -5.98 1.04
CA LYS A 30 -4.44 -5.14 1.40
C LYS A 30 -4.31 -3.78 0.72
N ILE A 31 -3.18 -3.12 0.90
CA ILE A 31 -3.01 -1.73 0.47
C ILE A 31 -3.16 -1.55 -1.03
N ILE A 32 -2.73 -2.52 -1.81
CA ILE A 32 -2.91 -2.48 -3.26
C ILE A 32 -4.39 -2.31 -3.62
N ASN A 33 -5.28 -2.85 -2.80
CA ASN A 33 -6.70 -2.87 -3.12
C ASN A 33 -7.51 -1.99 -2.17
N LEU A 34 -6.93 -1.73 -1.01
CA LEU A 34 -7.56 -1.00 0.08
C LEU A 34 -8.33 0.23 -0.44
N PRO A 35 -9.65 0.25 -0.19
CA PRO A 35 -10.54 1.31 -0.69
C PRO A 35 -10.33 2.67 -0.02
N VAL A 36 -10.76 3.73 -0.69
CA VAL A 36 -10.50 5.10 -0.22
C VAL A 36 -10.92 5.32 1.23
N VAL A 37 -12.15 4.97 1.58
CA VAL A 37 -12.69 5.32 2.90
C VAL A 37 -11.99 4.56 4.02
N ASP A 38 -11.61 3.31 3.73
CA ASP A 38 -10.82 2.54 4.67
C ASP A 38 -9.43 3.14 4.73
N PHE A 39 -9.01 3.69 3.60
CA PHE A 39 -7.71 4.34 3.51
C PHE A 39 -7.74 5.64 4.30
N ASN A 40 -8.90 6.29 4.30
CA ASN A 40 -9.07 7.52 5.04
C ASN A 40 -8.91 7.23 6.53
N GLU A 41 -9.33 6.03 6.91
CA GLU A 41 -9.20 5.57 8.29
C GLU A 41 -7.73 5.49 8.71
N MET A 42 -6.90 4.98 7.81
CA MET A 42 -5.47 4.87 8.06
C MET A 42 -4.87 6.24 8.38
N MET A 43 -5.21 7.19 7.54
CA MET A 43 -4.72 8.55 7.68
C MET A 43 -5.38 9.24 8.88
N SER A 44 -6.62 8.86 9.14
CA SER A 44 -7.38 9.41 10.27
C SER A 44 -6.78 8.93 11.59
N LYS A 45 -6.61 7.63 11.70
CA LYS A 45 -6.02 7.01 12.89
C LYS A 45 -4.50 7.06 12.81
N GLU A 46 -3.99 8.13 12.19
CA GLU A 46 -2.57 8.33 11.96
C GLU A 46 -1.73 8.03 13.20
N GLN A 47 -1.03 6.92 13.16
CA GLN A 47 -0.05 6.59 14.15
C GLN A 47 1.25 6.24 13.43
N PHE A 48 1.42 6.89 12.29
CA PHE A 48 2.53 6.58 11.39
C PHE A 48 3.36 7.84 11.15
N ASN A 49 4.54 7.67 10.59
CA ASN A 49 5.39 8.79 10.26
C ASN A 49 5.33 9.07 8.76
N GLU A 50 6.05 10.09 8.32
CA GLU A 50 6.00 10.52 6.92
C GLU A 50 6.44 9.40 6.00
N ALA A 51 7.58 8.79 6.33
CA ALA A 51 8.11 7.66 5.60
C ALA A 51 7.08 6.55 5.46
N GLN A 52 6.38 6.32 6.55
CA GLN A 52 5.43 5.23 6.65
C GLN A 52 4.18 5.52 5.83
N LEU A 53 3.73 6.77 5.86
CA LEU A 53 2.54 7.19 5.13
C LEU A 53 2.87 7.18 3.65
N ALA A 54 4.12 7.49 3.36
CA ALA A 54 4.62 7.53 2.01
C ALA A 54 4.51 6.15 1.37
N LEU A 55 4.67 5.12 2.19
CA LEU A 55 4.59 3.78 1.68
C LEU A 55 3.16 3.43 1.30
N ILE A 56 2.22 3.81 2.17
CA ILE A 56 0.82 3.45 1.96
C ILE A 56 0.33 3.89 0.58
N ARG A 57 0.70 5.10 0.19
CA ARG A 57 0.32 5.63 -1.11
C ARG A 57 1.11 4.92 -2.23
N ASP A 58 2.35 4.55 -1.95
CA ASP A 58 3.21 3.89 -2.93
C ASP A 58 2.72 2.48 -3.26
N ILE A 59 2.38 1.72 -2.22
CA ILE A 59 1.95 0.34 -2.40
C ILE A 59 0.72 0.29 -3.28
N ARG A 60 -0.30 1.06 -2.91
CA ARG A 60 -1.53 1.14 -3.70
C ARG A 60 -1.26 1.67 -5.11
N ARG A 61 -0.30 2.59 -5.23
CA ARG A 61 0.09 3.11 -6.54
C ARG A 61 0.66 1.99 -7.40
N ARG A 62 1.51 1.17 -6.79
CA ARG A 62 2.08 0.01 -7.48
C ARG A 62 1.01 -1.03 -7.76
N GLY A 63 0.08 -1.15 -6.83
CA GLY A 63 -1.03 -2.08 -6.97
C GLY A 63 -1.86 -1.76 -8.20
N LYS A 64 -2.44 -0.56 -8.22
CA LYS A 64 -3.26 -0.11 -9.35
C LYS A 64 -4.53 -0.96 -9.46
N ASN A 65 -5.47 -0.52 -10.28
CA ASN A 65 -6.73 -1.23 -10.48
C ASN A 65 -6.57 -2.39 -11.46
N LYS A 66 -5.51 -3.16 -11.29
CA LYS A 66 -5.27 -4.32 -12.12
C LYS A 66 -5.43 -5.59 -11.28
N VAL A 67 -5.92 -6.66 -11.91
CA VAL A 67 -6.23 -7.87 -11.16
C VAL A 67 -5.53 -9.09 -11.76
N ALA A 68 -4.24 -9.19 -11.44
CA ALA A 68 -3.38 -10.29 -11.87
C ALA A 68 -3.23 -10.36 -13.39
N ALA A 69 -4.29 -10.77 -14.08
CA ALA A 69 -4.25 -10.90 -15.53
C ALA A 69 -5.38 -10.10 -16.17
N GLN A 70 -6.54 -10.08 -15.53
CA GLN A 70 -7.71 -9.39 -16.07
C GLN A 70 -8.05 -9.93 -17.45
N ASN A 71 -8.64 -11.11 -17.49
CA ASN A 71 -9.03 -11.74 -18.75
C ASN A 71 -10.17 -10.98 -19.39
N CYS A 72 -11.18 -10.66 -18.60
CA CYS A 72 -12.33 -9.93 -19.10
C CYS A 72 -13.02 -9.17 -17.96
N ARG A 73 -13.82 -9.86 -17.17
CA ARG A 73 -14.53 -9.21 -16.07
C ARG A 73 -14.04 -9.73 -14.72
N LYS A 74 -13.86 -11.04 -14.61
CA LYS A 74 -13.42 -11.66 -13.36
C LYS A 74 -13.01 -13.11 -13.58
N ARG A 75 -11.72 -13.32 -13.82
CA ARG A 75 -11.13 -14.66 -13.94
C ARG A 75 -11.82 -15.49 -15.02
N LYS A 76 -11.60 -15.15 -16.28
CA LYS A 76 -12.16 -15.95 -17.37
C LYS A 76 -11.22 -17.12 -17.67
N LEU A 77 -11.05 -17.98 -16.69
CA LEU A 77 -10.23 -19.16 -16.85
C LEU A 77 -11.11 -20.38 -17.11
N GLU A 78 -12.40 -20.12 -17.21
CA GLU A 78 -13.36 -21.18 -17.51
C GLU A 78 -13.32 -21.51 -18.99
N ASN A 79 -13.02 -22.76 -19.29
CA ASN A 79 -12.99 -23.23 -20.67
C ASN A 79 -14.33 -23.87 -21.02
N ILE A 80 -15.40 -23.12 -20.75
CA ILE A 80 -16.77 -23.61 -20.94
C ILE A 80 -17.02 -24.83 -20.05
N VAL A 81 -17.45 -24.56 -18.82
CA VAL A 81 -17.70 -25.60 -17.82
C VAL A 81 -16.38 -26.25 -17.38
N GLY A 1 11.04 -26.30 13.76
CA GLY A 1 11.40 -26.84 15.10
C GLY A 1 10.72 -26.08 16.22
N ALA A 2 11.29 -24.96 16.61
CA ALA A 2 10.72 -24.14 17.66
C ALA A 2 9.75 -23.12 17.08
N LYS A 3 9.39 -22.11 17.86
CA LYS A 3 8.46 -21.09 17.40
C LYS A 3 9.16 -20.11 16.45
N HIS A 4 9.71 -19.03 17.02
CA HIS A 4 10.39 -18.00 16.25
C HIS A 4 9.48 -17.41 15.17
N SER A 5 10.07 -16.68 14.23
CA SER A 5 9.34 -16.13 13.09
C SER A 5 8.31 -15.10 13.56
N SER A 6 8.57 -14.48 14.71
CA SER A 6 7.68 -13.46 15.25
C SER A 6 7.78 -12.17 14.43
N ARG A 7 8.98 -11.87 13.94
CA ARG A 7 9.18 -10.71 13.09
C ARG A 7 8.79 -11.04 11.66
N LEU A 8 8.34 -12.26 11.44
CA LEU A 8 7.89 -12.71 10.13
C LEU A 8 6.45 -13.19 10.21
N GLU A 9 5.72 -12.72 11.22
CA GLU A 9 4.34 -13.12 11.43
C GLU A 9 3.45 -12.62 10.29
N ALA A 10 3.82 -11.49 9.71
CA ALA A 10 3.08 -10.93 8.60
C ALA A 10 3.50 -11.60 7.30
N HIS A 11 4.50 -11.03 6.64
CA HIS A 11 5.03 -11.59 5.40
C HIS A 11 6.51 -11.29 5.30
N LEU A 12 7.21 -11.88 4.33
CA LEU A 12 8.63 -11.65 4.19
C LEU A 12 9.02 -11.25 2.76
N THR A 13 8.02 -10.96 1.94
CA THR A 13 8.27 -10.49 0.58
C THR A 13 8.79 -9.06 0.59
N ARG A 14 9.50 -8.66 -0.48
CA ARG A 14 10.21 -7.38 -0.51
C ARG A 14 9.33 -6.19 -0.09
N ASP A 15 8.09 -6.16 -0.57
CA ASP A 15 7.20 -5.04 -0.29
C ASP A 15 6.77 -5.05 1.17
N GLU A 16 6.40 -6.22 1.65
CA GLU A 16 5.84 -6.39 2.97
C GLU A 16 6.92 -6.21 4.01
N LEU A 17 8.12 -6.66 3.67
CA LEU A 17 9.28 -6.53 4.52
C LEU A 17 9.52 -5.06 4.84
N ARG A 18 9.50 -4.23 3.80
CA ARG A 18 9.71 -2.80 3.95
C ARG A 18 8.53 -2.15 4.68
N ALA A 19 7.32 -2.62 4.38
CA ALA A 19 6.12 -2.08 5.01
C ALA A 19 6.11 -2.38 6.50
N LYS A 20 6.46 -3.62 6.85
CA LYS A 20 6.52 -4.01 8.24
C LYS A 20 7.61 -3.24 8.96
N ALA A 21 8.71 -2.98 8.27
CA ALA A 21 9.81 -2.19 8.81
C ALA A 21 9.39 -0.73 8.96
N LEU A 22 8.39 -0.33 8.18
CA LEU A 22 7.82 1.00 8.26
C LEU A 22 6.64 1.01 9.21
N HIS A 23 6.56 -0.01 10.05
CA HIS A 23 5.52 -0.11 11.09
C HIS A 23 4.11 -0.11 10.49
N ILE A 24 3.98 -0.65 9.29
CA ILE A 24 2.66 -0.76 8.66
C ILE A 24 2.05 -2.12 9.00
N PRO A 25 1.03 -2.14 9.87
CA PRO A 25 0.38 -3.39 10.28
C PRO A 25 -0.65 -3.86 9.26
N PHE A 26 -0.77 -3.12 8.17
CA PHE A 26 -1.65 -3.48 7.08
C PHE A 26 -0.82 -4.00 5.92
N PRO A 27 -0.97 -5.29 5.56
CA PRO A 27 -0.20 -5.92 4.50
C PRO A 27 -0.34 -5.19 3.17
N VAL A 28 0.80 -5.01 2.50
CA VAL A 28 0.89 -4.31 1.22
C VAL A 28 -0.14 -4.81 0.21
N GLU A 29 -0.44 -6.10 0.27
CA GLU A 29 -1.42 -6.72 -0.62
C GLU A 29 -2.79 -6.06 -0.42
N LYS A 30 -3.07 -5.71 0.83
CA LYS A 30 -4.32 -5.06 1.18
C LYS A 30 -4.35 -3.63 0.67
N ILE A 31 -3.24 -2.90 0.80
CA ILE A 31 -3.17 -1.51 0.39
C ILE A 31 -3.43 -1.35 -1.10
N ILE A 32 -3.01 -2.34 -1.87
CA ILE A 32 -3.34 -2.42 -3.27
C ILE A 32 -4.87 -2.45 -3.44
N ASN A 33 -5.53 -3.06 -2.48
CA ASN A 33 -6.96 -3.34 -2.59
C ASN A 33 -7.81 -2.31 -1.83
N LEU A 34 -7.17 -1.64 -0.85
CA LEU A 34 -7.83 -0.62 -0.02
C LEU A 34 -8.81 0.23 -0.80
N PRO A 35 -10.09 0.20 -0.42
CA PRO A 35 -11.09 1.13 -0.94
C PRO A 35 -10.88 2.52 -0.36
N VAL A 36 -11.40 3.55 -1.01
CA VAL A 36 -11.18 4.93 -0.56
C VAL A 36 -11.45 5.09 0.93
N VAL A 37 -12.59 4.62 1.40
CA VAL A 37 -12.97 4.75 2.81
C VAL A 37 -11.94 4.11 3.75
N ASP A 38 -11.48 2.91 3.41
CA ASP A 38 -10.52 2.19 4.22
C ASP A 38 -9.18 2.91 4.13
N PHE A 39 -8.94 3.47 2.96
CA PHE A 39 -7.73 4.22 2.70
C PHE A 39 -7.76 5.53 3.48
N ASN A 40 -8.95 6.10 3.63
CA ASN A 40 -9.11 7.32 4.40
C ASN A 40 -8.91 7.03 5.87
N GLU A 41 -9.40 5.86 6.29
CA GLU A 41 -9.26 5.40 7.67
C GLU A 41 -7.79 5.17 8.00
N MET A 42 -7.04 4.72 7.01
CA MET A 42 -5.61 4.52 7.14
C MET A 42 -4.94 5.82 7.60
N MET A 43 -5.33 6.91 6.94
CA MET A 43 -4.80 8.22 7.24
C MET A 43 -5.32 8.72 8.58
N SER A 44 -6.55 8.34 8.90
CA SER A 44 -7.16 8.68 10.18
C SER A 44 -6.35 8.09 11.33
N LYS A 45 -5.81 6.90 11.09
CA LYS A 45 -5.00 6.19 12.09
C LYS A 45 -3.53 6.60 11.96
N GLU A 46 -3.29 7.86 11.63
CA GLU A 46 -1.94 8.38 11.39
C GLU A 46 -1.03 8.28 12.64
N GLN A 47 -0.57 7.08 12.91
CA GLN A 47 0.47 6.86 13.91
C GLN A 47 1.78 6.63 13.20
N PHE A 48 1.68 6.66 11.87
CA PHE A 48 2.79 6.31 11.01
C PHE A 48 3.60 7.56 10.68
N ASN A 49 4.88 7.35 10.40
CA ASN A 49 5.78 8.45 10.03
C ASN A 49 5.69 8.68 8.53
N GLU A 50 6.25 9.78 8.05
CA GLU A 50 6.14 10.17 6.65
C GLU A 50 6.63 9.05 5.73
N ALA A 51 7.78 8.49 6.08
CA ALA A 51 8.36 7.36 5.36
C ALA A 51 7.34 6.23 5.25
N GLN A 52 6.68 5.98 6.35
CA GLN A 52 5.75 4.86 6.49
C GLN A 52 4.48 5.12 5.69
N LEU A 53 4.04 6.38 5.68
CA LEU A 53 2.84 6.77 4.97
C LEU A 53 3.12 6.74 3.48
N ALA A 54 4.37 7.03 3.15
CA ALA A 54 4.78 7.16 1.78
C ALA A 54 4.62 5.85 1.04
N LEU A 55 4.85 4.74 1.74
CA LEU A 55 4.70 3.44 1.13
C LEU A 55 3.24 3.16 0.87
N ILE A 56 2.38 3.48 1.84
CA ILE A 56 0.94 3.31 1.70
C ILE A 56 0.45 4.03 0.44
N ARG A 57 0.95 5.24 0.25
CA ARG A 57 0.63 6.03 -0.94
C ARG A 57 1.12 5.31 -2.21
N ASP A 58 2.31 4.73 -2.11
CA ASP A 58 2.93 4.07 -3.26
C ASP A 58 2.22 2.78 -3.62
N ILE A 59 1.97 1.93 -2.63
CA ILE A 59 1.33 0.64 -2.87
C ILE A 59 -0.08 0.85 -3.40
N ARG A 60 -0.80 1.74 -2.74
CA ARG A 60 -2.16 2.10 -3.17
C ARG A 60 -2.14 2.64 -4.60
N ARG A 61 -1.10 3.40 -4.93
CA ARG A 61 -0.95 3.97 -6.27
C ARG A 61 -0.95 2.86 -7.31
N ARG A 62 -0.35 1.73 -6.97
CA ARG A 62 -0.28 0.58 -7.87
C ARG A 62 -1.67 0.01 -8.09
N GLY A 63 -2.45 -0.05 -7.03
CA GLY A 63 -3.77 -0.63 -7.07
C GLY A 63 -4.78 0.24 -7.80
N LYS A 64 -4.61 1.55 -7.70
CA LYS A 64 -5.54 2.48 -8.35
C LYS A 64 -5.11 2.75 -9.79
N ASN A 65 -3.83 2.47 -10.09
CA ASN A 65 -3.34 2.59 -11.45
C ASN A 65 -3.80 1.38 -12.28
N LYS A 66 -3.71 0.21 -11.67
CA LYS A 66 -4.12 -1.02 -12.32
C LYS A 66 -5.37 -1.57 -11.67
N VAL A 67 -6.53 -1.11 -12.13
CA VAL A 67 -7.79 -1.58 -11.61
C VAL A 67 -8.77 -1.86 -12.74
N ALA A 68 -8.93 -3.13 -13.05
CA ALA A 68 -9.82 -3.57 -14.10
C ALA A 68 -11.26 -3.67 -13.59
N ALA A 69 -11.51 -3.10 -12.43
CA ALA A 69 -12.85 -3.11 -11.84
C ALA A 69 -13.58 -1.82 -12.18
N GLN A 70 -12.82 -0.81 -12.59
CA GLN A 70 -13.38 0.48 -12.92
C GLN A 70 -13.73 0.52 -14.40
N ASN A 71 -14.96 0.12 -14.72
CA ASN A 71 -15.44 0.05 -16.10
C ASN A 71 -16.80 0.72 -16.21
N CYS A 72 -16.93 1.90 -15.62
CA CYS A 72 -18.22 2.58 -15.55
C CYS A 72 -18.59 3.26 -16.87
N ARG A 73 -17.58 3.48 -17.71
CA ARG A 73 -17.77 3.99 -19.08
C ARG A 73 -18.36 5.39 -19.10
N LYS A 74 -18.07 6.19 -18.08
CA LYS A 74 -18.60 7.55 -18.01
C LYS A 74 -17.70 8.52 -18.79
N ARG A 75 -17.43 8.19 -20.04
CA ARG A 75 -16.55 9.01 -20.88
C ARG A 75 -17.26 9.43 -22.16
N LYS A 76 -18.59 9.44 -22.13
CA LYS A 76 -19.36 9.83 -23.29
C LYS A 76 -19.39 11.34 -23.42
N LEU A 77 -18.39 11.89 -24.09
CA LEU A 77 -18.23 13.33 -24.23
C LEU A 77 -19.06 13.86 -25.38
N GLU A 78 -20.36 14.04 -25.13
CA GLU A 78 -21.31 14.60 -26.11
C GLU A 78 -21.63 13.60 -27.21
N ASN A 79 -22.88 13.60 -27.65
CA ASN A 79 -23.32 12.69 -28.69
C ASN A 79 -23.09 13.31 -30.07
N ILE A 80 -21.88 13.17 -30.57
CA ILE A 80 -21.53 13.70 -31.87
C ILE A 80 -21.70 12.63 -32.94
N VAL A 81 -22.62 12.84 -33.86
CA VAL A 81 -22.88 11.89 -34.92
C VAL A 81 -22.29 12.38 -36.24
N GLY A 1 14.87 -5.98 16.83
CA GLY A 1 14.75 -7.41 16.49
C GLY A 1 13.36 -7.96 16.77
N ALA A 2 13.23 -8.73 17.84
CA ALA A 2 11.95 -9.32 18.20
C ALA A 2 11.81 -9.41 19.71
N LYS A 3 10.76 -8.81 20.24
CA LYS A 3 10.50 -8.82 21.68
C LYS A 3 9.31 -9.71 21.99
N HIS A 4 9.61 -10.93 22.42
CA HIS A 4 8.59 -11.93 22.78
C HIS A 4 7.85 -12.43 21.53
N SER A 5 7.07 -11.54 20.92
CA SER A 5 6.35 -11.87 19.70
C SER A 5 6.00 -10.59 18.95
N SER A 6 6.95 -10.08 18.19
CA SER A 6 6.78 -8.83 17.47
C SER A 6 6.34 -9.11 16.03
N ARG A 7 5.17 -9.71 15.88
CA ARG A 7 4.65 -10.03 14.55
C ARG A 7 3.89 -8.83 13.99
N LEU A 8 2.82 -8.44 14.68
CA LEU A 8 2.00 -7.30 14.26
C LEU A 8 1.53 -7.46 12.81
N GLU A 9 1.11 -8.68 12.47
CA GLU A 9 0.64 -9.02 11.13
C GLU A 9 1.76 -8.86 10.09
N ALA A 10 2.49 -9.94 9.84
CA ALA A 10 3.62 -9.89 8.94
C ALA A 10 3.60 -11.05 7.96
N HIS A 11 4.00 -10.78 6.73
CA HIS A 11 4.12 -11.82 5.71
C HIS A 11 5.56 -11.94 5.27
N LEU A 12 5.93 -13.09 4.74
CA LEU A 12 7.32 -13.36 4.39
C LEU A 12 7.61 -12.94 2.95
N THR A 13 6.63 -12.36 2.28
CA THR A 13 6.82 -11.92 0.91
C THR A 13 7.73 -10.69 0.87
N ARG A 14 8.51 -10.56 -0.20
CA ARG A 14 9.54 -9.53 -0.25
C ARG A 14 8.95 -8.13 -0.02
N ASP A 15 7.82 -7.87 -0.65
CA ASP A 15 7.17 -6.56 -0.61
C ASP A 15 6.76 -6.18 0.80
N GLU A 16 6.38 -7.19 1.58
CA GLU A 16 5.80 -6.95 2.91
C GLU A 16 6.89 -6.46 3.84
N LEU A 17 8.05 -7.09 3.72
CA LEU A 17 9.20 -6.81 4.56
C LEU A 17 9.52 -5.32 4.63
N ARG A 18 9.51 -4.66 3.48
CA ARG A 18 9.85 -3.25 3.42
C ARG A 18 8.83 -2.40 4.18
N ALA A 19 7.56 -2.61 3.87
CA ALA A 19 6.50 -1.84 4.50
C ALA A 19 6.38 -2.17 5.98
N LYS A 20 6.57 -3.44 6.30
CA LYS A 20 6.49 -3.89 7.67
C LYS A 20 7.57 -3.23 8.52
N ALA A 21 8.73 -3.00 7.92
CA ALA A 21 9.82 -2.31 8.59
C ALA A 21 9.44 -0.86 8.87
N LEU A 22 8.58 -0.31 8.03
CA LEU A 22 8.08 1.05 8.19
C LEU A 22 6.90 1.09 9.16
N HIS A 23 6.85 0.13 10.06
CA HIS A 23 5.81 0.08 11.10
C HIS A 23 4.41 0.03 10.51
N ILE A 24 4.28 -0.62 9.35
CA ILE A 24 2.98 -0.78 8.73
C ILE A 24 2.40 -2.16 9.06
N PRO A 25 1.43 -2.21 10.00
CA PRO A 25 0.76 -3.47 10.36
C PRO A 25 -0.30 -3.87 9.33
N PHE A 26 -0.44 -3.05 8.29
CA PHE A 26 -1.41 -3.30 7.24
C PHE A 26 -0.71 -3.89 6.02
N PRO A 27 -0.92 -5.18 5.75
CA PRO A 27 -0.26 -5.90 4.64
C PRO A 27 -0.37 -5.16 3.30
N VAL A 28 0.77 -5.09 2.60
CA VAL A 28 0.87 -4.42 1.31
C VAL A 28 -0.17 -4.96 0.32
N GLU A 29 -0.46 -6.24 0.44
CA GLU A 29 -1.45 -6.89 -0.41
C GLU A 29 -2.80 -6.21 -0.25
N LYS A 30 -3.17 -5.94 1.00
CA LYS A 30 -4.41 -5.27 1.31
C LYS A 30 -4.36 -3.81 0.90
N ILE A 31 -3.17 -3.20 1.01
CA ILE A 31 -3.01 -1.81 0.62
C ILE A 31 -3.36 -1.61 -0.85
N ILE A 32 -2.91 -2.54 -1.67
CA ILE A 32 -3.29 -2.60 -3.07
C ILE A 32 -4.81 -2.65 -3.21
N ASN A 33 -5.47 -3.28 -2.23
CA ASN A 33 -6.88 -3.60 -2.35
C ASN A 33 -7.75 -2.53 -1.68
N LEU A 34 -7.17 -1.79 -0.75
CA LEU A 34 -7.89 -0.75 -0.01
C LEU A 34 -8.48 0.31 -0.95
N PRO A 35 -9.81 0.50 -0.87
CA PRO A 35 -10.48 1.63 -1.52
C PRO A 35 -10.11 2.95 -0.85
N VAL A 36 -10.30 4.06 -1.55
CA VAL A 36 -9.90 5.37 -1.03
C VAL A 36 -10.38 5.61 0.40
N VAL A 37 -11.64 5.32 0.66
CA VAL A 37 -12.23 5.59 1.96
C VAL A 37 -11.57 4.75 3.06
N ASP A 38 -11.23 3.51 2.73
CA ASP A 38 -10.55 2.62 3.66
C ASP A 38 -9.14 3.12 3.86
N PHE A 39 -8.59 3.68 2.80
CA PHE A 39 -7.25 4.25 2.82
C PHE A 39 -7.24 5.50 3.70
N ASN A 40 -8.32 6.27 3.61
CA ASN A 40 -8.41 7.50 4.36
C ASN A 40 -8.61 7.21 5.84
N GLU A 41 -9.27 6.10 6.13
CA GLU A 41 -9.50 5.66 7.52
C GLU A 41 -8.19 5.60 8.30
N MET A 42 -7.19 4.90 7.77
CA MET A 42 -5.89 4.80 8.44
C MET A 42 -5.14 6.12 8.41
N MET A 43 -5.28 6.84 7.30
CA MET A 43 -4.57 8.09 7.10
C MET A 43 -5.09 9.15 8.05
N SER A 44 -6.38 9.06 8.34
CA SER A 44 -7.04 10.02 9.22
C SER A 44 -6.50 9.90 10.64
N LYS A 45 -6.27 8.66 11.08
CA LYS A 45 -5.74 8.40 12.41
C LYS A 45 -4.26 8.76 12.48
N GLU A 46 -3.55 8.41 11.40
CA GLU A 46 -2.12 8.72 11.23
C GLU A 46 -1.30 8.55 12.51
N GLN A 47 -1.09 7.29 12.90
CA GLN A 47 -0.20 7.00 14.02
C GLN A 47 1.15 6.62 13.44
N PHE A 48 1.23 6.75 12.12
CA PHE A 48 2.42 6.41 11.37
C PHE A 48 3.34 7.63 11.28
N ASN A 49 4.50 7.44 10.65
CA ASN A 49 5.39 8.56 10.37
C ASN A 49 5.40 8.82 8.88
N GLU A 50 6.10 9.87 8.46
CA GLU A 50 6.08 10.30 7.06
C GLU A 50 6.58 9.18 6.14
N ALA A 51 7.72 8.61 6.51
CA ALA A 51 8.31 7.49 5.80
C ALA A 51 7.32 6.37 5.58
N GLN A 52 6.57 6.08 6.62
CA GLN A 52 5.65 4.96 6.65
C GLN A 52 4.43 5.21 5.76
N LEU A 53 4.01 6.47 5.69
CA LEU A 53 2.81 6.84 4.98
C LEU A 53 3.09 6.74 3.51
N ALA A 54 4.34 6.99 3.18
CA ALA A 54 4.78 7.12 1.83
C ALA A 54 4.46 5.84 1.06
N LEU A 55 4.63 4.71 1.72
CA LEU A 55 4.37 3.44 1.10
C LEU A 55 2.88 3.23 0.92
N ILE A 56 2.12 3.44 1.99
CA ILE A 56 0.67 3.17 1.99
C ILE A 56 -0.02 3.80 0.77
N ARG A 57 0.27 5.07 0.53
CA ARG A 57 -0.32 5.76 -0.60
C ARG A 57 0.22 5.25 -1.93
N ASP A 58 1.49 4.87 -1.94
CA ASP A 58 2.16 4.40 -3.16
C ASP A 58 1.65 3.03 -3.60
N ILE A 59 1.57 2.10 -2.65
CA ILE A 59 1.17 0.72 -2.94
C ILE A 59 -0.24 0.69 -3.53
N ARG A 60 -1.14 1.37 -2.83
CA ARG A 60 -2.54 1.47 -3.28
C ARG A 60 -2.62 1.97 -4.72
N ARG A 61 -1.94 3.09 -4.99
CA ARG A 61 -1.95 3.70 -6.32
C ARG A 61 -1.30 2.79 -7.35
N ARG A 62 -0.26 2.05 -6.92
CA ARG A 62 0.45 1.14 -7.81
C ARG A 62 -0.50 0.10 -8.38
N GLY A 63 -1.47 -0.29 -7.57
CA GLY A 63 -2.47 -1.23 -8.03
C GLY A 63 -3.65 -0.53 -8.68
N LYS A 64 -4.09 0.56 -8.08
CA LYS A 64 -5.27 1.27 -8.55
C LYS A 64 -4.91 2.60 -9.22
N ASN A 65 -5.10 2.64 -10.54
CA ASN A 65 -4.91 3.86 -11.33
C ASN A 65 -3.46 4.33 -11.31
N LYS A 66 -2.63 3.70 -12.13
CA LYS A 66 -1.25 4.10 -12.30
C LYS A 66 -0.77 3.74 -13.70
N VAL A 67 -0.83 4.72 -14.60
CA VAL A 67 -0.42 4.50 -15.98
C VAL A 67 1.09 4.27 -16.07
N ALA A 68 1.81 4.89 -15.14
CA ALA A 68 3.26 4.72 -15.00
C ALA A 68 4.05 5.36 -16.13
N ALA A 69 3.77 4.94 -17.37
CA ALA A 69 4.55 5.37 -18.52
C ALA A 69 3.92 6.56 -19.23
N GLN A 70 3.16 7.37 -18.48
CA GLN A 70 2.53 8.57 -19.02
C GLN A 70 1.56 8.21 -20.15
N ASN A 71 1.22 9.18 -21.00
CA ASN A 71 0.37 8.96 -22.16
C ASN A 71 -1.04 8.53 -21.77
N CYS A 72 -1.50 9.02 -20.64
CA CYS A 72 -2.86 8.74 -20.19
C CYS A 72 -3.82 9.71 -20.87
N ARG A 73 -4.90 9.16 -21.44
CA ARG A 73 -5.91 9.95 -22.15
C ARG A 73 -5.28 10.69 -23.32
N LYS A 74 -4.44 10.00 -24.06
CA LYS A 74 -3.75 10.60 -25.20
C LYS A 74 -3.97 9.78 -26.46
N ARG A 75 -4.32 8.51 -26.29
CA ARG A 75 -4.53 7.58 -27.40
C ARG A 75 -3.21 7.32 -28.13
N LYS A 76 -2.85 8.22 -29.04
CA LYS A 76 -1.64 8.06 -29.83
C LYS A 76 -1.21 9.40 -30.39
N LEU A 77 -0.01 9.43 -30.96
CA LEU A 77 0.47 10.62 -31.64
C LEU A 77 -0.05 10.62 -33.07
N GLU A 78 -0.47 11.80 -33.54
CA GLU A 78 -1.11 11.93 -34.84
C GLU A 78 -2.40 11.13 -34.88
N ASN A 79 -3.45 11.70 -34.31
CA ASN A 79 -4.75 11.05 -34.26
C ASN A 79 -5.49 11.25 -35.58
N ILE A 80 -4.93 12.10 -36.42
CA ILE A 80 -5.47 12.37 -37.74
C ILE A 80 -4.33 12.64 -38.71
N VAL A 81 -4.41 12.06 -39.90
CA VAL A 81 -3.38 12.23 -40.90
C VAL A 81 -3.35 13.66 -41.44
N GLY A 1 23.16 -5.73 12.00
CA GLY A 1 21.89 -6.48 12.18
C GLY A 1 21.21 -6.11 13.48
N ALA A 2 19.93 -5.75 13.39
CA ALA A 2 19.14 -5.36 14.55
C ALA A 2 19.74 -4.14 15.23
N LYS A 3 19.37 -2.96 14.75
CA LYS A 3 19.90 -1.72 15.31
C LYS A 3 18.97 -1.19 16.40
N HIS A 4 17.67 -1.28 16.17
CA HIS A 4 16.69 -0.81 17.14
C HIS A 4 15.31 -1.36 16.82
N SER A 5 14.98 -2.51 17.42
CA SER A 5 13.67 -3.12 17.29
C SER A 5 13.32 -3.43 15.83
N SER A 6 14.01 -4.42 15.26
CA SER A 6 13.73 -4.86 13.91
C SER A 6 12.38 -5.59 13.84
N ARG A 7 11.68 -5.42 12.75
CA ARG A 7 10.36 -6.03 12.61
C ARG A 7 10.39 -7.11 11.53
N LEU A 8 11.31 -8.07 11.69
CA LEU A 8 11.42 -9.18 10.75
C LEU A 8 10.35 -10.24 11.04
N GLU A 9 9.12 -9.78 11.09
CA GLU A 9 7.97 -10.63 11.37
C GLU A 9 7.58 -11.38 10.10
N ALA A 10 7.75 -10.73 8.96
CA ALA A 10 7.52 -11.34 7.65
C ALA A 10 6.12 -11.92 7.53
N HIS A 11 5.17 -11.09 7.15
CA HIS A 11 3.81 -11.54 6.89
C HIS A 11 3.83 -12.58 5.78
N LEU A 12 4.41 -12.22 4.64
CA LEU A 12 4.60 -13.17 3.55
C LEU A 12 5.87 -12.85 2.76
N THR A 13 5.86 -11.74 2.04
CA THR A 13 6.97 -11.40 1.14
C THR A 13 7.96 -10.44 1.80
N ARG A 14 9.15 -10.33 1.21
CA ARG A 14 10.21 -9.48 1.72
C ARG A 14 9.88 -8.00 1.54
N ASP A 15 9.16 -7.67 0.48
CA ASP A 15 8.69 -6.30 0.26
C ASP A 15 7.76 -5.90 1.40
N GLU A 16 7.02 -6.87 1.89
CA GLU A 16 6.05 -6.66 2.95
C GLU A 16 6.78 -6.45 4.27
N LEU A 17 7.90 -7.15 4.40
CA LEU A 17 8.83 -6.97 5.49
C LEU A 17 9.28 -5.52 5.58
N ARG A 18 9.54 -4.93 4.42
CA ARG A 18 9.92 -3.52 4.32
C ARG A 18 8.81 -2.63 4.85
N ALA A 19 7.57 -2.98 4.51
CA ALA A 19 6.42 -2.22 4.95
C ALA A 19 6.24 -2.33 6.46
N LYS A 20 6.35 -3.56 6.97
CA LYS A 20 6.18 -3.79 8.40
C LYS A 20 7.23 -3.03 9.21
N ALA A 21 8.43 -2.92 8.65
CA ALA A 21 9.51 -2.17 9.27
C ALA A 21 9.22 -0.67 9.23
N LEU A 22 8.38 -0.25 8.28
CA LEU A 22 7.92 1.12 8.20
C LEU A 22 6.62 1.28 8.97
N HIS A 23 6.44 0.47 9.99
CA HIS A 23 5.28 0.55 10.88
C HIS A 23 3.96 0.24 10.17
N ILE A 24 4.03 -0.36 8.99
CA ILE A 24 2.82 -0.68 8.23
C ILE A 24 2.28 -2.06 8.61
N PRO A 25 1.20 -2.12 9.40
CA PRO A 25 0.60 -3.38 9.81
C PRO A 25 -0.39 -3.92 8.78
N PHE A 26 -0.55 -3.18 7.69
CA PHE A 26 -1.46 -3.56 6.62
C PHE A 26 -0.68 -4.23 5.50
N PRO A 27 -1.16 -5.38 5.01
CA PRO A 27 -0.52 -6.13 3.92
C PRO A 27 -0.41 -5.30 2.64
N VAL A 28 0.73 -5.41 1.97
CA VAL A 28 1.03 -4.62 0.77
C VAL A 28 0.08 -4.97 -0.39
N GLU A 29 -0.29 -6.24 -0.48
CA GLU A 29 -1.24 -6.69 -1.48
C GLU A 29 -2.62 -6.12 -1.17
N LYS A 30 -2.90 -5.98 0.12
CA LYS A 30 -4.14 -5.41 0.58
C LYS A 30 -4.19 -3.90 0.31
N ILE A 31 -3.06 -3.23 0.39
CA ILE A 31 -3.01 -1.77 0.23
C ILE A 31 -3.54 -1.30 -1.12
N ILE A 32 -3.25 -2.07 -2.15
CA ILE A 32 -3.78 -1.78 -3.47
C ILE A 32 -5.30 -1.96 -3.47
N ASN A 33 -5.78 -2.85 -2.61
CA ASN A 33 -7.19 -3.24 -2.61
C ASN A 33 -8.00 -2.39 -1.62
N LEU A 34 -7.30 -1.81 -0.65
CA LEU A 34 -7.88 -0.87 0.31
C LEU A 34 -8.79 0.15 -0.38
N PRO A 35 -10.07 0.21 0.01
CA PRO A 35 -11.00 1.25 -0.45
C PRO A 35 -10.69 2.60 0.20
N VAL A 36 -11.12 3.69 -0.42
CA VAL A 36 -10.78 5.05 0.05
C VAL A 36 -11.01 5.24 1.55
N VAL A 37 -12.20 4.92 2.03
CA VAL A 37 -12.58 5.22 3.42
C VAL A 37 -11.71 4.45 4.41
N ASP A 38 -11.46 3.18 4.10
CA ASP A 38 -10.60 2.35 4.91
C ASP A 38 -9.18 2.82 4.75
N PHE A 39 -8.90 3.35 3.56
CA PHE A 39 -7.58 3.89 3.26
C PHE A 39 -7.37 5.16 4.06
N ASN A 40 -8.45 5.91 4.26
CA ASN A 40 -8.38 7.16 5.02
C ASN A 40 -8.14 6.85 6.48
N GLU A 41 -8.68 5.71 6.92
CA GLU A 41 -8.54 5.26 8.30
C GLU A 41 -7.07 5.20 8.71
N MET A 42 -6.21 4.80 7.78
CA MET A 42 -4.78 4.68 8.05
C MET A 42 -4.19 6.04 8.42
N MET A 43 -4.49 7.04 7.60
CA MET A 43 -4.02 8.39 7.84
C MET A 43 -4.71 8.96 9.07
N SER A 44 -5.95 8.56 9.26
CA SER A 44 -6.75 9.04 10.38
C SER A 44 -6.18 8.54 11.71
N LYS A 45 -5.73 7.29 11.73
CA LYS A 45 -5.06 6.74 12.91
C LYS A 45 -3.78 7.50 13.20
N GLU A 46 -3.16 8.02 12.14
CA GLU A 46 -1.98 8.89 12.26
C GLU A 46 -0.95 8.27 13.21
N GLN A 47 -0.61 7.02 12.95
CA GLN A 47 0.39 6.31 13.72
C GLN A 47 1.64 6.18 12.89
N PHE A 48 1.64 6.91 11.79
CA PHE A 48 2.67 6.78 10.78
C PHE A 48 3.44 8.07 10.61
N ASN A 49 4.75 7.93 10.41
CA ASN A 49 5.57 9.04 10.01
C ASN A 49 5.50 9.20 8.49
N GLU A 50 6.32 10.08 7.95
CA GLU A 50 6.26 10.37 6.53
C GLU A 50 6.67 9.16 5.70
N ALA A 51 7.73 8.49 6.14
CA ALA A 51 8.25 7.30 5.47
C ALA A 51 7.19 6.23 5.32
N GLN A 52 6.42 6.04 6.39
CA GLN A 52 5.43 5.00 6.45
C GLN A 52 4.26 5.31 5.53
N LEU A 53 3.77 6.54 5.61
CA LEU A 53 2.63 6.97 4.82
C LEU A 53 3.01 6.95 3.35
N ALA A 54 4.28 7.23 3.10
CA ALA A 54 4.79 7.27 1.76
C ALA A 54 4.70 5.90 1.10
N LEU A 55 4.88 4.86 1.89
CA LEU A 55 4.75 3.51 1.39
C LEU A 55 3.30 3.20 1.07
N ILE A 56 2.42 3.46 2.04
CA ILE A 56 1.00 3.14 1.91
C ILE A 56 0.43 3.71 0.61
N ARG A 57 0.66 4.99 0.38
CA ARG A 57 0.17 5.65 -0.83
C ARG A 57 0.85 5.06 -2.07
N ASP A 58 2.12 4.71 -1.94
CA ASP A 58 2.90 4.22 -3.07
C ASP A 58 2.44 2.82 -3.50
N ILE A 59 2.22 1.93 -2.55
CA ILE A 59 1.77 0.58 -2.88
C ILE A 59 0.44 0.67 -3.60
N ARG A 60 -0.45 1.45 -3.01
CA ARG A 60 -1.77 1.70 -3.58
C ARG A 60 -1.69 2.15 -5.05
N ARG A 61 -0.93 3.21 -5.32
CA ARG A 61 -0.87 3.75 -6.67
C ARG A 61 -0.10 2.85 -7.66
N ARG A 62 0.93 2.17 -7.19
CA ARG A 62 1.73 1.33 -8.07
C ARG A 62 0.94 0.09 -8.49
N GLY A 63 0.10 -0.40 -7.59
CA GLY A 63 -0.67 -1.59 -7.85
C GLY A 63 -1.93 -1.32 -8.66
N LYS A 64 -2.06 -0.11 -9.17
CA LYS A 64 -3.21 0.26 -9.98
C LYS A 64 -3.06 -0.22 -11.42
N ASN A 65 -1.82 -0.50 -11.81
CA ASN A 65 -1.54 -0.96 -13.16
C ASN A 65 -0.44 -2.01 -13.12
N LYS A 66 -0.37 -2.84 -14.16
CA LYS A 66 0.62 -3.90 -14.23
C LYS A 66 2.02 -3.32 -14.49
N VAL A 67 2.09 -2.19 -15.18
CA VAL A 67 3.37 -1.56 -15.47
C VAL A 67 3.36 -0.07 -15.14
N ALA A 68 2.35 0.63 -15.66
CA ALA A 68 2.21 2.07 -15.46
C ALA A 68 0.97 2.57 -16.21
N ALA A 69 1.04 2.54 -17.53
CA ALA A 69 -0.07 2.98 -18.37
C ALA A 69 0.14 2.48 -19.80
N GLN A 70 -0.65 1.49 -20.20
CA GLN A 70 -0.54 0.93 -21.54
C GLN A 70 -1.93 0.79 -22.17
N ASN A 71 -2.58 -0.35 -21.92
CA ASN A 71 -3.87 -0.68 -22.50
C ASN A 71 -3.82 -0.55 -24.04
N CYS A 72 -4.96 -0.36 -24.68
CA CYS A 72 -4.99 -0.21 -26.12
C CYS A 72 -4.69 1.24 -26.49
N ARG A 73 -3.89 1.44 -27.53
CA ARG A 73 -3.50 2.78 -27.96
C ARG A 73 -3.47 2.89 -29.48
N LYS A 74 -4.48 2.33 -30.12
CA LYS A 74 -4.58 2.42 -31.58
C LYS A 74 -4.97 3.83 -31.99
N ARG A 75 -4.39 4.31 -33.08
CA ARG A 75 -4.65 5.67 -33.53
C ARG A 75 -5.07 5.68 -34.99
N LYS A 76 -5.60 6.81 -35.45
CA LYS A 76 -6.03 6.95 -36.82
C LYS A 76 -5.57 8.30 -37.35
N LEU A 77 -4.26 8.49 -37.38
CA LEU A 77 -3.68 9.75 -37.80
C LEU A 77 -3.05 9.63 -39.16
N GLU A 78 -2.97 10.73 -39.89
CA GLU A 78 -2.39 10.74 -41.22
C GLU A 78 -0.99 11.33 -41.18
N ASN A 79 -0.02 10.54 -41.63
CA ASN A 79 1.38 10.96 -41.61
C ASN A 79 1.69 11.85 -42.80
N ILE A 80 1.12 13.04 -42.81
CA ILE A 80 1.38 14.02 -43.86
C ILE A 80 2.75 14.66 -43.64
N VAL A 81 3.71 14.27 -44.45
CA VAL A 81 5.06 14.81 -44.35
C VAL A 81 5.38 15.69 -45.55
#